data_7O1F
#
_entry.id   7O1F
#
_cell.length_a   71.891
_cell.length_b   84.711
_cell.length_c   84.890
_cell.angle_alpha   60.940
_cell.angle_beta   89.600
_cell.angle_gamma   81.220
#
_symmetry.space_group_name_H-M   'P 1'
#
loop_
_entity.id
_entity.type
_entity.pdbx_description
1 polymer 'Proliferating cell nuclear antigen'
2 polymer 'Peptide fragment from PolD4'
3 non-polymer 'SODIUM ION'
4 water water
#
loop_
_entity_poly.entity_id
_entity_poly.type
_entity_poly.pdbx_seq_one_letter_code
_entity_poly.pdbx_strand_id
1 'polypeptide(L)'
;AMALEARLEQASILKKVVDAIKDLVQDCNFDCNDSGIALQAMDNSHVALVSMMLKAEGFSPYRCDRNIALGVNLTSLTKV
LRAAQNEDILTLKAEDAPDVLNLVFESSETDRISEYDLKLMDIDQEHLGIPETEYAATITMPSNEFKRITTDLMAMSESV
TIEANKDGVKFSCQGDIGNGSVTLRQHTNVEKPNESIEIELSEPVSLTFSLKYLVNFCKASALSNTVKICLSNEVPLLVE
YSLGGSSYLRFYLAPKIGDDE
;
A,B,C,D,E,F
2 'polypeptide(L)' KHQSTLNFKHRVTKP J,K,M,O
#
# COMPACT_ATOMS: atom_id res chain seq x y z
N ALA A 3 -29.88 34.66 -1.06
CA ALA A 3 -29.59 34.73 -2.53
C ALA A 3 -29.04 33.38 -3.01
N LEU A 4 -27.98 32.86 -2.39
CA LEU A 4 -27.25 31.67 -2.87
C LEU A 4 -27.30 30.56 -1.83
N GLU A 5 -27.60 29.33 -2.26
CA GLU A 5 -27.48 28.10 -1.44
C GLU A 5 -27.04 26.96 -2.37
N ALA A 6 -25.76 26.60 -2.32
CA ALA A 6 -25.09 25.71 -3.30
C ALA A 6 -24.39 24.57 -2.55
N ARG A 7 -24.85 23.33 -2.75
CA ARG A 7 -24.32 22.12 -2.06
C ARG A 7 -23.52 21.31 -3.07
N LEU A 8 -22.24 21.06 -2.78
CA LEU A 8 -21.39 20.08 -3.50
C LEU A 8 -21.35 18.79 -2.68
N GLU A 9 -21.51 17.64 -3.33
CA GLU A 9 -21.40 16.31 -2.67
C GLU A 9 -19.99 16.16 -2.10
N GLN A 10 -18.96 16.73 -2.74
CA GLN A 10 -17.54 16.64 -2.25
C GLN A 10 -16.84 18.00 -2.35
N ALA A 11 -16.27 18.46 -1.22
CA ALA A 11 -15.46 19.69 -1.07
C ALA A 11 -14.23 19.65 -2.00
N SER A 12 -13.63 18.47 -2.14
CA SER A 12 -12.50 18.15 -3.06
C SER A 12 -12.45 19.13 -4.23
N ILE A 13 -13.53 19.24 -5.01
CA ILE A 13 -13.52 20.00 -6.31
C ILE A 13 -13.10 21.45 -6.02
N LEU A 14 -13.70 22.05 -4.98
CA LEU A 14 -13.51 23.48 -4.69
C LEU A 14 -12.10 23.70 -4.15
N LYS A 15 -11.59 22.75 -3.37
CA LYS A 15 -10.22 22.80 -2.78
C LYS A 15 -9.18 22.78 -3.90
N LYS A 16 -9.35 21.89 -4.88
CA LYS A 16 -8.40 21.72 -6.02
C LYS A 16 -8.45 22.96 -6.91
N VAL A 17 -9.63 23.44 -7.29
CA VAL A 17 -9.81 24.68 -8.10
C VAL A 17 -9.04 25.84 -7.45
N VAL A 18 -9.26 26.10 -6.16
CA VAL A 18 -8.61 27.26 -5.47
C VAL A 18 -7.11 27.00 -5.41
N ASP A 19 -6.69 25.77 -5.12
CA ASP A 19 -5.24 25.43 -5.03
C ASP A 19 -4.61 25.68 -6.40
N ALA A 20 -5.31 25.35 -7.49
CA ALA A 20 -4.86 25.49 -8.89
C ALA A 20 -4.73 26.97 -9.29
N ILE A 21 -5.50 27.87 -8.68
CA ILE A 21 -5.69 29.28 -9.15
C ILE A 21 -4.91 30.25 -8.26
N LYS A 22 -4.67 29.92 -6.99
CA LYS A 22 -4.31 30.91 -5.94
C LYS A 22 -2.91 31.51 -6.17
N ASP A 23 -2.01 30.83 -6.86
CA ASP A 23 -0.64 31.37 -7.13
C ASP A 23 -0.67 32.31 -8.36
N LEU A 24 -1.65 32.19 -9.25
CA LEU A 24 -1.80 33.10 -10.42
C LEU A 24 -2.51 34.40 -10.02
N VAL A 25 -3.47 34.30 -9.12
CA VAL A 25 -4.53 35.32 -8.85
C VAL A 25 -4.75 35.35 -7.33
N GLN A 26 -4.63 36.52 -6.70
CA GLN A 26 -4.75 36.71 -5.24
C GLN A 26 -6.23 37.00 -4.93
N ASP A 27 -6.73 38.17 -5.36
CA ASP A 27 -8.12 38.64 -5.21
C ASP A 27 -8.87 38.21 -6.46
N CYS A 28 -10.17 37.92 -6.36
CA CYS A 28 -11.07 37.72 -7.52
C CYS A 28 -12.53 37.52 -7.09
N ASN A 29 -13.44 37.66 -8.05
CA ASN A 29 -14.91 37.53 -7.85
C ASN A 29 -15.33 36.13 -8.32
N PHE A 30 -16.09 35.41 -7.49
CA PHE A 30 -16.91 34.25 -7.92
C PHE A 30 -18.27 34.81 -8.30
N ASP A 31 -18.67 34.62 -9.55
CA ASP A 31 -19.94 35.16 -10.11
C ASP A 31 -20.98 34.04 -10.05
N CYS A 32 -22.05 34.26 -9.30
CA CYS A 32 -23.14 33.28 -9.05
C CYS A 32 -24.40 33.74 -9.77
N ASN A 33 -24.95 32.88 -10.62
CA ASN A 33 -26.25 33.13 -11.28
C ASN A 33 -26.96 31.79 -11.40
N ASP A 34 -28.05 31.70 -12.16
CA ASP A 34 -28.88 30.46 -12.27
C ASP A 34 -28.10 29.40 -13.07
N SER A 35 -27.06 29.77 -13.81
CA SER A 35 -26.24 28.80 -14.58
C SER A 35 -25.18 28.15 -13.68
N GLY A 36 -24.94 28.73 -12.52
CA GLY A 36 -23.93 28.23 -11.57
C GLY A 36 -22.88 29.29 -11.24
N ILE A 37 -21.66 28.87 -10.96
CA ILE A 37 -20.61 29.73 -10.35
C ILE A 37 -19.48 29.85 -11.36
N ALA A 38 -19.15 31.08 -11.75
CA ALA A 38 -18.10 31.39 -12.73
C ALA A 38 -17.00 32.23 -12.07
N LEU A 39 -15.80 32.14 -12.63
CA LEU A 39 -14.64 32.98 -12.23
C LEU A 39 -13.95 33.40 -13.53
N GLN A 40 -13.71 34.69 -13.70
CA GLN A 40 -12.85 35.23 -14.80
C GLN A 40 -11.91 36.25 -14.18
N ALA A 41 -10.62 35.89 -14.05
CA ALA A 41 -9.59 36.75 -13.44
C ALA A 41 -8.27 36.69 -14.24
N MET A 42 -7.73 37.85 -14.57
CA MET A 42 -6.36 38.03 -15.13
C MET A 42 -5.34 38.07 -14.01
N ASP A 43 -4.13 37.58 -14.23
CA ASP A 43 -2.99 37.83 -13.31
C ASP A 43 -2.60 39.31 -13.41
N ASN A 44 -1.77 39.82 -12.49
CA ASN A 44 -1.44 41.28 -12.42
C ASN A 44 -0.79 41.74 -13.73
N SER A 45 -0.04 40.90 -14.42
CA SER A 45 0.69 41.24 -15.67
C SER A 45 -0.24 41.28 -16.88
N HIS A 46 -1.49 40.84 -16.74
CA HIS A 46 -2.42 40.67 -17.89
C HIS A 46 -1.80 39.75 -18.94
N VAL A 47 -1.13 38.68 -18.50
CA VAL A 47 -0.45 37.70 -19.37
C VAL A 47 -1.27 36.40 -19.36
N ALA A 48 -1.94 36.15 -18.25
CA ALA A 48 -2.71 34.90 -18.02
C ALA A 48 -4.12 35.27 -17.57
N LEU A 49 -5.10 34.53 -18.10
CA LEU A 49 -6.54 34.69 -17.76
C LEU A 49 -7.05 33.32 -17.31
N VAL A 50 -7.62 33.28 -16.12
CA VAL A 50 -8.34 32.08 -15.58
C VAL A 50 -9.84 32.28 -15.82
N SER A 51 -10.48 31.28 -16.43
CA SER A 51 -11.93 31.23 -16.77
C SER A 51 -12.49 29.87 -16.29
N MET A 52 -13.25 29.90 -15.19
CA MET A 52 -13.85 28.70 -14.56
C MET A 52 -15.36 28.81 -14.63
N MET A 53 -16.04 27.71 -14.91
CA MET A 53 -17.51 27.60 -14.75
C MET A 53 -17.85 26.25 -14.11
N LEU A 54 -18.33 26.29 -12.86
CA LEU A 54 -19.03 25.16 -12.18
C LEU A 54 -20.53 25.31 -12.46
N LYS A 55 -21.04 24.54 -13.40
CA LYS A 55 -22.47 24.56 -13.80
C LYS A 55 -23.35 24.07 -12.65
N ALA A 56 -24.53 24.65 -12.52
CA ALA A 56 -25.60 24.29 -11.54
C ALA A 56 -25.79 22.78 -11.46
N GLU A 57 -25.76 22.04 -12.59
CA GLU A 57 -25.95 20.57 -12.65
C GLU A 57 -24.96 19.87 -11.70
N GLY A 58 -23.81 20.48 -11.45
CA GLY A 58 -22.71 19.87 -10.69
C GLY A 58 -22.97 19.90 -9.20
N PHE A 59 -23.96 20.66 -8.76
CA PHE A 59 -24.38 20.78 -7.33
C PHE A 59 -25.60 19.91 -7.13
N SER A 60 -26.08 19.83 -5.88
CA SER A 60 -27.22 18.96 -5.44
C SER A 60 -27.68 19.40 -4.06
N PRO A 61 -28.53 20.44 -3.94
CA PRO A 61 -28.94 21.27 -5.07
C PRO A 61 -28.14 22.57 -5.23
N TYR A 62 -28.44 23.29 -6.32
CA TYR A 62 -27.99 24.67 -6.57
C TYR A 62 -29.22 25.59 -6.54
N ARG A 63 -29.21 26.60 -5.68
CA ARG A 63 -30.27 27.65 -5.59
C ARG A 63 -29.62 29.04 -5.68
N CYS A 64 -29.85 29.77 -6.77
CA CYS A 64 -29.57 31.23 -6.89
C CYS A 64 -30.89 31.96 -7.10
N ASP A 65 -31.23 32.87 -6.18
CA ASP A 65 -32.45 33.70 -6.27
C ASP A 65 -32.06 35.07 -6.83
N ARG A 66 -30.78 35.44 -6.72
CA ARG A 66 -30.26 36.78 -7.14
C ARG A 66 -28.80 36.60 -7.60
N ASN A 67 -28.45 37.16 -8.76
CA ASN A 67 -27.06 37.30 -9.25
C ASN A 67 -26.22 38.01 -8.17
N ILE A 68 -25.11 37.40 -7.75
CA ILE A 68 -24.17 37.97 -6.75
C ILE A 68 -22.73 37.68 -7.17
N ALA A 69 -21.82 38.59 -6.81
CA ALA A 69 -20.35 38.43 -6.87
C ALA A 69 -19.86 38.20 -5.44
N LEU A 70 -19.03 37.17 -5.24
CA LEU A 70 -18.32 36.95 -3.96
C LEU A 70 -16.88 37.40 -4.17
N GLY A 71 -16.51 38.56 -3.65
CA GLY A 71 -15.15 39.10 -3.71
C GLY A 71 -14.29 38.49 -2.62
N VAL A 72 -13.36 37.64 -3.00
CA VAL A 72 -12.60 36.76 -2.08
C VAL A 72 -11.11 36.96 -2.32
N ASN A 73 -10.33 36.99 -1.25
CA ASN A 73 -8.87 36.77 -1.27
C ASN A 73 -8.64 35.26 -1.26
N LEU A 74 -7.93 34.72 -2.25
CA LEU A 74 -7.80 33.26 -2.42
C LEU A 74 -6.88 32.65 -1.35
N THR A 75 -5.98 33.41 -0.74
CA THR A 75 -5.19 32.93 0.42
C THR A 75 -6.12 32.70 1.62
N SER A 76 -7.00 33.66 1.92
CA SER A 76 -8.04 33.56 2.96
C SER A 76 -8.92 32.35 2.68
N LEU A 77 -9.39 32.22 1.44
CA LEU A 77 -10.32 31.13 1.05
C LEU A 77 -9.61 29.79 1.21
N THR A 78 -8.32 29.71 0.85
CA THR A 78 -7.47 28.48 0.95
C THR A 78 -7.38 28.04 2.42
N LYS A 79 -7.09 28.98 3.31
CA LYS A 79 -6.97 28.74 4.77
C LYS A 79 -8.26 28.11 5.29
N VAL A 80 -9.42 28.53 4.76
CA VAL A 80 -10.75 27.99 5.15
C VAL A 80 -10.97 26.62 4.50
N LEU A 81 -10.65 26.47 3.22
CA LEU A 81 -10.87 25.21 2.45
C LEU A 81 -9.94 24.10 2.96
N ARG A 82 -8.77 24.44 3.51
CA ARG A 82 -7.86 23.46 4.16
C ARG A 82 -8.57 22.74 5.31
N ALA A 83 -9.52 23.41 5.96
CA ALA A 83 -10.29 22.85 7.09
C ALA A 83 -11.41 21.94 6.56
N ALA A 84 -11.51 21.72 5.25
CA ALA A 84 -12.46 20.75 4.66
C ALA A 84 -11.68 19.51 4.21
N GLN A 85 -12.16 18.34 4.63
CA GLN A 85 -11.72 17.02 4.07
C GLN A 85 -12.23 16.94 2.62
N ASN A 86 -11.45 16.32 1.74
CA ASN A 86 -11.83 16.03 0.33
C ASN A 86 -13.28 15.52 0.27
N GLU A 87 -13.66 14.60 1.16
CA GLU A 87 -14.95 13.86 1.04
C GLU A 87 -16.01 14.48 1.97
N ASP A 88 -15.81 15.73 2.42
CA ASP A 88 -16.83 16.50 3.16
C ASP A 88 -17.90 17.02 2.20
N ILE A 89 -19.15 17.09 2.65
CA ILE A 89 -20.24 17.78 1.91
C ILE A 89 -20.10 19.29 2.21
N LEU A 90 -19.96 20.10 1.16
CA LEU A 90 -19.68 21.55 1.23
C LEU A 90 -20.92 22.32 0.82
N THR A 91 -21.38 23.27 1.65
CA THR A 91 -22.50 24.19 1.32
C THR A 91 -21.98 25.64 1.36
N LEU A 92 -22.23 26.39 0.28
CA LEU A 92 -21.97 27.85 0.17
C LEU A 92 -23.31 28.57 0.36
N LYS A 93 -23.35 29.59 1.22
CA LYS A 93 -24.57 30.41 1.47
C LYS A 93 -24.18 31.89 1.57
N ALA A 94 -24.98 32.78 0.97
CA ALA A 94 -24.78 34.24 1.00
C ALA A 94 -26.12 34.97 0.78
N GLU A 95 -26.31 36.13 1.40
CA GLU A 95 -27.51 37.02 1.25
C GLU A 95 -27.35 37.95 0.04
N PRO A 98 -23.78 40.86 -0.40
CA PRO A 98 -23.31 40.14 0.81
C PRO A 98 -21.91 40.52 1.30
N ASP A 99 -21.77 40.71 2.62
CA ASP A 99 -20.52 41.07 3.33
C ASP A 99 -19.69 39.83 3.65
N VAL A 100 -20.36 38.68 3.69
CA VAL A 100 -19.84 37.38 4.21
C VAL A 100 -20.31 36.25 3.31
N LEU A 101 -19.40 35.32 3.04
CA LEU A 101 -19.68 34.00 2.45
C LEU A 101 -19.68 32.98 3.60
N ASN A 102 -20.83 32.35 3.85
CA ASN A 102 -20.97 31.24 4.82
C ASN A 102 -20.56 29.92 4.11
N LEU A 103 -19.56 29.19 4.65
CA LEU A 103 -19.20 27.82 4.22
C LEU A 103 -19.52 26.84 5.35
N VAL A 104 -20.28 25.77 5.04
CA VAL A 104 -20.53 24.61 5.94
C VAL A 104 -19.82 23.39 5.36
N PHE A 105 -19.02 22.70 6.17
CA PHE A 105 -18.38 21.40 5.82
C PHE A 105 -18.94 20.30 6.74
N GLU A 106 -19.64 19.33 6.16
CA GLU A 106 -20.19 18.15 6.88
C GLU A 106 -19.39 16.89 6.51
N SER A 107 -18.87 16.19 7.52
CA SER A 107 -18.16 14.87 7.43
C SER A 107 -19.00 13.90 6.59
N SER A 108 -18.35 13.09 5.75
CA SER A 108 -18.92 11.87 5.13
C SER A 108 -18.92 10.72 6.14
N GLU A 109 -18.06 10.79 7.18
CA GLU A 109 -17.89 9.76 8.23
C GLU A 109 -18.73 10.12 9.47
N THR A 110 -18.30 11.07 10.32
CA THR A 110 -18.97 11.42 11.62
C THR A 110 -20.16 12.37 11.37
N ASP A 111 -20.71 12.98 12.44
CA ASP A 111 -21.81 13.99 12.39
C ASP A 111 -21.23 15.39 12.57
N ARG A 112 -19.89 15.50 12.58
CA ARG A 112 -19.08 16.75 12.63
C ARG A 112 -19.54 17.75 11.56
N ILE A 113 -19.74 19.00 11.99
CA ILE A 113 -20.08 20.18 11.12
C ILE A 113 -19.02 21.25 11.36
N SER A 114 -18.31 21.65 10.30
CA SER A 114 -17.44 22.85 10.24
C SER A 114 -18.24 24.01 9.64
N GLU A 115 -18.20 25.18 10.29
CA GLU A 115 -18.89 26.42 9.82
C GLU A 115 -17.88 27.57 9.75
N TYR A 116 -17.72 28.18 8.58
CA TYR A 116 -16.88 29.39 8.37
C TYR A 116 -17.74 30.54 7.82
N ASP A 117 -17.51 31.73 8.35
CA ASP A 117 -17.97 33.03 7.78
C ASP A 117 -16.74 33.79 7.30
N LEU A 118 -16.54 33.83 6.00
CA LEU A 118 -15.39 34.49 5.34
C LEU A 118 -15.76 35.93 4.99
N LYS A 119 -15.07 36.92 5.56
CA LYS A 119 -15.21 38.36 5.19
C LYS A 119 -14.96 38.51 3.70
N LEU A 120 -15.92 39.04 2.96
CA LEU A 120 -15.78 39.37 1.50
C LEU A 120 -15.23 40.80 1.35
N MET A 121 -14.65 41.10 0.18
CA MET A 121 -14.18 42.44 -0.21
C MET A 121 -14.91 42.88 -1.49
N ASP A 122 -15.12 44.19 -1.66
CA ASP A 122 -15.57 44.79 -2.94
C ASP A 122 -14.37 44.66 -3.89
N ILE A 123 -14.57 43.99 -5.04
CA ILE A 123 -13.54 43.80 -6.11
C ILE A 123 -14.20 44.16 -7.44
N ASP A 124 -13.65 45.15 -8.15
CA ASP A 124 -14.12 45.58 -9.49
C ASP A 124 -13.79 44.46 -10.49
N GLN A 125 -14.80 43.89 -11.15
CA GLN A 125 -14.65 42.79 -12.14
C GLN A 125 -13.93 43.34 -13.38
N GLU A 126 -12.92 42.63 -13.90
CA GLU A 126 -12.17 43.03 -15.11
C GLU A 126 -12.64 42.18 -16.30
N HIS A 127 -13.85 41.60 -16.27
CA HIS A 127 -14.35 40.58 -17.24
C HIS A 127 -14.13 41.05 -18.68
N LEU A 128 -13.53 40.21 -19.52
CA LEU A 128 -13.53 40.40 -20.99
C LEU A 128 -14.17 39.17 -21.63
N GLY A 129 -14.89 39.39 -22.74
CA GLY A 129 -15.58 38.36 -23.54
C GLY A 129 -14.61 37.69 -24.50
N ILE A 130 -14.59 36.35 -24.47
CA ILE A 130 -13.66 35.52 -25.27
C ILE A 130 -14.46 34.96 -26.44
N PRO A 131 -14.06 35.24 -27.71
CA PRO A 131 -14.80 34.70 -28.85
C PRO A 131 -14.63 33.18 -28.93
N GLU A 132 -15.68 32.48 -29.38
CA GLU A 132 -15.61 31.09 -29.89
C GLU A 132 -14.56 31.10 -31.03
N THR A 133 -13.45 30.39 -30.81
CA THR A 133 -12.22 30.41 -31.65
C THR A 133 -12.00 29.04 -32.30
N GLU A 134 -11.83 29.03 -33.63
CA GLU A 134 -11.39 27.84 -34.40
C GLU A 134 -9.86 27.82 -34.36
N TYR A 135 -9.29 27.09 -33.40
CA TYR A 135 -7.82 26.94 -33.20
C TYR A 135 -7.22 26.24 -34.43
N ALA A 136 -5.93 26.46 -34.67
CA ALA A 136 -5.16 25.79 -35.74
C ALA A 136 -4.92 24.31 -35.34
N ALA A 137 -4.58 24.06 -34.07
CA ALA A 137 -4.27 22.71 -33.53
C ALA A 137 -4.84 22.57 -32.12
N THR A 138 -5.39 21.41 -31.78
CA THR A 138 -5.65 21.00 -30.39
C THR A 138 -4.94 19.68 -30.11
N ILE A 139 -4.28 19.57 -28.96
CA ILE A 139 -3.65 18.33 -28.44
C ILE A 139 -4.40 17.95 -27.17
N THR A 140 -5.05 16.78 -27.15
CA THR A 140 -5.51 16.13 -25.89
C THR A 140 -4.42 15.16 -25.43
N MET A 141 -4.05 15.23 -24.15
CA MET A 141 -2.99 14.37 -23.54
C MET A 141 -3.25 14.24 -22.04
N PRO A 142 -2.65 13.24 -21.37
CA PRO A 142 -2.75 13.09 -19.93
C PRO A 142 -2.21 14.33 -19.22
N SER A 143 -2.92 14.78 -18.19
CA SER A 143 -2.59 15.99 -17.39
C SER A 143 -1.19 15.88 -16.83
N ASN A 144 -0.85 14.70 -16.31
CA ASN A 144 0.43 14.38 -15.63
C ASN A 144 1.56 14.42 -16.66
N GLU A 145 1.29 14.08 -17.91
CA GLU A 145 2.31 14.19 -18.98
C GLU A 145 2.64 15.68 -19.15
N PHE A 146 1.63 16.53 -19.24
CA PHE A 146 1.84 18.00 -19.39
C PHE A 146 2.57 18.56 -18.17
N LYS A 147 2.24 18.11 -16.96
CA LYS A 147 2.92 18.54 -15.71
C LYS A 147 4.39 18.12 -15.75
N ARG A 148 4.66 16.87 -16.08
CA ARG A 148 6.02 16.30 -16.16
C ARG A 148 6.86 17.15 -17.13
N ILE A 149 6.37 17.39 -18.34
CA ILE A 149 7.10 18.10 -19.41
C ILE A 149 7.40 19.55 -18.98
N THR A 150 6.41 20.31 -18.50
CA THR A 150 6.59 21.74 -18.14
C THR A 150 7.57 21.88 -16.96
N THR A 151 7.41 21.05 -15.93
CA THR A 151 8.31 21.01 -14.74
C THR A 151 9.74 20.65 -15.16
N ASP A 152 9.90 19.63 -16.01
CA ASP A 152 11.23 19.13 -16.44
C ASP A 152 11.93 20.25 -17.22
N LEU A 153 11.28 20.83 -18.24
CA LEU A 153 11.91 21.86 -19.11
C LEU A 153 12.17 23.16 -18.32
N MET A 154 11.35 23.46 -17.32
CA MET A 154 11.54 24.69 -16.49
C MET A 154 12.89 24.64 -15.75
N ALA A 155 13.45 23.45 -15.50
CA ALA A 155 14.74 23.27 -14.80
C ALA A 155 15.86 23.91 -15.62
N MET A 156 15.68 24.03 -16.94
CA MET A 156 16.77 24.39 -17.88
C MET A 156 16.38 25.53 -18.81
N SER A 157 15.17 26.10 -18.69
CA SER A 157 14.71 27.21 -19.57
C SER A 157 13.49 27.91 -18.96
N GLU A 158 13.34 29.19 -19.28
CA GLU A 158 12.19 30.05 -18.88
C GLU A 158 11.07 29.91 -19.92
N SER A 159 11.39 29.41 -21.11
CA SER A 159 10.50 29.38 -22.30
C SER A 159 10.44 27.98 -22.91
N VAL A 160 9.27 27.63 -23.43
CA VAL A 160 9.03 26.42 -24.24
C VAL A 160 8.36 26.82 -25.56
N THR A 161 8.81 26.26 -26.67
CA THR A 161 8.10 26.32 -27.96
C THR A 161 7.24 25.07 -28.09
N ILE A 162 5.99 25.28 -28.48
CA ILE A 162 5.01 24.19 -28.76
C ILE A 162 4.77 24.18 -30.26
N GLU A 163 5.22 23.10 -30.92
CA GLU A 163 5.02 22.79 -32.35
C GLU A 163 4.02 21.63 -32.46
N ALA A 164 2.99 21.78 -33.31
CA ALA A 164 2.00 20.75 -33.67
C ALA A 164 1.96 20.50 -35.18
N ASN A 165 1.81 19.24 -35.60
CA ASN A 165 1.51 18.80 -36.99
C ASN A 165 0.66 17.53 -36.92
N LYS A 166 0.29 16.89 -38.05
CA LYS A 166 -0.59 15.70 -38.09
C LYS A 166 0.03 14.58 -37.23
N ASP A 167 1.35 14.42 -37.30
CA ASP A 167 2.12 13.28 -36.71
C ASP A 167 2.12 13.36 -35.16
N GLY A 168 2.40 14.56 -34.62
CA GLY A 168 2.59 14.72 -33.16
C GLY A 168 2.79 16.17 -32.72
N VAL A 169 3.22 16.36 -31.46
CA VAL A 169 3.52 17.67 -30.85
C VAL A 169 4.92 17.61 -30.22
N LYS A 170 5.71 18.67 -30.41
CA LYS A 170 7.07 18.80 -29.83
C LYS A 170 7.10 20.03 -28.91
N PHE A 171 7.53 19.82 -27.66
CA PHE A 171 7.90 20.86 -26.68
C PHE A 171 9.44 20.94 -26.66
N SER A 172 9.98 22.11 -26.91
CA SER A 172 11.45 22.30 -27.00
C SER A 172 11.82 23.62 -26.35
N CYS A 173 13.05 23.73 -25.91
CA CYS A 173 13.56 24.88 -25.16
C CYS A 173 15.06 24.95 -25.41
N GLN A 174 15.69 26.09 -25.13
CA GLN A 174 17.16 26.13 -25.04
C GLN A 174 17.53 27.02 -23.87
N GLY A 175 18.69 26.77 -23.28
CA GLY A 175 19.14 27.44 -22.04
C GLY A 175 20.65 27.45 -22.00
N ASP A 176 21.21 27.87 -20.87
CA ASP A 176 22.67 27.96 -20.62
C ASP A 176 23.31 26.57 -20.79
N ILE A 177 22.64 25.51 -20.33
CA ILE A 177 23.19 24.12 -20.31
C ILE A 177 23.06 23.43 -21.67
N GLY A 178 22.20 23.90 -22.59
CA GLY A 178 22.03 23.35 -23.95
C GLY A 178 20.57 23.33 -24.38
N ASN A 179 20.17 22.38 -25.25
CA ASN A 179 18.78 22.26 -25.76
C ASN A 179 18.06 21.03 -25.18
N GLY A 180 16.74 21.14 -25.06
CA GLY A 180 15.83 20.05 -24.69
C GLY A 180 14.62 20.02 -25.60
N SER A 181 14.10 18.85 -25.94
CA SER A 181 12.77 18.68 -26.58
C SER A 181 12.08 17.41 -26.07
N VAL A 182 10.75 17.43 -26.04
CA VAL A 182 9.91 16.23 -25.79
C VAL A 182 8.91 16.16 -26.93
N THR A 183 8.87 15.01 -27.61
CA THR A 183 7.99 14.76 -28.78
C THR A 183 6.98 13.68 -28.41
N LEU A 184 5.69 13.98 -28.62
CA LEU A 184 4.56 13.04 -28.43
C LEU A 184 3.91 12.78 -29.79
N ARG A 185 3.89 11.52 -30.21
CA ARG A 185 3.18 11.04 -31.42
C ARG A 185 1.68 10.90 -31.07
N GLN A 186 0.81 11.31 -31.99
CA GLN A 186 -0.63 10.91 -32.03
C GLN A 186 -0.71 9.41 -31.71
N HIS A 187 -1.46 8.98 -30.69
CA HIS A 187 -1.69 7.54 -30.40
C HIS A 187 -3.00 7.34 -29.61
N THR A 188 -3.78 6.33 -30.01
CA THR A 188 -5.01 5.93 -29.28
C THR A 188 -4.66 4.76 -28.37
N ASN A 189 -4.84 4.92 -27.06
CA ASN A 189 -4.72 3.84 -26.05
C ASN A 189 -6.13 3.27 -25.83
N VAL A 190 -6.37 2.04 -26.28
CA VAL A 190 -7.72 1.40 -26.21
C VAL A 190 -8.07 1.10 -24.73
N GLU A 191 -7.12 0.60 -23.93
CA GLU A 191 -7.35 0.15 -22.53
C GLU A 191 -7.46 1.38 -21.62
N LYS A 192 -6.54 2.33 -21.78
CA LYS A 192 -6.42 3.51 -20.90
C LYS A 192 -6.62 4.79 -21.71
N PRO A 193 -7.88 5.15 -22.04
CA PRO A 193 -8.16 6.26 -22.96
C PRO A 193 -7.54 7.60 -22.59
N ASN A 194 -7.41 7.88 -21.30
CA ASN A 194 -6.82 9.13 -20.77
C ASN A 194 -5.33 9.22 -21.13
N GLU A 195 -4.67 8.10 -21.42
CA GLU A 195 -3.24 8.05 -21.81
C GLU A 195 -3.07 8.31 -23.32
N SER A 196 -4.14 8.49 -24.09
CA SER A 196 -4.09 8.76 -25.55
C SER A 196 -3.43 10.11 -25.79
N ILE A 197 -2.83 10.30 -26.95
CA ILE A 197 -2.42 11.63 -27.49
C ILE A 197 -3.26 11.87 -28.75
N GLU A 198 -4.27 12.73 -28.66
CA GLU A 198 -5.18 13.02 -29.80
C GLU A 198 -4.82 14.43 -30.32
N ILE A 199 -4.60 14.54 -31.63
CA ILE A 199 -4.24 15.81 -32.32
C ILE A 199 -5.24 16.10 -33.44
N GLU A 200 -6.04 17.16 -33.28
CA GLU A 200 -6.90 17.73 -34.34
C GLU A 200 -6.21 19.02 -34.82
N LEU A 201 -5.85 19.10 -36.10
CA LEU A 201 -5.15 20.30 -36.61
C LEU A 201 -5.58 20.60 -38.04
N SER A 202 -6.02 21.84 -38.27
CA SER A 202 -6.30 22.39 -39.63
C SER A 202 -4.98 22.77 -40.30
N GLU A 203 -3.95 23.16 -39.53
CA GLU A 203 -2.63 23.59 -40.10
C GLU A 203 -1.55 23.48 -39.04
N PRO A 204 -0.28 23.24 -39.43
CA PRO A 204 0.84 23.28 -38.50
C PRO A 204 0.96 24.65 -37.85
N VAL A 205 1.41 24.67 -36.60
CA VAL A 205 1.42 25.88 -35.73
C VAL A 205 2.53 25.72 -34.69
N SER A 206 3.22 26.80 -34.38
CA SER A 206 4.36 26.85 -33.43
C SER A 206 4.31 28.18 -32.67
N LEU A 207 4.26 28.11 -31.33
CA LEU A 207 4.36 29.31 -30.46
C LEU A 207 5.21 29.01 -29.24
N THR A 208 5.68 30.08 -28.60
CA THR A 208 6.59 30.12 -27.44
C THR A 208 5.86 30.73 -26.25
N PHE A 209 6.04 30.14 -25.06
CA PHE A 209 5.34 30.51 -23.80
C PHE A 209 6.31 30.46 -22.62
N SER A 210 6.05 31.29 -21.60
CA SER A 210 6.68 31.22 -20.26
C SER A 210 6.35 29.87 -19.59
N LEU A 211 7.39 29.14 -19.20
CA LEU A 211 7.25 27.86 -18.45
C LEU A 211 6.73 28.15 -17.03
N LYS A 212 7.08 29.28 -16.43
CA LYS A 212 6.58 29.67 -15.08
C LYS A 212 5.04 29.60 -15.09
N TYR A 213 4.38 30.15 -16.13
CA TYR A 213 2.90 30.19 -16.20
C TYR A 213 2.37 28.77 -16.44
N LEU A 214 2.95 28.03 -17.38
CA LEU A 214 2.49 26.68 -17.76
C LEU A 214 2.57 25.75 -16.54
N VAL A 215 3.66 25.82 -15.79
CA VAL A 215 3.88 25.01 -14.55
C VAL A 215 2.75 25.34 -13.58
N ASN A 216 2.45 26.63 -13.38
CA ASN A 216 1.30 27.12 -12.56
C ASN A 216 -0.02 26.48 -13.02
N PHE A 217 -0.31 26.50 -14.32
CA PHE A 217 -1.56 25.87 -14.84
C PHE A 217 -1.59 24.39 -14.45
N CYS A 218 -0.43 23.73 -14.40
CA CYS A 218 -0.32 22.27 -14.15
C CYS A 218 -0.61 21.93 -12.69
N LYS A 219 -0.79 22.93 -11.81
CA LYS A 219 -1.32 22.69 -10.45
C LYS A 219 -2.79 22.25 -10.52
N ALA A 220 -3.45 22.34 -11.67
CA ALA A 220 -4.84 21.87 -11.88
C ALA A 220 -4.87 20.38 -12.33
N SER A 221 -3.71 19.72 -12.45
CA SER A 221 -3.57 18.34 -12.97
C SER A 221 -4.48 17.35 -12.25
N ALA A 222 -4.74 17.55 -10.96
CA ALA A 222 -5.54 16.63 -10.12
C ALA A 222 -7.04 16.80 -10.39
N LEU A 223 -7.46 17.81 -11.15
CA LEU A 223 -8.90 18.10 -11.43
C LEU A 223 -9.42 17.25 -12.59
N SER A 224 -8.55 16.81 -13.49
CA SER A 224 -8.91 16.21 -14.79
C SER A 224 -7.76 15.32 -15.24
N ASN A 225 -8.06 14.11 -15.70
CA ASN A 225 -7.03 13.13 -16.13
C ASN A 225 -6.42 13.56 -17.46
N THR A 226 -7.13 14.37 -18.24
CA THR A 226 -6.63 14.85 -19.54
C THR A 226 -6.67 16.38 -19.57
N VAL A 227 -5.89 16.95 -20.47
CA VAL A 227 -5.73 18.41 -20.66
C VAL A 227 -5.76 18.66 -22.17
N LYS A 228 -6.48 19.69 -22.60
CA LYS A 228 -6.61 20.12 -24.01
C LYS A 228 -5.77 21.39 -24.19
N ILE A 229 -4.72 21.32 -25.01
CA ILE A 229 -3.85 22.46 -25.39
C ILE A 229 -4.20 22.91 -26.81
N CYS A 230 -4.65 24.14 -26.95
CA CYS A 230 -5.22 24.70 -28.21
C CYS A 230 -4.37 25.88 -28.67
N LEU A 231 -3.93 25.84 -29.93
CA LEU A 231 -2.89 26.73 -30.48
C LEU A 231 -3.41 27.39 -31.75
N SER A 232 -3.04 28.66 -31.91
CA SER A 232 -3.38 29.50 -33.08
C SER A 232 -2.39 30.67 -33.11
N ASN A 233 -1.88 31.01 -34.29
CA ASN A 233 -1.01 32.19 -34.46
C ASN A 233 -1.76 33.45 -33.97
N GLU A 234 -3.06 33.54 -34.22
CA GLU A 234 -3.87 34.79 -33.97
C GLU A 234 -4.17 34.98 -32.48
N VAL A 235 -4.44 33.92 -31.71
CA VAL A 235 -5.09 34.06 -30.37
C VAL A 235 -4.19 33.47 -29.29
N PRO A 236 -4.43 33.80 -28.00
CA PRO A 236 -3.70 33.20 -26.90
C PRO A 236 -3.92 31.69 -26.79
N LEU A 237 -2.95 31.01 -26.16
CA LEU A 237 -2.98 29.56 -25.87
C LEU A 237 -4.16 29.31 -24.94
N LEU A 238 -4.97 28.31 -25.26
CA LEU A 238 -5.98 27.75 -24.33
C LEU A 238 -5.43 26.43 -23.76
N VAL A 239 -5.25 26.36 -22.44
CA VAL A 239 -5.02 25.11 -21.67
C VAL A 239 -6.29 24.83 -20.87
N GLU A 240 -7.03 23.80 -21.28
CA GLU A 240 -8.38 23.48 -20.74
C GLU A 240 -8.35 22.17 -19.96
N TYR A 241 -8.80 22.21 -18.71
CA TYR A 241 -9.10 21.04 -17.85
C TYR A 241 -10.62 20.90 -17.82
N SER A 242 -11.15 20.08 -18.73
CA SER A 242 -12.60 19.78 -18.85
C SER A 242 -13.02 18.91 -17.67
N LEU A 243 -14.16 19.24 -17.08
CA LEU A 243 -14.72 18.55 -15.89
C LEU A 243 -16.01 17.81 -16.27
N GLY A 244 -16.60 17.11 -15.31
CA GLY A 244 -17.90 16.44 -15.48
C GLY A 244 -18.93 17.40 -16.06
N GLY A 245 -19.81 16.88 -16.92
CA GLY A 245 -20.74 17.67 -17.73
C GLY A 245 -20.01 18.74 -18.50
N SER A 246 -20.55 19.96 -18.53
CA SER A 246 -19.99 21.09 -19.31
C SER A 246 -19.29 22.11 -18.39
N SER A 247 -18.94 21.73 -17.17
CA SER A 247 -18.08 22.53 -16.26
C SER A 247 -16.64 22.49 -16.77
N TYR A 248 -15.84 23.51 -16.47
CA TYR A 248 -14.42 23.57 -16.93
C TYR A 248 -13.58 24.56 -16.12
N LEU A 249 -12.28 24.29 -16.10
CA LEU A 249 -11.23 25.25 -15.68
C LEU A 249 -10.36 25.51 -16.90
N ARG A 250 -10.25 26.76 -17.31
CA ARG A 250 -9.50 27.14 -18.54
C ARG A 250 -8.48 28.22 -18.19
N PHE A 251 -7.28 28.04 -18.72
CA PHE A 251 -6.16 29.00 -18.58
C PHE A 251 -5.83 29.51 -19.98
N TYR A 252 -5.73 30.82 -20.13
CA TYR A 252 -5.34 31.46 -21.40
C TYR A 252 -3.99 32.15 -21.16
N LEU A 253 -3.06 31.99 -22.09
CA LEU A 253 -1.69 32.49 -21.91
C LEU A 253 -1.23 33.20 -23.17
N ALA A 254 -0.90 34.49 -23.04
CA ALA A 254 -0.31 35.34 -24.09
C ALA A 254 1.03 34.73 -24.45
N PRO A 255 1.39 34.62 -25.76
CA PRO A 255 2.67 34.05 -26.16
C PRO A 255 3.84 35.03 -26.09
N LYS A 256 5.07 34.51 -26.17
CA LYS A 256 6.31 35.30 -26.31
C LYS A 256 6.60 35.48 -27.80
N ILE A 257 7.02 36.68 -28.20
CA ILE A 257 7.10 37.13 -29.62
C ILE A 257 8.45 37.85 -29.83
N ALA B 3 22.00 2.36 40.36
CA ALA B 3 20.68 2.90 40.78
C ALA B 3 19.56 2.45 39.84
N LEU B 4 19.70 2.66 38.54
CA LEU B 4 18.60 2.44 37.56
C LEU B 4 19.01 1.38 36.53
N GLU B 5 18.12 0.42 36.26
CA GLU B 5 18.22 -0.49 35.10
C GLU B 5 16.81 -0.74 34.56
N ALA B 6 16.45 -0.08 33.45
CA ALA B 6 15.08 -0.06 32.90
C ALA B 6 15.10 -0.49 31.44
N ARG B 7 14.45 -1.60 31.12
CA ARG B 7 14.39 -2.19 29.74
C ARG B 7 12.99 -1.96 29.19
N LEU B 8 12.88 -1.28 28.04
CA LEU B 8 11.65 -1.22 27.21
C LEU B 8 11.79 -2.23 26.06
N GLU B 9 10.75 -3.02 25.82
CA GLU B 9 10.70 -3.98 24.67
C GLU B 9 10.85 -3.20 23.36
N GLN B 10 10.31 -1.97 23.28
CA GLN B 10 10.43 -1.11 22.06
C GLN B 10 10.79 0.34 22.43
N ALA B 11 11.86 0.85 21.81
CA ALA B 11 12.39 2.24 21.93
C ALA B 11 11.34 3.25 21.49
N SER B 12 10.57 2.91 20.45
CA SER B 12 9.41 3.68 19.92
C SER B 12 8.85 4.63 21.00
N ILE B 13 8.40 4.10 22.13
CA ILE B 13 7.61 4.89 23.12
C ILE B 13 8.43 6.09 23.58
N LEU B 14 9.71 5.88 23.89
CA LEU B 14 10.58 6.93 24.46
C LEU B 14 10.87 7.97 23.38
N LYS B 15 11.03 7.54 22.13
CA LYS B 15 11.31 8.43 20.97
C LYS B 15 10.12 9.36 20.76
N LYS B 16 8.89 8.81 20.78
CA LYS B 16 7.64 9.58 20.55
C LYS B 16 7.42 10.58 21.68
N VAL B 17 7.53 10.16 22.94
CA VAL B 17 7.40 11.04 24.14
C VAL B 17 8.33 12.25 23.99
N VAL B 18 9.64 12.02 23.73
CA VAL B 18 10.61 13.14 23.67
C VAL B 18 10.27 14.01 22.46
N ASP B 19 9.90 13.40 21.33
CA ASP B 19 9.56 14.15 20.08
C ASP B 19 8.35 15.04 20.40
N ALA B 20 7.39 14.54 21.17
CA ALA B 20 6.13 15.22 21.54
C ALA B 20 6.37 16.40 22.49
N ILE B 21 7.45 16.36 23.30
CA ILE B 21 7.63 17.34 24.40
C ILE B 21 8.73 18.35 24.08
N LYS B 22 9.66 18.04 23.19
CA LYS B 22 10.96 18.76 23.04
C LYS B 22 10.78 20.21 22.55
N ASP B 23 9.70 20.55 21.88
CA ASP B 23 9.44 21.94 21.39
C ASP B 23 8.85 22.80 22.52
N LEU B 24 8.20 22.20 23.52
CA LEU B 24 7.64 22.93 24.69
C LEU B 24 8.73 23.20 25.73
N VAL B 25 9.64 22.25 25.91
CA VAL B 25 10.56 22.12 27.08
C VAL B 25 11.94 21.72 26.56
N GLN B 26 12.98 22.49 26.87
CA GLN B 26 14.37 22.25 26.41
C GLN B 26 15.07 21.34 27.42
N ASP B 27 15.35 21.87 28.61
CA ASP B 27 16.00 21.19 29.76
C ASP B 27 14.88 20.64 30.62
N CYS B 28 15.09 19.50 31.29
CA CYS B 28 14.15 18.94 32.30
C CYS B 28 14.72 17.68 32.96
N ASN B 29 14.13 17.31 34.09
CA ASN B 29 14.53 16.14 34.91
C ASN B 29 13.58 14.98 34.60
N PHE B 30 14.12 13.80 34.32
CA PHE B 30 13.39 12.51 34.39
C PHE B 30 13.57 12.00 35.81
N ASP B 31 12.46 11.82 36.53
CA ASP B 31 12.46 11.38 37.95
C ASP B 31 12.21 9.88 37.97
N CYS B 32 13.17 9.12 38.50
CA CYS B 32 13.16 7.64 38.55
C CYS B 32 12.96 7.19 39.98
N ASN B 33 11.93 6.39 40.24
CA ASN B 33 11.69 5.76 41.56
C ASN B 33 11.10 4.36 41.29
N ASP B 34 10.60 3.69 42.31
CA ASP B 34 10.08 2.30 42.20
C ASP B 34 8.78 2.29 41.40
N SER B 35 8.10 3.43 41.24
CA SER B 35 6.84 3.52 40.46
C SER B 35 7.16 3.65 38.96
N GLY B 36 8.40 3.98 38.63
CA GLY B 36 8.82 4.17 37.23
C GLY B 36 9.38 5.56 37.01
N ILE B 37 9.19 6.11 35.81
CA ILE B 37 9.91 7.31 35.33
C ILE B 37 8.87 8.40 35.12
N ALA B 38 9.03 9.53 35.78
CA ALA B 38 8.12 10.69 35.68
C ALA B 38 8.89 11.89 35.13
N LEU B 39 8.15 12.81 34.52
CA LEU B 39 8.63 14.13 34.06
C LEU B 39 7.56 15.15 34.43
N GLN B 40 7.96 16.21 35.12
CA GLN B 40 7.08 17.39 35.38
C GLN B 40 7.90 18.64 35.07
N ALA B 41 7.59 19.32 33.96
CA ALA B 41 8.30 20.54 33.50
C ALA B 41 7.32 21.58 32.94
N MET B 42 7.49 22.84 33.35
CA MET B 42 6.77 24.03 32.79
C MET B 42 7.52 24.51 31.56
N ASP B 43 6.83 25.08 30.57
CA ASP B 43 7.48 25.86 29.48
C ASP B 43 8.03 27.16 30.08
N ASN B 44 8.88 27.88 29.34
CA ASN B 44 9.58 29.09 29.83
C ASN B 44 8.57 30.13 30.33
N SER B 45 7.41 30.24 29.68
CA SER B 45 6.38 31.28 29.98
C SER B 45 5.56 30.91 31.23
N HIS B 46 5.72 29.72 31.78
CA HIS B 46 4.86 29.20 32.88
C HIS B 46 3.39 29.24 32.45
N VAL B 47 3.10 28.85 31.22
CA VAL B 47 1.72 28.84 30.67
C VAL B 47 1.28 27.38 30.53
N ALA B 48 2.25 26.49 30.30
CA ALA B 48 2.03 25.08 29.95
C ALA B 48 2.89 24.21 30.87
N LEU B 49 2.35 23.09 31.31
CA LEU B 49 3.01 22.11 32.21
C LEU B 49 2.88 20.74 31.52
N VAL B 50 4.02 20.09 31.33
CA VAL B 50 4.12 18.68 30.86
C VAL B 50 4.28 17.78 32.09
N SER B 51 3.43 16.75 32.19
CA SER B 51 3.41 15.73 33.26
C SER B 51 3.34 14.34 32.61
N MET B 52 4.45 13.62 32.60
CA MET B 52 4.55 12.26 32.00
C MET B 52 4.84 11.26 33.13
N MET B 53 4.23 10.09 33.05
CA MET B 53 4.59 8.93 33.89
C MET B 53 4.62 7.66 33.04
N LEU B 54 5.80 7.10 32.84
CA LEU B 54 6.03 5.71 32.35
C LEU B 54 6.11 4.79 33.58
N LYS B 55 5.01 4.10 33.89
CA LYS B 55 4.92 3.19 35.06
C LYS B 55 5.85 2.00 34.88
N ALA B 56 6.45 1.52 35.96
CA ALA B 56 7.32 0.31 36.03
C ALA B 56 6.74 -0.86 35.22
N GLU B 57 5.42 -1.10 35.28
CA GLU B 57 4.73 -2.21 34.56
C GLU B 57 5.04 -2.16 33.06
N GLY B 58 5.35 -0.98 32.53
CA GLY B 58 5.57 -0.77 31.09
C GLY B 58 6.92 -1.28 30.63
N PHE B 59 7.82 -1.55 31.57
CA PHE B 59 9.19 -2.06 31.32
C PHE B 59 9.19 -3.58 31.55
N SER B 60 10.32 -4.22 31.29
CA SER B 60 10.53 -5.70 31.36
C SER B 60 12.02 -6.02 31.33
N PRO B 61 12.74 -5.93 32.47
CA PRO B 61 12.21 -5.41 33.72
C PRO B 61 12.52 -3.93 34.01
N TYR B 62 11.94 -3.43 35.10
CA TYR B 62 12.27 -2.11 35.72
C TYR B 62 12.93 -2.37 37.07
N ARG B 63 14.15 -1.86 37.29
CA ARG B 63 14.88 -1.94 38.59
C ARG B 63 15.35 -0.53 38.99
N CYS B 64 14.78 0.03 40.07
CA CYS B 64 15.30 1.23 40.77
C CYS B 64 15.78 0.82 42.18
N ASP B 65 17.06 1.03 42.46
CA ASP B 65 17.67 0.74 43.78
C ASP B 65 17.76 2.05 44.56
N ARG B 66 17.72 3.19 43.87
CA ARG B 66 17.88 4.54 44.48
C ARG B 66 17.11 5.56 43.63
N ASN B 67 16.26 6.39 44.25
CA ASN B 67 15.60 7.55 43.61
C ASN B 67 16.67 8.45 42.97
N ILE B 68 16.54 8.75 41.68
CA ILE B 68 17.49 9.65 40.95
C ILE B 68 16.70 10.56 40.01
N ALA B 69 17.25 11.76 39.77
CA ALA B 69 16.82 12.72 38.72
C ALA B 69 17.85 12.67 37.61
N LEU B 70 17.43 12.51 36.36
CA LEU B 70 18.31 12.58 35.16
C LEU B 70 18.05 13.94 34.51
N GLY B 71 18.98 14.88 34.68
CA GLY B 71 18.89 16.22 34.09
C GLY B 71 19.38 16.20 32.66
N VAL B 72 18.46 16.37 31.72
CA VAL B 72 18.71 16.11 30.28
C VAL B 72 18.29 17.32 29.46
N ASN B 73 19.09 17.68 28.46
CA ASN B 73 18.68 18.60 27.37
C ASN B 73 17.94 17.74 26.35
N LEU B 74 16.71 18.08 26.00
CA LEU B 74 15.87 17.22 25.14
C LEU B 74 16.34 17.24 23.68
N THR B 75 17.06 18.27 23.23
CA THR B 75 17.69 18.28 21.88
C THR B 75 18.79 17.21 21.85
N SER B 76 19.65 17.19 22.87
CA SER B 76 20.73 16.18 23.03
C SER B 76 20.08 14.79 23.05
N LEU B 77 19.05 14.61 23.86
CA LEU B 77 18.39 13.30 24.05
C LEU B 77 17.79 12.85 22.71
N THR B 78 17.18 13.78 21.96
CA THR B 78 16.55 13.54 20.64
C THR B 78 17.60 13.00 19.64
N LYS B 79 18.75 13.67 19.58
CA LYS B 79 19.89 13.30 18.71
C LYS B 79 20.30 11.85 18.99
N VAL B 80 20.25 11.41 20.25
CA VAL B 80 20.62 10.03 20.68
C VAL B 80 19.46 9.07 20.34
N LEU B 81 18.22 9.46 20.61
CA LEU B 81 17.03 8.60 20.39
C LEU B 81 16.78 8.39 18.89
N ARG B 82 17.17 9.34 18.02
CA ARG B 82 17.10 9.19 16.54
C ARG B 82 17.90 7.95 16.11
N ALA B 83 18.98 7.63 16.83
CA ALA B 83 19.86 6.49 16.53
C ALA B 83 19.23 5.17 17.02
N ALA B 84 18.00 5.22 17.56
CA ALA B 84 17.23 3.99 17.92
C ALA B 84 16.14 3.77 16.88
N GLN B 85 16.07 2.57 16.32
CA GLN B 85 14.92 2.09 15.52
C GLN B 85 13.73 1.94 16.46
N ASN B 86 12.54 2.22 15.97
CA ASN B 86 11.25 2.03 16.70
C ASN B 86 11.26 0.66 17.42
N GLU B 87 11.69 -0.40 16.74
CA GLU B 87 11.53 -1.81 17.23
C GLU B 87 12.83 -2.29 17.89
N ASP B 88 13.75 -1.40 18.25
CA ASP B 88 14.94 -1.73 19.06
C ASP B 88 14.55 -1.93 20.54
N ILE B 89 15.22 -2.86 21.21
CA ILE B 89 15.11 -3.02 22.69
C ILE B 89 16.02 -1.95 23.33
N LEU B 90 15.44 -1.09 24.17
CA LEU B 90 16.11 0.08 24.79
C LEU B 90 16.35 -0.21 26.28
N THR B 91 17.58 -0.07 26.75
CA THR B 91 17.93 -0.20 28.19
C THR B 91 18.55 1.13 28.65
N LEU B 92 18.00 1.69 29.74
CA LEU B 92 18.51 2.88 30.46
C LEU B 92 19.27 2.37 31.69
N LYS B 93 20.49 2.86 31.91
CA LYS B 93 21.32 2.52 33.10
C LYS B 93 21.99 3.79 33.64
N ALA B 94 22.03 3.93 34.97
CA ALA B 94 22.61 5.11 35.65
C ALA B 94 23.06 4.71 37.06
N GLU B 95 24.16 5.30 37.57
CA GLU B 95 24.69 5.09 38.95
C GLU B 95 24.02 6.08 39.93
N PRO B 98 24.33 10.69 39.46
CA PRO B 98 24.97 10.31 38.17
C PRO B 98 25.25 11.47 37.21
N ASP B 99 26.44 11.47 36.61
CA ASP B 99 26.88 12.50 35.61
C ASP B 99 26.50 12.05 34.20
N VAL B 100 26.14 10.78 34.01
CA VAL B 100 25.89 10.15 32.68
C VAL B 100 24.68 9.22 32.74
N LEU B 101 23.84 9.29 31.70
CA LEU B 101 22.79 8.29 31.40
C LEU B 101 23.31 7.37 30.30
N ASN B 102 23.49 6.09 30.60
CA ASN B 102 23.84 5.04 29.62
C ASN B 102 22.56 4.56 28.90
N LEU B 103 22.51 4.67 27.56
CA LEU B 103 21.44 4.09 26.71
C LEU B 103 22.03 2.99 25.82
N VAL B 104 21.46 1.78 25.88
CA VAL B 104 21.78 0.65 24.97
C VAL B 104 20.56 0.39 24.07
N PHE B 105 20.79 0.35 22.75
CA PHE B 105 19.75 -0.02 21.74
C PHE B 105 20.17 -1.33 21.06
N GLU B 106 19.36 -2.38 21.24
CA GLU B 106 19.56 -3.71 20.62
C GLU B 106 18.53 -3.93 19.51
N SER B 107 18.99 -4.29 18.31
CA SER B 107 18.17 -4.65 17.11
C SER B 107 17.05 -5.63 17.49
N THR B 110 18.78 -8.46 14.39
CA THR B 110 20.22 -8.82 14.30
C THR B 110 20.87 -8.83 15.69
N ASP B 111 22.21 -8.88 15.77
CA ASP B 111 22.99 -8.88 17.03
C ASP B 111 23.56 -7.47 17.29
N ARG B 112 23.20 -6.50 16.42
CA ARG B 112 23.63 -5.07 16.48
C ARG B 112 23.32 -4.46 17.85
N ILE B 113 24.31 -3.79 18.47
CA ILE B 113 24.17 -3.05 19.76
C ILE B 113 24.63 -1.60 19.53
N SER B 114 23.74 -0.64 19.77
CA SER B 114 24.05 0.81 19.91
C SER B 114 24.22 1.15 21.39
N GLU B 115 25.31 1.83 21.75
CA GLU B 115 25.60 2.26 23.15
C GLU B 115 25.90 3.76 23.18
N TYR B 116 25.13 4.52 23.97
CA TYR B 116 25.33 5.98 24.17
C TYR B 116 25.53 6.26 25.66
N ASP B 117 26.48 7.15 25.95
CA ASP B 117 26.66 7.80 27.28
C ASP B 117 26.34 9.28 27.10
N LEU B 118 25.19 9.70 27.57
CA LEU B 118 24.67 11.09 27.45
C LEU B 118 25.10 11.88 28.69
N LYS B 119 25.91 12.95 28.52
CA LYS B 119 26.27 13.90 29.61
C LYS B 119 24.98 14.47 30.21
N LEU B 120 24.77 14.31 31.52
CA LEU B 120 23.64 14.91 32.27
C LEU B 120 24.04 16.30 32.79
N MET B 121 23.07 17.14 33.11
CA MET B 121 23.27 18.47 33.76
C MET B 121 22.50 18.49 35.09
N ASP B 122 22.99 19.23 36.08
CA ASP B 122 22.24 19.56 37.33
C ASP B 122 21.11 20.52 36.91
N ILE B 123 19.86 20.15 37.17
CA ILE B 123 18.65 20.98 36.89
C ILE B 123 17.78 21.00 38.15
N ASP B 124 17.54 22.18 38.73
CA ASP B 124 16.77 22.33 40.00
C ASP B 124 15.29 22.04 39.70
N GLN B 125 14.71 21.01 40.31
CA GLN B 125 13.29 20.60 40.13
C GLN B 125 12.39 21.69 40.73
N GLU B 126 11.33 22.10 40.04
CA GLU B 126 10.32 23.07 40.54
C GLU B 126 9.66 22.62 41.85
N LEU B 128 5.98 20.56 42.01
CA LEU B 128 4.63 21.20 41.98
C LEU B 128 3.57 20.12 42.19
N GLY B 129 2.55 20.43 42.99
CA GLY B 129 1.41 19.55 43.29
C GLY B 129 0.22 19.97 42.47
N ILE B 130 -0.38 19.03 41.75
CA ILE B 130 -1.64 19.22 40.97
C ILE B 130 -2.76 18.58 41.77
N PRO B 131 -3.82 19.31 42.18
CA PRO B 131 -4.93 18.72 42.91
C PRO B 131 -5.70 17.73 42.01
N GLU B 132 -6.16 16.62 42.59
CA GLU B 132 -7.18 15.73 41.98
C GLU B 132 -8.42 16.60 41.78
N THR B 133 -8.82 16.82 40.52
CA THR B 133 -9.82 17.83 40.08
C THR B 133 -11.04 17.12 39.48
N GLU B 134 -12.24 17.43 39.97
CA GLU B 134 -13.52 17.04 39.33
C GLU B 134 -13.85 18.11 38.28
N TYR B 135 -13.46 17.88 37.03
CA TYR B 135 -13.65 18.80 35.89
C TYR B 135 -15.15 19.00 35.63
N ALA B 136 -15.52 20.13 35.02
CA ALA B 136 -16.91 20.43 34.64
C ALA B 136 -17.31 19.55 33.44
N ALA B 137 -16.42 19.41 32.46
CA ALA B 137 -16.63 18.61 31.23
C ALA B 137 -15.35 17.85 30.87
N THR B 138 -15.47 16.60 30.43
CA THR B 138 -14.39 15.88 29.70
C THR B 138 -14.92 15.47 28.33
N ILE B 139 -14.11 15.66 27.29
CA ILE B 139 -14.37 15.16 25.91
C ILE B 139 -13.29 14.12 25.59
N THR B 140 -13.68 12.87 25.35
CA THR B 140 -12.79 11.89 24.69
C THR B 140 -13.08 11.92 23.17
N MET B 141 -12.03 12.02 22.35
CA MET B 141 -12.14 12.09 20.87
C MET B 141 -10.85 11.54 20.27
N PRO B 142 -10.88 11.15 18.96
CA PRO B 142 -9.68 10.68 18.27
C PRO B 142 -8.61 11.78 18.28
N SER B 143 -7.35 11.41 18.53
CA SER B 143 -6.17 12.30 18.62
C SER B 143 -6.06 13.13 17.36
N ASN B 144 -6.22 12.46 16.20
CA ASN B 144 -6.03 13.04 14.86
C ASN B 144 -7.15 14.07 14.60
N GLU B 145 -8.33 13.86 15.17
CA GLU B 145 -9.43 14.85 15.04
C GLU B 145 -8.98 16.12 15.76
N PHE B 146 -8.46 16.01 16.97
CA PHE B 146 -7.98 17.18 17.75
C PHE B 146 -6.81 17.87 17.00
N LYS B 147 -5.89 17.10 16.40
CA LYS B 147 -4.76 17.66 15.63
C LYS B 147 -5.30 18.45 14.41
N ARG B 148 -6.21 17.84 13.66
CA ARG B 148 -6.84 18.44 12.45
C ARG B 148 -7.48 19.78 12.82
N ILE B 149 -8.30 19.81 13.88
CA ILE B 149 -9.06 21.00 14.32
C ILE B 149 -8.09 22.11 14.75
N THR B 150 -7.12 21.84 15.61
CA THR B 150 -6.20 22.88 16.16
C THR B 150 -5.31 23.45 15.03
N THR B 151 -4.77 22.58 14.17
CA THR B 151 -3.97 22.98 12.98
C THR B 151 -4.80 23.84 12.03
N ASP B 152 -6.03 23.42 11.74
CA ASP B 152 -6.91 24.14 10.78
C ASP B 152 -7.22 25.54 11.31
N LEU B 153 -7.67 25.64 12.57
CA LEU B 153 -8.09 26.95 13.17
C LEU B 153 -6.87 27.86 13.36
N MET B 154 -5.69 27.30 13.60
CA MET B 154 -4.45 28.09 13.78
C MET B 154 -4.13 28.88 12.51
N ALA B 155 -4.57 28.44 11.34
CA ALA B 155 -4.32 29.13 10.04
C ALA B 155 -4.98 30.52 10.05
N MET B 156 -6.01 30.70 10.86
CA MET B 156 -6.88 31.89 10.81
C MET B 156 -7.05 32.56 12.18
N SER B 157 -6.42 32.07 13.24
CA SER B 157 -6.58 32.63 14.61
C SER B 157 -5.47 32.14 15.53
N GLU B 158 -5.15 32.96 16.53
CA GLU B 158 -4.17 32.68 17.62
C GLU B 158 -4.88 31.94 18.75
N SER B 159 -6.21 32.04 18.81
CA SER B 159 -7.07 31.62 19.96
C SER B 159 -8.21 30.73 19.48
N VAL B 160 -8.58 29.76 20.31
CA VAL B 160 -9.78 28.90 20.13
C VAL B 160 -10.59 28.92 21.44
N THR B 161 -11.90 29.05 21.34
CA THR B 161 -12.85 28.81 22.45
C THR B 161 -13.34 27.37 22.36
N ILE B 162 -13.31 26.69 23.50
CA ILE B 162 -13.84 25.30 23.66
C ILE B 162 -15.09 25.39 24.52
N GLU B 163 -16.24 25.10 23.90
CA GLU B 163 -17.60 25.05 24.51
C GLU B 163 -18.03 23.58 24.58
N ALA B 164 -18.49 23.14 25.75
CA ALA B 164 -19.03 21.78 25.99
C ALA B 164 -20.43 21.87 26.61
N ASN B 165 -21.34 20.97 26.18
CA ASN B 165 -22.69 20.74 26.75
C ASN B 165 -23.02 19.25 26.59
N LYS B 166 -24.21 18.80 27.00
CA LYS B 166 -24.60 17.36 26.94
C LYS B 166 -24.48 16.86 25.47
N ASP B 167 -24.90 17.70 24.53
CA ASP B 167 -25.08 17.35 23.09
C ASP B 167 -23.72 17.14 22.40
N GLY B 168 -22.74 18.01 22.66
CA GLY B 168 -21.45 17.97 21.93
C GLY B 168 -20.46 19.04 22.39
N VAL B 169 -19.40 19.24 21.61
CA VAL B 169 -18.32 20.23 21.87
C VAL B 169 -18.10 21.08 20.60
N LYS B 170 -17.94 22.40 20.78
CA LYS B 170 -17.67 23.34 19.67
C LYS B 170 -16.32 24.02 19.93
N PHE B 171 -15.44 23.96 18.93
CA PHE B 171 -14.19 24.74 18.84
C PHE B 171 -14.47 25.87 17.84
N SER B 172 -14.24 27.10 18.26
CA SER B 172 -14.54 28.28 17.44
C SER B 172 -13.45 29.32 17.66
N CYS B 173 -13.30 30.21 16.71
CA CYS B 173 -12.21 31.21 16.67
C CYS B 173 -12.71 32.36 15.81
N GLN B 174 -12.06 33.49 15.87
CA GLN B 174 -12.31 34.58 14.91
C GLN B 174 -10.96 35.24 14.63
N GLY B 175 -10.83 35.82 13.44
CA GLY B 175 -9.57 36.39 12.95
C GLY B 175 -9.86 37.45 11.93
N ASP B 176 -8.80 37.92 11.27
CA ASP B 176 -8.86 38.95 10.20
C ASP B 176 -9.79 38.48 9.06
N ILE B 177 -9.75 37.20 8.68
CA ILE B 177 -10.52 36.68 7.50
C ILE B 177 -11.98 36.35 7.87
N GLY B 178 -12.32 36.21 9.15
CA GLY B 178 -13.70 35.95 9.61
C GLY B 178 -13.79 34.98 10.77
N ASN B 179 -14.88 34.24 10.90
CA ASN B 179 -15.10 33.26 12.00
C ASN B 179 -15.04 31.82 11.49
N GLY B 180 -14.54 30.93 12.35
CA GLY B 180 -14.52 29.49 12.13
C GLY B 180 -15.03 28.74 13.36
N SER B 181 -15.77 27.66 13.17
CA SER B 181 -16.13 26.72 14.26
C SER B 181 -16.13 25.27 13.75
N VAL B 182 -15.82 24.34 14.64
CA VAL B 182 -16.00 22.88 14.41
C VAL B 182 -16.83 22.34 15.56
N THR B 183 -17.94 21.68 15.26
CA THR B 183 -18.88 21.10 16.25
C THR B 183 -18.85 19.57 16.12
N LEU B 184 -18.60 18.89 17.25
CA LEU B 184 -18.62 17.41 17.37
C LEU B 184 -19.76 17.00 18.31
N ARG B 185 -20.72 16.24 17.81
CA ARG B 185 -21.83 15.64 18.58
C ARG B 185 -21.29 14.41 19.32
N GLN B 186 -21.69 14.24 20.58
CA GLN B 186 -21.55 12.97 21.35
C GLN B 186 -21.99 11.84 20.43
N HIS B 187 -21.16 10.84 20.18
CA HIS B 187 -21.55 9.62 19.41
C HIS B 187 -20.68 8.42 19.77
N THR B 188 -21.30 7.26 19.93
CA THR B 188 -20.58 5.98 20.18
C THR B 188 -20.44 5.25 18.85
N ASN B 189 -19.19 4.99 18.45
CA ASN B 189 -18.84 4.11 17.29
C ASN B 189 -18.61 2.69 17.84
N VAL B 190 -19.52 1.77 17.55
CA VAL B 190 -19.46 0.38 18.10
C VAL B 190 -18.25 -0.37 17.52
N GLU B 191 -18.00 -0.23 16.20
CA GLU B 191 -16.95 -1.01 15.46
C GLU B 191 -15.59 -0.39 15.77
N LYS B 192 -15.49 0.94 15.73
CA LYS B 192 -14.20 1.68 15.88
C LYS B 192 -14.27 2.59 17.10
N PRO B 193 -14.14 2.04 18.33
CA PRO B 193 -14.32 2.81 19.56
C PRO B 193 -13.48 4.08 19.68
N ASN B 194 -12.28 4.09 19.12
CA ASN B 194 -11.36 5.27 19.14
C ASN B 194 -11.96 6.44 18.36
N GLU B 195 -12.88 6.18 17.44
CA GLU B 195 -13.56 7.22 16.61
C GLU B 195 -14.76 7.83 17.36
N SER B 196 -15.10 7.35 18.55
CA SER B 196 -16.24 7.85 19.35
C SER B 196 -15.98 9.29 19.78
N ILE B 197 -17.04 10.06 20.02
CA ILE B 197 -16.97 11.35 20.77
C ILE B 197 -17.73 11.14 22.08
N GLU B 198 -17.02 10.98 23.20
CA GLU B 198 -17.66 10.76 24.53
C GLU B 198 -17.54 12.04 25.35
N ILE B 199 -18.65 12.51 25.90
CA ILE B 199 -18.73 13.74 26.74
C ILE B 199 -19.34 13.40 28.11
N GLU B 200 -18.55 13.53 29.17
CA GLU B 200 -19.02 13.54 30.58
C GLU B 200 -19.00 15.00 31.06
N LEU B 201 -20.15 15.55 31.44
CA LEU B 201 -20.21 16.96 31.89
C LEU B 201 -21.21 17.09 33.05
N SER B 202 -20.74 17.63 34.17
CA SER B 202 -21.59 18.05 35.32
C SER B 202 -22.27 19.38 34.99
N GLU B 203 -21.65 20.25 34.17
CA GLU B 203 -22.24 21.56 33.80
C GLU B 203 -21.61 22.09 32.52
N PRO B 204 -22.34 22.90 31.72
CA PRO B 204 -21.77 23.54 30.54
C PRO B 204 -20.58 24.44 30.93
N VAL B 205 -19.60 24.52 30.05
CA VAL B 205 -18.29 25.18 30.31
C VAL B 205 -17.72 25.68 28.98
N SER B 206 -17.12 26.87 29.00
CA SER B 206 -16.52 27.52 27.82
C SER B 206 -15.24 28.25 28.24
N LEU B 207 -14.12 27.93 27.59
CA LEU B 207 -12.81 28.58 27.85
C LEU B 207 -12.07 28.78 26.53
N THR B 208 -11.12 29.70 26.55
CA THR B 208 -10.32 30.18 25.40
C THR B 208 -8.85 29.86 25.68
N PHE B 209 -8.14 29.36 24.66
CA PHE B 209 -6.73 28.91 24.74
C PHE B 209 -5.93 29.36 23.51
N SER B 210 -4.62 29.54 23.67
CA SER B 210 -3.64 29.72 22.59
C SER B 210 -3.61 28.48 21.71
N LEU B 211 -3.83 28.65 20.39
CA LEU B 211 -3.75 27.55 19.40
C LEU B 211 -2.29 27.10 19.24
N LYS B 212 -1.32 28.00 19.38
CA LYS B 212 0.14 27.65 19.30
C LYS B 212 0.41 26.51 20.30
N TYR B 213 -0.08 26.60 21.53
CA TYR B 213 0.17 25.57 22.58
C TYR B 213 -0.58 24.28 22.24
N LEU B 214 -1.85 24.39 21.87
CA LEU B 214 -2.70 23.21 21.57
C LEU B 214 -2.08 22.43 20.41
N VAL B 215 -1.65 23.12 19.35
CA VAL B 215 -1.00 22.50 18.15
C VAL B 215 0.25 21.74 18.64
N ASN B 216 1.07 22.36 19.49
CA ASN B 216 2.26 21.72 20.12
C ASN B 216 1.85 20.44 20.87
N PHE B 217 0.81 20.47 21.69
CA PHE B 217 0.35 19.26 22.41
C PHE B 217 0.01 18.15 21.39
N CYS B 218 -0.51 18.52 20.22
CA CYS B 218 -0.98 17.59 19.18
C CYS B 218 0.19 16.87 18.49
N LYS B 219 1.43 17.28 18.76
CA LYS B 219 2.62 16.49 18.33
C LYS B 219 2.69 15.18 19.11
N ALA B 220 1.88 14.97 20.14
CA ALA B 220 1.77 13.69 20.88
C ALA B 220 0.72 12.74 20.25
N SER B 221 0.09 13.13 19.14
CA SER B 221 -1.04 12.38 18.52
C SER B 221 -0.63 10.93 18.20
N ALA B 222 0.64 10.70 17.89
CA ALA B 222 1.16 9.36 17.50
C ALA B 222 1.31 8.43 18.72
N LEU B 223 1.17 8.94 19.95
CA LEU B 223 1.34 8.16 21.20
C LEU B 223 0.04 7.43 21.58
N SER B 224 -1.12 7.90 21.14
CA SER B 224 -2.44 7.47 21.64
C SER B 224 -3.50 7.75 20.57
N ASN B 225 -4.39 6.81 20.31
CA ASN B 225 -5.46 6.97 19.29
C ASN B 225 -6.53 7.94 19.79
N THR B 226 -6.65 8.13 21.09
CA THR B 226 -7.66 9.05 21.66
C THR B 226 -6.98 10.07 22.57
N VAL B 227 -7.66 11.18 22.79
CA VAL B 227 -7.18 12.31 23.64
C VAL B 227 -8.37 12.73 24.52
N LYS B 228 -8.10 12.97 25.80
CA LYS B 228 -9.10 13.41 26.81
C LYS B 228 -8.85 14.91 27.10
N ILE B 229 -9.82 15.75 26.76
CA ILE B 229 -9.78 17.23 26.99
C ILE B 229 -10.73 17.54 28.15
N CYS B 230 -10.19 18.09 29.23
CA CYS B 230 -10.90 18.28 30.52
C CYS B 230 -10.95 19.77 30.85
N LEU B 231 -12.16 20.28 31.10
CA LEU B 231 -12.43 21.73 31.18
C LEU B 231 -13.11 22.04 32.51
N SER B 232 -12.72 23.15 33.10
CA SER B 232 -13.30 23.72 34.35
C SER B 232 -13.03 25.23 34.37
N ASN B 233 -14.01 26.03 34.75
CA ASN B 233 -13.80 27.49 34.93
C ASN B 233 -12.66 27.71 35.95
N GLU B 234 -12.55 26.90 37.00
CA GLU B 234 -11.59 27.13 38.12
C GLU B 234 -10.14 26.77 37.74
N VAL B 235 -9.89 25.72 36.95
CA VAL B 235 -8.54 25.11 36.82
C VAL B 235 -8.06 25.14 35.38
N PRO B 236 -6.76 24.92 35.13
CA PRO B 236 -6.23 24.86 33.77
C PRO B 236 -6.79 23.66 32.97
N LEU B 237 -6.75 23.80 31.66
CA LEU B 237 -7.12 22.73 30.69
C LEU B 237 -6.17 21.55 30.91
N LEU B 238 -6.73 20.34 31.04
CA LEU B 238 -5.97 19.09 30.96
C LEU B 238 -6.21 18.47 29.57
N VAL B 239 -5.14 18.30 28.80
CA VAL B 239 -5.11 17.50 27.54
C VAL B 239 -4.28 16.25 27.85
N GLU B 240 -4.95 15.09 27.94
CA GLU B 240 -4.35 13.81 28.39
C GLU B 240 -4.29 12.82 27.22
N TYR B 241 -3.10 12.29 26.95
CA TYR B 241 -2.83 11.15 26.04
C TYR B 241 -2.55 9.94 26.93
N SER B 242 -3.60 9.18 27.23
CA SER B 242 -3.55 7.93 28.01
C SER B 242 -2.81 6.86 27.21
N LEU B 243 -1.91 6.15 27.87
CA LEU B 243 -1.08 5.07 27.27
C LEU B 243 -1.50 3.72 27.87
N GLY B 244 -0.85 2.65 27.41
CA GLY B 244 -1.03 1.30 27.98
C GLY B 244 -0.91 1.33 29.50
N GLY B 245 -1.70 0.49 30.17
CA GLY B 245 -1.85 0.50 31.63
C GLY B 245 -2.23 1.89 32.12
N SER B 246 -1.62 2.35 33.22
CA SER B 246 -1.93 3.67 33.82
C SER B 246 -0.81 4.68 33.54
N SER B 247 0.04 4.43 32.53
CA SER B 247 1.04 5.42 32.04
C SER B 247 0.32 6.53 31.29
N TYR B 248 0.89 7.72 31.20
CA TYR B 248 0.25 8.87 30.53
C TYR B 248 1.24 9.97 30.17
N LEU B 249 0.86 10.73 29.14
CA LEU B 249 1.43 12.05 28.82
C LEU B 249 0.31 13.07 29.00
N ARG B 250 0.51 14.06 29.86
CA ARG B 250 -0.50 15.10 30.17
C ARG B 250 0.09 16.47 29.93
N PHE B 251 -0.71 17.32 29.29
CA PHE B 251 -0.42 18.74 29.03
C PHE B 251 -1.44 19.57 29.80
N TYR B 252 -1.00 20.55 30.57
CA TYR B 252 -1.88 21.50 31.28
C TYR B 252 -1.65 22.89 30.70
N LEU B 253 -2.71 23.63 30.45
CA LEU B 253 -2.61 24.91 29.73
C LEU B 253 -3.49 25.94 30.44
N ALA B 254 -2.86 27.03 30.88
CA ALA B 254 -3.52 28.22 31.45
C ALA B 254 -4.40 28.82 30.37
N PRO B 255 -5.66 29.23 30.68
CA PRO B 255 -6.54 29.81 29.68
C PRO B 255 -6.29 31.31 29.43
N LYS B 256 -6.91 31.85 28.37
CA LYS B 256 -6.99 33.31 28.12
C LYS B 256 -8.28 33.83 28.76
N ILE B 257 -8.23 34.98 29.41
CA ILE B 257 -9.28 35.50 30.35
C ILE B 257 -9.61 36.97 30.05
N ALA C 3 31.49 8.73 -32.48
CA ALA C 3 32.41 8.09 -31.48
C ALA C 3 31.64 7.16 -30.54
N LEU C 4 30.59 7.66 -29.88
CA LEU C 4 29.90 6.94 -28.79
C LEU C 4 28.43 6.71 -29.15
N GLU C 5 27.93 5.49 -28.95
CA GLU C 5 26.48 5.17 -28.94
C GLU C 5 26.24 4.10 -27.87
N ALA C 6 25.71 4.52 -26.72
CA ALA C 6 25.54 3.67 -25.52
C ALA C 6 24.07 3.68 -25.07
N ARG C 7 23.41 2.53 -25.11
CA ARG C 7 21.99 2.36 -24.75
C ARG C 7 21.92 1.62 -23.41
N LEU C 8 21.27 2.23 -22.40
CA LEU C 8 20.85 1.55 -21.15
C LEU C 8 19.38 1.20 -21.28
N GLU C 9 19.00 -0.03 -20.92
CA GLU C 9 17.59 -0.47 -20.85
C GLU C 9 16.80 0.43 -19.89
N GLN C 10 17.42 0.93 -18.80
CA GLN C 10 16.74 1.82 -17.80
C GLN C 10 17.66 2.99 -17.40
N ALA C 11 17.13 4.22 -17.53
CA ALA C 11 17.78 5.51 -17.17
C ALA C 11 18.13 5.53 -15.67
N SER C 12 17.26 4.95 -14.84
CA SER C 12 17.42 4.76 -13.38
C SER C 12 18.90 4.76 -12.99
N ILE C 13 19.71 3.86 -13.54
CA ILE C 13 21.11 3.63 -13.06
C ILE C 13 21.89 4.93 -13.16
N LEU C 14 21.76 5.64 -14.29
CA LEU C 14 22.57 6.86 -14.54
C LEU C 14 22.10 7.99 -13.63
N LYS C 15 20.79 8.05 -13.36
CA LYS C 15 20.17 9.07 -12.47
C LYS C 15 20.70 8.87 -11.04
N LYS C 16 20.72 7.64 -10.55
CA LYS C 16 21.18 7.29 -9.17
C LYS C 16 22.68 7.58 -9.01
N VAL C 17 23.51 7.15 -9.94
CA VAL C 17 24.98 7.42 -9.96
C VAL C 17 25.21 8.93 -9.84
N VAL C 18 24.59 9.76 -10.68
CA VAL C 18 24.84 11.23 -10.68
C VAL C 18 24.30 11.78 -9.35
N ASP C 19 23.14 11.33 -8.89
CA ASP C 19 22.53 11.83 -7.62
C ASP C 19 23.50 11.50 -6.48
N ALA C 20 24.13 10.33 -6.50
CA ALA C 20 25.08 9.85 -5.48
C ALA C 20 26.39 10.64 -5.47
N ILE C 21 26.79 11.24 -6.60
CA ILE C 21 28.15 11.81 -6.81
C ILE C 21 28.11 13.34 -6.75
N LYS C 22 26.96 13.96 -7.08
CA LYS C 22 26.90 15.40 -7.47
C LYS C 22 27.20 16.34 -6.29
N ASP C 23 27.03 15.92 -5.04
CA ASP C 23 27.34 16.77 -3.85
C ASP C 23 28.83 16.70 -3.52
N LEU C 24 29.55 15.64 -3.92
CA LEU C 24 31.02 15.52 -3.70
C LEU C 24 31.79 16.26 -4.79
N VAL C 25 31.28 16.26 -6.02
CA VAL C 25 32.03 16.59 -7.27
C VAL C 25 31.08 17.41 -8.17
N GLN C 26 31.46 18.61 -8.59
CA GLN C 26 30.64 19.50 -9.44
C GLN C 26 30.98 19.22 -10.91
N ASP C 27 32.18 19.59 -11.34
CA ASP C 27 32.70 19.34 -12.71
C ASP C 27 33.46 18.01 -12.69
N CYS C 28 33.43 17.25 -13.80
CA CYS C 28 34.24 16.02 -13.97
C CYS C 28 34.09 15.43 -15.37
N ASN C 29 34.98 14.51 -15.73
CA ASN C 29 35.02 13.83 -17.04
C ASN C 29 34.38 12.45 -16.90
N PHE C 30 33.47 12.10 -17.80
CA PHE C 30 33.10 10.68 -18.10
C PHE C 30 34.05 10.20 -19.17
N ASP C 31 34.82 9.16 -18.88
CA ASP C 31 35.81 8.56 -19.83
C ASP C 31 35.14 7.37 -20.51
N CYS C 32 35.02 7.45 -21.84
CA CYS C 32 34.40 6.41 -22.69
C CYS C 32 35.49 5.68 -23.49
N ASN C 33 35.55 4.37 -23.38
CA ASN C 33 36.44 3.51 -24.21
C ASN C 33 35.67 2.21 -24.48
N ASP C 34 36.33 1.18 -25.02
CA ASP C 34 35.66 -0.10 -25.40
C ASP C 34 35.26 -0.87 -24.14
N SER C 35 35.84 -0.56 -22.97
CA SER C 35 35.49 -1.23 -21.70
C SER C 35 34.22 -0.61 -21.10
N GLY C 36 33.81 0.55 -21.59
CA GLY C 36 32.60 1.25 -21.10
C GLY C 36 32.93 2.63 -20.60
N ILE C 37 32.19 3.10 -19.60
CA ILE C 37 32.19 4.53 -19.18
C ILE C 37 32.72 4.57 -17.74
N ALA C 38 33.79 5.33 -17.53
CA ALA C 38 34.48 5.47 -16.23
C ALA C 38 34.43 6.93 -15.79
N LEU C 39 34.50 7.13 -14.48
CA LEU C 39 34.62 8.45 -13.83
C LEU C 39 35.67 8.32 -12.74
N GLN C 40 36.68 9.17 -12.74
CA GLN C 40 37.65 9.29 -11.62
C GLN C 40 37.81 10.78 -11.33
N ALA C 41 37.24 11.23 -10.21
CA ALA C 41 37.23 12.65 -9.78
C ALA C 41 37.46 12.76 -8.28
N MET C 42 38.35 13.68 -7.88
CA MET C 42 38.58 14.08 -6.48
C MET C 42 37.56 15.14 -6.10
N ASP C 43 37.15 15.21 -4.82
CA ASP C 43 36.44 16.41 -4.29
C ASP C 43 37.43 17.59 -4.26
N ASN C 44 36.93 18.82 -4.06
CA ASN C 44 37.77 20.06 -4.13
C ASN C 44 38.94 19.97 -3.14
N SER C 45 38.74 19.35 -1.98
CA SER C 45 39.76 19.27 -0.88
C SER C 45 40.82 18.21 -1.17
N HIS C 46 40.66 17.40 -2.21
CA HIS C 46 41.54 16.21 -2.47
C HIS C 46 41.57 15.30 -1.25
N VAL C 47 40.42 15.07 -0.61
CA VAL C 47 40.29 14.21 0.60
C VAL C 47 39.58 12.91 0.19
N ALA C 48 38.71 13.03 -0.80
CA ALA C 48 37.82 11.96 -1.27
C ALA C 48 38.00 11.81 -2.79
N LEU C 49 38.00 10.57 -3.26
CA LEU C 49 38.12 10.22 -4.70
C LEU C 49 36.92 9.33 -5.04
N VAL C 50 36.18 9.74 -6.08
CA VAL C 50 35.08 8.94 -6.69
C VAL C 50 35.65 8.22 -7.92
N SER C 51 35.42 6.91 -7.97
CA SER C 51 35.85 5.99 -9.05
C SER C 51 34.64 5.14 -9.47
N MET C 52 34.03 5.46 -10.62
CA MET C 52 32.89 4.71 -11.17
C MET C 52 33.32 4.01 -12.47
N MET C 53 32.82 2.80 -12.69
CA MET C 53 32.92 2.12 -13.99
C MET C 53 31.57 1.44 -14.29
N LEU C 54 30.87 1.94 -15.31
CA LEU C 54 29.78 1.21 -16.00
C LEU C 54 30.40 0.44 -17.17
N LYS C 55 30.60 -0.86 -16.98
CA LYS C 55 31.19 -1.77 -17.99
C LYS C 55 30.24 -1.88 -19.19
N ALA C 56 30.81 -2.00 -20.39
CA ALA C 56 30.12 -2.21 -21.67
C ALA C 56 29.00 -3.27 -21.54
N GLU C 57 29.24 -4.37 -20.82
CA GLU C 57 28.26 -5.49 -20.65
C GLU C 57 26.92 -4.94 -20.12
N GLY C 58 26.96 -3.83 -19.39
CA GLY C 58 25.78 -3.25 -18.72
C GLY C 58 24.84 -2.55 -19.68
N PHE C 59 25.31 -2.27 -20.89
CA PHE C 59 24.54 -1.59 -21.96
C PHE C 59 24.04 -2.66 -22.95
N SER C 60 23.24 -2.22 -23.92
CA SER C 60 22.57 -3.09 -24.92
C SER C 60 22.06 -2.23 -26.08
N PRO C 61 22.90 -1.86 -27.06
CA PRO C 61 24.33 -2.15 -27.04
C PRO C 61 25.21 -0.99 -26.54
N TYR C 62 26.51 -1.26 -26.43
CA TYR C 62 27.58 -0.27 -26.18
C TYR C 62 28.47 -0.23 -27.42
N ARG C 63 28.64 0.94 -28.05
CA ARG C 63 29.53 1.16 -29.22
C ARG C 63 30.43 2.38 -28.94
N CYS C 64 31.74 2.14 -28.77
CA CYS C 64 32.79 3.18 -28.78
C CYS C 64 33.70 2.96 -30.00
N ASP C 65 33.75 3.94 -30.90
CA ASP C 65 34.60 3.91 -32.11
C ASP C 65 35.87 4.72 -31.83
N ARG C 66 35.84 5.61 -30.85
CA ARG C 66 36.97 6.50 -30.48
C ARG C 66 36.90 6.81 -28.98
N ASN C 67 38.01 6.65 -28.26
CA ASN C 67 38.16 7.07 -26.83
C ASN C 67 37.80 8.56 -26.71
N ILE C 68 36.86 8.94 -25.83
CA ILE C 68 36.46 10.36 -25.62
C ILE C 68 36.26 10.60 -24.11
N ALA C 69 36.50 11.84 -23.69
CA ALA C 69 36.15 12.41 -22.37
C ALA C 69 34.94 13.33 -22.56
N LEU C 70 33.89 13.15 -21.77
CA LEU C 70 32.73 14.06 -21.72
C LEU C 70 32.88 14.93 -20.47
N GLY C 71 33.27 16.19 -20.64
CA GLY C 71 33.44 17.15 -19.55
C GLY C 71 32.11 17.79 -19.19
N VAL C 72 31.57 17.42 -18.04
CA VAL C 72 30.17 17.68 -17.65
C VAL C 72 30.14 18.37 -16.29
N ASN C 73 29.28 19.37 -16.14
CA ASN C 73 28.86 19.91 -14.82
C ASN C 73 27.74 18.99 -14.33
N LEU C 74 27.87 18.42 -13.14
CA LEU C 74 26.91 17.41 -12.64
C LEU C 74 25.57 18.05 -12.24
N THR C 75 25.53 19.35 -11.92
CA THR C 75 24.25 20.06 -11.67
C THR C 75 23.48 20.16 -12.99
N SER C 76 24.15 20.55 -14.07
CA SER C 76 23.58 20.61 -15.44
C SER C 76 23.08 19.21 -15.81
N LEU C 77 23.91 18.19 -15.63
CA LEU C 77 23.57 16.80 -16.01
C LEU C 77 22.35 16.33 -15.22
N THR C 78 22.28 16.67 -13.92
CA THR C 78 21.17 16.32 -12.99
C THR C 78 19.86 16.91 -13.51
N LYS C 79 19.87 18.19 -13.87
CA LYS C 79 18.70 18.92 -14.43
C LYS C 79 18.17 18.18 -15.65
N VAL C 80 19.05 17.60 -16.46
CA VAL C 80 18.67 16.86 -17.70
C VAL C 80 18.18 15.45 -17.32
N LEU C 81 18.86 14.78 -16.41
CA LEU C 81 18.51 13.40 -15.99
C LEU C 81 17.19 13.38 -15.22
N ARG C 82 16.82 14.46 -14.51
CA ARG C 82 15.49 14.61 -13.86
C ARG C 82 14.36 14.45 -14.88
N ALA C 83 14.61 14.85 -16.13
CA ALA C 83 13.63 14.76 -17.22
C ALA C 83 13.55 13.33 -17.77
N ALA C 84 14.28 12.38 -17.21
CA ALA C 84 14.16 10.94 -17.54
C ALA C 84 13.41 10.22 -16.41
N GLN C 85 12.37 9.48 -16.77
CA GLN C 85 11.70 8.49 -15.89
C GLN C 85 12.70 7.35 -15.62
N ASN C 86 12.70 6.81 -14.40
CA ASN C 86 13.51 5.62 -14.01
C ASN C 86 13.46 4.56 -15.12
N GLU C 87 12.29 4.28 -15.68
CA GLU C 87 12.05 3.12 -16.58
C GLU C 87 12.10 3.57 -18.06
N ASP C 88 12.67 4.74 -18.35
CA ASP C 88 12.92 5.19 -19.75
C ASP C 88 14.15 4.46 -20.30
N ILE C 89 14.16 4.17 -21.60
CA ILE C 89 15.39 3.71 -22.32
C ILE C 89 16.23 4.94 -22.61
N LEU C 90 17.48 4.94 -22.15
CA LEU C 90 18.42 6.09 -22.25
C LEU C 90 19.50 5.76 -23.27
N THR C 91 19.72 6.65 -24.24
CA THR C 91 20.83 6.54 -25.23
C THR C 91 21.73 7.78 -25.09
N LEU C 92 23.03 7.55 -24.93
CA LEU C 92 24.11 8.58 -24.96
C LEU C 92 24.77 8.54 -26.34
N LYS C 93 24.92 9.68 -26.99
CA LYS C 93 25.58 9.80 -28.33
C LYS C 93 26.49 11.03 -28.36
N ALA C 94 27.68 10.90 -28.94
CA ALA C 94 28.68 11.99 -29.05
C ALA C 94 29.58 11.78 -30.28
N GLU C 95 30.06 12.84 -30.92
CA GLU C 95 31.02 12.78 -32.08
C GLU C 95 32.46 12.77 -31.55
N PRO C 98 34.21 16.18 -28.98
CA PRO C 98 32.79 16.62 -28.98
C PRO C 98 32.48 17.83 -28.07
N ASP C 99 31.68 18.74 -28.61
CA ASP C 99 31.17 19.96 -27.92
C ASP C 99 29.92 19.64 -27.11
N VAL C 100 29.23 18.56 -27.47
CA VAL C 100 27.85 18.23 -26.98
C VAL C 100 27.74 16.74 -26.68
N LEU C 101 27.08 16.40 -25.58
CA LEU C 101 26.55 15.04 -25.27
C LEU C 101 25.06 15.03 -25.60
N ASN C 102 24.65 14.23 -26.58
CA ASN C 102 23.24 13.98 -26.94
C ASN C 102 22.68 12.90 -26.01
N LEU C 103 21.59 13.19 -25.27
CA LEU C 103 20.82 12.21 -24.47
C LEU C 103 19.42 12.06 -25.07
N VAL C 104 19.02 10.83 -25.39
CA VAL C 104 17.65 10.46 -25.84
C VAL C 104 17.00 9.59 -24.75
N PHE C 105 15.81 9.97 -24.29
CA PHE C 105 14.99 9.22 -23.31
C PHE C 105 13.71 8.76 -23.99
N GLU C 106 13.53 7.43 -24.11
CA GLU C 106 12.32 6.80 -24.71
C GLU C 106 11.49 6.14 -23.60
N SER C 107 10.20 6.46 -23.53
CA SER C 107 9.19 5.88 -22.60
C SER C 107 9.28 4.34 -22.58
N GLU C 109 6.51 2.82 -21.64
CA GLU C 109 5.03 2.77 -21.85
C GLU C 109 4.69 3.34 -23.24
N THR C 110 4.67 4.67 -23.43
CA THR C 110 4.12 5.36 -24.65
C THR C 110 5.18 5.41 -25.76
N ASP C 111 4.97 6.27 -26.78
CA ASP C 111 5.85 6.49 -27.96
C ASP C 111 6.71 7.74 -27.72
N ARG C 112 6.55 8.40 -26.55
CA ARG C 112 7.24 9.65 -26.16
C ARG C 112 8.78 9.53 -26.29
N ILE C 113 9.42 10.50 -26.94
CA ILE C 113 10.90 10.62 -27.07
C ILE C 113 11.34 11.98 -26.53
N SER C 114 12.18 11.98 -25.50
CA SER C 114 12.89 13.16 -24.95
C SER C 114 14.30 13.21 -25.54
N GLU C 115 14.73 14.38 -26.01
CA GLU C 115 16.05 14.60 -26.63
C GLU C 115 16.70 15.84 -26.01
N TYR C 116 17.89 15.68 -25.45
CA TYR C 116 18.69 16.78 -24.84
C TYR C 116 20.08 16.80 -25.47
N ASP C 117 20.57 18.01 -25.75
CA ASP C 117 21.97 18.30 -26.13
C ASP C 117 22.59 19.10 -25.01
N LEU C 118 23.45 18.47 -24.23
CA LEU C 118 24.14 19.08 -23.06
C LEU C 118 25.48 19.65 -23.53
N LYS C 119 25.68 20.97 -23.42
CA LYS C 119 26.98 21.65 -23.70
C LYS C 119 28.04 21.04 -22.80
N LEU C 120 29.13 20.53 -23.40
CA LEU C 120 30.30 19.99 -22.65
C LEU C 120 31.31 21.11 -22.39
N MET C 121 32.18 20.93 -21.41
CA MET C 121 33.34 21.82 -21.12
C MET C 121 34.64 21.01 -21.23
N ASP C 122 35.73 21.65 -21.65
CA ASP C 122 37.10 21.07 -21.55
C ASP C 122 37.45 21.04 -20.05
N ILE C 123 37.75 19.85 -19.53
CA ILE C 123 38.17 19.61 -18.12
C ILE C 123 39.43 18.73 -18.15
N ASP C 124 40.56 19.21 -17.61
CA ASP C 124 41.86 18.50 -17.66
C ASP C 124 41.78 17.29 -16.73
N GLN C 125 41.92 16.07 -17.26
CA GLN C 125 41.95 14.81 -16.47
C GLN C 125 43.27 14.79 -15.70
N GLU C 126 43.26 14.45 -14.40
CA GLU C 126 44.49 14.34 -13.56
C GLU C 126 44.81 12.86 -13.33
N HIS C 127 44.57 11.98 -14.31
CA HIS C 127 44.61 10.50 -14.18
C HIS C 127 45.87 10.05 -13.43
N THR C 133 45.54 -3.32 -3.66
CA THR C 133 45.73 -3.25 -2.19
C THR C 133 45.08 -4.48 -1.53
N GLU C 134 45.87 -5.25 -0.78
CA GLU C 134 45.38 -6.31 0.14
C GLU C 134 45.05 -5.63 1.47
N TYR C 135 43.79 -5.23 1.66
CA TYR C 135 43.31 -4.49 2.85
C TYR C 135 43.49 -5.33 4.12
N ALA C 136 43.60 -4.69 5.27
CA ALA C 136 43.69 -5.35 6.60
C ALA C 136 42.34 -5.99 6.96
N ALA C 137 41.23 -5.29 6.70
CA ALA C 137 39.85 -5.75 6.98
C ALA C 137 38.91 -5.36 5.85
N THR C 138 37.98 -6.22 5.46
CA THR C 138 36.79 -5.82 4.68
C THR C 138 35.53 -6.22 5.46
N ILE C 139 34.55 -5.31 5.53
CA ILE C 139 33.19 -5.56 6.10
C ILE C 139 32.19 -5.44 4.95
N THR C 140 31.47 -6.52 4.64
CA THR C 140 30.24 -6.44 3.83
C THR C 140 29.04 -6.31 4.78
N MET C 141 28.16 -5.35 4.51
CA MET C 141 26.95 -5.08 5.33
C MET C 141 25.89 -4.41 4.46
N PRO C 142 24.60 -4.44 4.88
CA PRO C 142 23.53 -3.75 4.16
C PRO C 142 23.84 -2.26 4.06
N SER C 143 23.57 -1.67 2.88
CA SER C 143 23.85 -0.26 2.54
C SER C 143 23.17 0.66 3.53
N ASN C 144 21.91 0.33 3.83
CA ASN C 144 21.00 1.12 4.70
C ASN C 144 21.52 1.07 6.13
N GLU C 145 22.17 -0.03 6.54
CA GLU C 145 22.77 -0.12 7.89
C GLU C 145 23.89 0.92 7.95
N PHE C 146 24.75 0.98 6.94
CA PHE C 146 25.87 1.96 6.89
C PHE C 146 25.32 3.40 6.87
N LYS C 147 24.24 3.64 6.11
CA LYS C 147 23.59 4.97 6.06
C LYS C 147 23.05 5.36 7.45
N ARG C 148 22.32 4.45 8.08
CA ARG C 148 21.72 4.65 9.42
C ARG C 148 22.82 5.05 10.42
N ILE C 149 23.90 4.27 10.48
CA ILE C 149 25.02 4.46 11.46
C ILE C 149 25.69 5.82 11.22
N THR C 150 26.10 6.14 10.00
CA THR C 150 26.86 7.39 9.70
C THR C 150 25.98 8.62 9.96
N THR C 151 24.73 8.59 9.52
CA THR C 151 23.72 9.67 9.74
C THR C 151 23.49 9.87 11.25
N ASP C 152 23.30 8.78 11.98
CA ASP C 152 22.98 8.83 13.43
C ASP C 152 24.17 9.45 14.18
N LEU C 153 25.39 8.95 13.96
CA LEU C 153 26.60 9.43 14.69
C LEU C 153 26.95 10.87 14.28
N MET C 154 26.65 11.26 13.05
CA MET C 154 26.94 12.64 12.57
C MET C 154 26.13 13.66 13.38
N ALA C 155 25.01 13.27 13.99
CA ALA C 155 24.17 14.18 14.81
C ALA C 155 24.96 14.67 16.03
N MET C 156 25.97 13.92 16.46
CA MET C 156 26.68 14.18 17.73
C MET C 156 28.20 14.22 17.57
N SER C 157 28.75 14.07 16.38
CA SER C 157 30.22 14.07 16.16
C SER C 157 30.56 14.31 14.68
N GLU C 158 31.73 14.91 14.45
CA GLU C 158 32.32 15.17 13.11
C GLU C 158 33.08 13.92 12.65
N SER C 159 33.46 13.05 13.59
CA SER C 159 34.41 11.91 13.39
C SER C 159 33.82 10.60 13.91
N VAL C 160 34.14 9.51 13.22
CA VAL C 160 33.84 8.12 13.65
C VAL C 160 35.14 7.30 13.59
N THR C 161 35.39 6.52 14.63
CA THR C 161 36.43 5.48 14.65
C THR C 161 35.79 4.17 14.24
N ILE C 162 36.44 3.46 13.31
CA ILE C 162 36.02 2.12 12.82
C ILE C 162 37.06 1.13 13.30
N GLU C 163 36.64 0.25 14.21
CA GLU C 163 37.42 -0.87 14.81
C GLU C 163 36.89 -2.19 14.25
N ALA C 164 37.77 -3.09 13.81
CA ALA C 164 37.43 -4.43 13.26
C ALA C 164 38.24 -5.52 13.98
N ASN C 165 37.64 -6.69 14.20
CA ASN C 165 38.31 -7.98 14.53
C ASN C 165 37.52 -9.12 13.86
N GLY C 168 33.50 -9.02 14.83
CA GLY C 168 32.62 -7.89 14.46
C GLY C 168 33.33 -6.57 14.28
N VAL C 169 32.55 -5.48 14.11
CA VAL C 169 33.03 -4.11 13.81
C VAL C 169 32.30 -3.13 14.73
N LYS C 170 33.03 -2.15 15.28
CA LYS C 170 32.46 -1.09 16.16
C LYS C 170 32.74 0.27 15.52
N PHE C 171 31.66 1.05 15.34
CA PHE C 171 31.70 2.49 14.96
C PHE C 171 31.43 3.28 16.25
N SER C 172 32.32 4.19 16.61
CA SER C 172 32.22 4.96 17.87
C SER C 172 32.69 6.37 17.60
N CYS C 173 32.24 7.29 18.45
CA CYS C 173 32.44 8.74 18.29
C CYS C 173 32.35 9.35 19.67
N GLN C 174 32.82 10.56 19.86
CA GLN C 174 32.52 11.35 21.07
C GLN C 174 32.35 12.81 20.64
N GLY C 175 31.58 13.55 21.40
CA GLY C 175 31.18 14.92 21.04
C GLY C 175 30.68 15.65 22.24
N ASP C 176 30.00 16.77 22.04
CA ASP C 176 29.67 17.74 23.11
C ASP C 176 28.68 17.07 24.09
N ILE C 177 27.74 16.28 23.58
CA ILE C 177 26.64 15.65 24.39
C ILE C 177 27.12 14.33 25.04
N GLY C 178 28.21 13.71 24.56
CA GLY C 178 28.78 12.49 25.18
C GLY C 178 29.36 11.53 24.15
N ASN C 179 29.35 10.23 24.44
CA ASN C 179 29.94 9.17 23.57
C ASN C 179 28.85 8.28 22.97
N GLY C 180 29.10 7.78 21.75
CA GLY C 180 28.22 6.85 21.04
C GLY C 180 29.02 5.76 20.36
N SER C 181 28.47 4.55 20.28
CA SER C 181 29.03 3.44 19.48
C SER C 181 27.91 2.58 18.86
N VAL C 182 28.18 1.96 17.72
CA VAL C 182 27.36 0.86 17.16
C VAL C 182 28.29 -0.32 16.92
N THR C 183 27.94 -1.50 17.44
CA THR C 183 28.68 -2.76 17.25
C THR C 183 27.84 -3.71 16.39
N LEU C 184 28.46 -4.25 15.32
CA LEU C 184 27.88 -5.29 14.44
C LEU C 184 28.71 -6.57 14.58
N ARG C 185 28.08 -7.66 14.98
CA ARG C 185 28.70 -9.01 15.03
C ARG C 185 28.66 -9.59 13.60
N GLN C 186 29.75 -10.23 13.17
CA GLN C 186 29.79 -11.12 11.98
C GLN C 186 28.57 -12.04 12.09
N HIS C 187 27.70 -12.11 11.08
CA HIS C 187 26.56 -13.05 11.07
C HIS C 187 26.11 -13.33 9.63
N THR C 188 25.84 -14.59 9.34
CA THR C 188 25.31 -15.02 8.02
C THR C 188 23.80 -15.15 8.14
N ASN C 189 23.05 -14.39 7.35
CA ASN C 189 21.59 -14.53 7.17
C ASN C 189 21.37 -15.46 5.96
N VAL C 190 20.87 -16.67 6.20
CA VAL C 190 20.70 -17.69 5.14
C VAL C 190 19.56 -17.26 4.19
N GLU C 191 18.44 -16.72 4.72
CA GLU C 191 17.23 -16.38 3.92
C GLU C 191 17.51 -15.08 3.17
N LYS C 192 18.06 -14.07 3.85
CA LYS C 192 18.24 -12.70 3.30
C LYS C 192 19.74 -12.36 3.30
N PRO C 193 20.51 -12.88 2.32
CA PRO C 193 21.96 -12.71 2.28
C PRO C 193 22.47 -11.27 2.36
N ASN C 194 21.72 -10.30 1.81
CA ASN C 194 22.10 -8.87 1.83
C ASN C 194 22.09 -8.33 3.27
N GLU C 195 21.37 -8.98 4.18
CA GLU C 195 21.29 -8.56 5.61
C GLU C 195 22.48 -9.12 6.41
N SER C 196 23.35 -9.92 5.82
CA SER C 196 24.52 -10.53 6.51
C SER C 196 25.51 -9.43 6.93
N ILE C 197 26.31 -9.69 7.94
CA ILE C 197 27.55 -8.92 8.25
C ILE C 197 28.74 -9.87 8.03
N GLU C 198 29.48 -9.69 6.95
CA GLU C 198 30.64 -10.56 6.60
C GLU C 198 31.92 -9.77 6.84
N ILE C 199 32.86 -10.35 7.58
CA ILE C 199 34.16 -9.71 7.94
C ILE C 199 35.31 -10.64 7.54
N GLU C 200 36.17 -10.20 6.60
CA GLU C 200 37.42 -10.91 6.17
C GLU C 200 38.64 -10.24 6.82
N SER C 206 42.00 -0.16 13.47
CA SER C 206 41.18 0.97 14.00
C SER C 206 41.62 2.27 13.31
N LEU C 207 40.69 2.94 12.64
CA LEU C 207 40.93 4.22 11.93
C LEU C 207 39.75 5.16 12.14
N THR C 208 40.02 6.45 12.00
CA THR C 208 39.08 7.57 12.24
C THR C 208 38.86 8.32 10.92
N PHE C 209 37.61 8.68 10.64
CA PHE C 209 37.17 9.33 9.39
C PHE C 209 36.16 10.45 9.68
N SER C 210 36.12 11.46 8.80
CA SER C 210 35.07 12.49 8.75
C SER C 210 33.72 11.84 8.44
N LEU C 211 32.73 12.06 9.32
CA LEU C 211 31.33 11.59 9.13
C LEU C 211 30.68 12.37 7.99
N LYS C 212 31.04 13.65 7.78
CA LYS C 212 30.50 14.46 6.67
C LYS C 212 30.72 13.71 5.35
N TYR C 213 31.91 13.17 5.13
CA TYR C 213 32.25 12.45 3.87
C TYR C 213 31.49 11.12 3.79
N LEU C 214 31.50 10.36 4.89
CA LEU C 214 30.88 9.01 4.92
C LEU C 214 29.37 9.16 4.62
N VAL C 215 28.72 10.15 5.25
CA VAL C 215 27.27 10.41 5.04
C VAL C 215 27.04 10.71 3.55
N ASN C 216 27.88 11.56 2.93
CA ASN C 216 27.86 11.85 1.48
C ASN C 216 27.95 10.54 0.66
N PHE C 217 28.90 9.65 0.97
CA PHE C 217 29.02 8.36 0.25
C PHE C 217 27.71 7.57 0.36
N CYS C 218 27.00 7.69 1.49
CA CYS C 218 25.77 6.92 1.77
C CYS C 218 24.58 7.40 0.93
N LYS C 219 24.74 8.50 0.18
CA LYS C 219 23.75 8.89 -0.84
C LYS C 219 23.76 7.90 -2.02
N ALA C 220 24.71 6.97 -2.08
CA ALA C 220 24.73 5.90 -3.09
C ALA C 220 23.98 4.64 -2.62
N SER C 221 23.35 4.67 -1.44
CA SER C 221 22.70 3.49 -0.80
C SER C 221 21.67 2.84 -1.73
N ALA C 222 21.01 3.63 -2.56
CA ALA C 222 19.94 3.19 -3.50
C ALA C 222 20.51 2.42 -4.70
N LEU C 223 21.83 2.41 -4.91
CA LEU C 223 22.47 1.74 -6.07
C LEU C 223 22.73 0.26 -5.80
N SER C 224 22.82 -0.16 -4.54
CA SER C 224 23.32 -1.50 -4.13
C SER C 224 22.74 -1.84 -2.76
N ASN C 225 22.27 -3.07 -2.56
CA ASN C 225 21.71 -3.51 -1.25
C ASN C 225 22.83 -3.70 -0.22
N THR C 226 24.07 -3.92 -0.67
CA THR C 226 25.21 -4.12 0.24
C THR C 226 26.31 -3.11 -0.09
N VAL C 227 27.20 -2.89 0.88
CA VAL C 227 28.35 -1.96 0.78
C VAL C 227 29.54 -2.71 1.37
N LYS C 228 30.70 -2.59 0.72
CA LYS C 228 31.98 -3.20 1.15
C LYS C 228 32.87 -2.06 1.67
N ILE C 229 33.19 -2.12 2.96
CA ILE C 229 34.10 -1.15 3.64
C ILE C 229 35.44 -1.85 3.87
N CYS C 230 36.50 -1.30 3.29
CA CYS C 230 37.85 -1.90 3.25
C CYS C 230 38.84 -0.97 3.96
N LEU C 231 39.56 -1.50 4.94
CA LEU C 231 40.37 -0.71 5.91
C LEU C 231 41.81 -1.20 5.87
N SER C 232 42.75 -0.26 5.90
CA SER C 232 44.21 -0.56 5.94
C SER C 232 44.95 0.60 6.60
N ASN C 233 45.92 0.31 7.44
CA ASN C 233 46.77 1.36 8.06
C ASN C 233 47.47 2.14 6.94
N GLU C 234 47.90 1.50 5.86
CA GLU C 234 48.77 2.12 4.83
C GLU C 234 47.95 3.00 3.86
N VAL C 235 46.72 2.61 3.48
CA VAL C 235 46.04 3.20 2.29
C VAL C 235 44.71 3.81 2.71
N PRO C 236 44.08 4.66 1.87
CA PRO C 236 42.78 5.24 2.20
C PRO C 236 41.66 4.19 2.30
N LEU C 237 40.61 4.52 3.04
CA LEU C 237 39.36 3.72 3.18
C LEU C 237 38.74 3.57 1.79
N LEU C 238 38.38 2.36 1.42
CA LEU C 238 37.53 2.07 0.24
C LEU C 238 36.12 1.76 0.72
N VAL C 239 35.14 2.57 0.30
CA VAL C 239 33.68 2.27 0.44
C VAL C 239 33.17 1.96 -0.97
N GLU C 240 32.84 0.69 -1.22
CA GLU C 240 32.47 0.18 -2.55
C GLU C 240 31.00 -0.23 -2.58
N TYR C 241 30.25 0.31 -3.54
CA TYR C 241 28.89 -0.10 -3.94
C TYR C 241 29.03 -0.90 -5.23
N SER C 242 29.15 -2.22 -5.12
CA SER C 242 29.26 -3.16 -6.25
C SER C 242 27.90 -3.25 -6.94
N LEU C 243 27.93 -3.21 -8.27
CA LEU C 243 26.73 -3.24 -9.14
C LEU C 243 26.69 -4.56 -9.92
N GLY C 244 25.64 -4.74 -10.74
CA GLY C 244 25.53 -5.87 -11.68
C GLY C 244 26.82 -6.08 -12.46
N GLY C 245 27.18 -7.36 -12.68
CA GLY C 245 28.47 -7.76 -13.23
C GLY C 245 29.62 -7.16 -12.46
N SER C 246 30.63 -6.62 -13.14
CA SER C 246 31.85 -6.06 -12.51
C SER C 246 31.84 -4.53 -12.57
N SER C 247 30.69 -3.90 -12.79
CA SER C 247 30.51 -2.42 -12.67
C SER C 247 30.54 -2.04 -11.20
N TYR C 248 30.91 -0.80 -10.87
CA TYR C 248 31.00 -0.37 -9.46
C TYR C 248 30.98 1.16 -9.33
N LEU C 249 30.54 1.60 -8.16
CA LEU C 249 30.77 2.96 -7.64
C LEU C 249 31.65 2.83 -6.40
N ARG C 250 32.81 3.48 -6.39
CA ARG C 250 33.78 3.40 -5.28
C ARG C 250 34.09 4.81 -4.78
N PHE C 251 34.16 4.94 -3.47
CA PHE C 251 34.55 6.16 -2.75
C PHE C 251 35.82 5.83 -1.97
N TYR C 252 36.85 6.67 -2.08
CA TYR C 252 38.09 6.53 -1.28
C TYR C 252 38.20 7.75 -0.37
N LEU C 253 38.55 7.55 0.90
CA LEU C 253 38.58 8.63 1.89
C LEU C 253 39.85 8.54 2.73
N ALA C 254 40.64 9.61 2.73
CA ALA C 254 41.84 9.79 3.57
C ALA C 254 41.39 9.75 5.03
N PRO C 255 42.12 9.07 5.94
CA PRO C 255 41.76 9.04 7.36
C PRO C 255 42.22 10.25 8.17
N MET D 2 -43.94 1.95 12.08
CA MET D 2 -44.42 1.60 13.45
C MET D 2 -43.22 1.33 14.38
N ALA D 3 -42.96 0.06 14.77
CA ALA D 3 -42.28 -0.37 16.02
C ALA D 3 -40.81 0.02 16.07
N LEU D 4 -40.02 -0.30 15.04
CA LEU D 4 -38.55 -0.15 15.06
C LEU D 4 -38.09 0.82 13.96
N GLU D 5 -37.21 1.75 14.28
CA GLU D 5 -36.45 2.58 13.30
C GLU D 5 -35.05 2.82 13.85
N ALA D 6 -34.06 2.08 13.35
CA ALA D 6 -32.69 2.02 13.90
C ALA D 6 -31.68 2.31 12.78
N ARG D 7 -30.95 3.43 12.89
CA ARG D 7 -29.97 3.90 11.90
C ARG D 7 -28.56 3.67 12.46
N LEU D 8 -27.73 2.92 11.74
CA LEU D 8 -26.27 2.80 11.97
C LEU D 8 -25.56 3.72 10.98
N GLU D 9 -24.59 4.51 11.45
CA GLU D 9 -23.75 5.39 10.60
C GLU D 9 -23.01 4.50 9.57
N GLN D 10 -22.60 3.28 9.95
CA GLN D 10 -21.88 2.35 9.04
C GLN D 10 -22.44 0.91 9.17
N ALA D 11 -22.83 0.33 8.03
CA ALA D 11 -23.34 -1.06 7.86
C ALA D 11 -22.32 -2.09 8.34
N SER D 12 -21.03 -1.81 8.08
CA SER D 12 -19.85 -2.60 8.55
C SER D 12 -20.20 -3.41 9.80
N ILE D 13 -20.62 -2.77 10.89
CA ILE D 13 -20.75 -3.46 12.22
C ILE D 13 -21.71 -4.63 12.08
N LEU D 14 -22.85 -4.42 11.42
CA LEU D 14 -23.92 -5.44 11.33
C LEU D 14 -23.45 -6.58 10.42
N LYS D 15 -22.69 -6.25 9.36
CA LYS D 15 -22.13 -7.24 8.40
C LYS D 15 -21.15 -8.17 9.13
N LYS D 16 -20.25 -7.59 9.93
CA LYS D 16 -19.20 -8.35 10.69
C LYS D 16 -19.87 -9.24 11.74
N VAL D 17 -20.79 -8.72 12.54
CA VAL D 17 -21.56 -9.49 13.57
C VAL D 17 -22.19 -10.72 12.91
N VAL D 18 -22.94 -10.55 11.83
CA VAL D 18 -23.66 -11.69 11.17
C VAL D 18 -22.62 -12.65 10.60
N ASP D 19 -21.54 -12.13 10.00
CA ASP D 19 -20.48 -12.98 9.40
C ASP D 19 -19.84 -13.80 10.52
N ALA D 20 -19.65 -13.22 11.70
CA ALA D 20 -19.03 -13.85 12.89
C ALA D 20 -19.95 -14.95 13.48
N ILE D 21 -21.27 -14.87 13.29
CA ILE D 21 -22.27 -15.69 14.04
C ILE D 21 -22.86 -16.78 13.13
N LYS D 22 -22.86 -16.58 11.80
CA LYS D 22 -23.76 -17.34 10.87
C LYS D 22 -23.34 -18.82 10.74
N ASP D 23 -22.09 -19.18 11.04
CA ASP D 23 -21.62 -20.58 10.97
C ASP D 23 -21.99 -21.34 12.26
N LEU D 24 -22.19 -20.64 13.38
CA LEU D 24 -22.60 -21.27 14.66
C LEU D 24 -24.12 -21.50 14.69
N VAL D 25 -24.88 -20.57 14.12
CA VAL D 25 -26.34 -20.39 14.34
C VAL D 25 -26.98 -20.08 12.99
N GLN D 26 -27.98 -20.85 12.56
CA GLN D 26 -28.68 -20.67 11.26
C GLN D 26 -29.87 -19.73 11.51
N ASP D 27 -30.90 -20.21 12.20
CA ASP D 27 -32.14 -19.45 12.54
C ASP D 27 -31.92 -18.83 13.92
N CYS D 28 -32.48 -17.64 14.16
CA CYS D 28 -32.47 -16.99 15.50
C CYS D 28 -33.26 -15.67 15.49
N ASN D 29 -33.56 -15.16 16.69
CA ASN D 29 -34.34 -13.93 16.92
C ASN D 29 -33.36 -12.78 17.22
N PHE D 30 -33.51 -11.65 16.56
CA PHE D 30 -32.99 -10.34 17.02
C PHE D 30 -34.06 -9.71 17.92
N ASP D 31 -33.72 -9.46 19.17
CA ASP D 31 -34.65 -8.90 20.19
C ASP D 31 -34.44 -7.39 20.26
N CYS D 32 -35.47 -6.63 19.94
CA CYS D 32 -35.45 -5.14 19.89
C CYS D 32 -36.27 -4.58 21.04
N ASN D 33 -35.66 -3.76 21.88
CA ASN D 33 -36.35 -3.02 22.96
C ASN D 33 -35.68 -1.64 23.06
N ASP D 34 -35.96 -0.87 24.11
CA ASP D 34 -35.45 0.52 24.24
C ASP D 34 -33.95 0.48 24.58
N SER D 35 -33.40 -0.65 25.02
CA SER D 35 -31.95 -0.80 25.30
C SER D 35 -31.18 -1.06 24.00
N GLY D 36 -31.88 -1.43 22.93
CA GLY D 36 -31.25 -1.73 21.64
C GLY D 36 -31.56 -3.14 21.19
N ILE D 37 -30.63 -3.76 20.48
CA ILE D 37 -30.87 -5.01 19.71
C ILE D 37 -30.00 -6.09 20.33
N ALA D 38 -30.62 -7.18 20.78
CA ALA D 38 -29.95 -8.32 21.43
C ALA D 38 -30.16 -9.58 20.59
N LEU D 39 -29.24 -10.53 20.75
CA LEU D 39 -29.32 -11.89 20.16
C LEU D 39 -28.83 -12.87 21.22
N GLN D 40 -29.64 -13.88 21.54
CA GLN D 40 -29.21 -15.00 22.41
C GLN D 40 -29.64 -16.30 21.74
N ALA D 41 -28.69 -17.06 21.21
CA ALA D 41 -28.93 -18.32 20.45
C ALA D 41 -27.86 -19.37 20.77
N MET D 42 -28.31 -20.59 21.04
CA MET D 42 -27.46 -21.81 21.18
C MET D 42 -27.19 -22.39 19.80
N ASP D 43 -26.05 -23.02 19.58
CA ASP D 43 -25.82 -23.88 18.39
C ASP D 43 -26.66 -25.15 18.55
N ASN D 44 -26.82 -25.94 17.47
CA ASN D 44 -27.72 -27.13 17.46
C ASN D 44 -27.31 -28.12 18.56
N SER D 45 -26.02 -28.24 18.85
CA SER D 45 -25.48 -29.22 19.83
C SER D 45 -25.70 -28.78 21.28
N HIS D 46 -26.15 -27.54 21.51
CA HIS D 46 -26.25 -26.94 22.88
C HIS D 46 -24.87 -26.97 23.54
N VAL D 47 -23.82 -26.67 22.78
CA VAL D 47 -22.42 -26.67 23.27
C VAL D 47 -21.96 -25.21 23.38
N ALA D 48 -22.49 -24.36 22.51
CA ALA D 48 -22.07 -22.96 22.35
C ALA D 48 -23.32 -22.06 22.41
N LEU D 49 -23.19 -20.92 23.07
CA LEU D 49 -24.26 -19.90 23.23
C LEU D 49 -23.65 -18.57 22.75
N VAL D 50 -24.33 -17.94 21.80
CA VAL D 50 -24.00 -16.58 21.29
C VAL D 50 -24.94 -15.59 22.00
N SER D 51 -24.36 -14.56 22.59
CA SER D 51 -25.04 -13.46 23.33
C SER D 51 -24.49 -12.11 22.83
N MET D 52 -25.26 -11.41 22.00
CA MET D 52 -24.88 -10.12 21.40
C MET D 52 -25.82 -9.04 21.94
N MET D 53 -25.29 -7.85 22.22
CA MET D 53 -26.09 -6.64 22.47
C MET D 53 -25.45 -5.45 21.74
N LEU D 54 -26.15 -4.93 20.73
CA LEU D 54 -25.92 -3.59 20.15
C LEU D 54 -26.79 -2.58 20.90
N LYS D 55 -26.19 -1.85 21.84
CA LYS D 55 -26.89 -0.84 22.66
C LYS D 55 -27.39 0.31 21.79
N ALA D 56 -28.56 0.86 22.13
CA ALA D 56 -29.19 2.03 21.49
C ALA D 56 -28.16 3.15 21.23
N GLU D 57 -27.25 3.42 22.16
CA GLU D 57 -26.21 4.50 22.04
C GLU D 57 -25.43 4.33 20.73
N GLY D 58 -25.31 3.11 20.22
CA GLY D 58 -24.50 2.79 19.04
C GLY D 58 -25.16 3.22 17.74
N PHE D 59 -26.44 3.54 17.78
CA PHE D 59 -27.24 4.00 16.63
C PHE D 59 -27.36 5.53 16.69
N SER D 60 -27.97 6.13 15.67
CA SER D 60 -28.11 7.59 15.49
C SER D 60 -29.16 7.88 14.41
N PRO D 61 -30.47 7.87 14.73
CA PRO D 61 -30.96 7.47 16.05
C PRO D 61 -31.43 6.01 16.15
N TYR D 62 -31.77 5.61 17.37
CA TYR D 62 -32.48 4.34 17.70
C TYR D 62 -33.87 4.71 18.22
N ARG D 63 -34.93 4.21 17.58
CA ARG D 63 -36.35 4.37 18.02
C ARG D 63 -37.01 2.97 18.08
N CYS D 64 -37.35 2.52 19.29
CA CYS D 64 -38.26 1.37 19.54
C CYS D 64 -39.55 1.91 20.20
N ASP D 65 -40.69 1.69 19.56
CA ASP D 65 -42.02 2.07 20.10
C ASP D 65 -42.65 0.83 20.74
N ARG D 66 -42.20 -0.37 20.36
CA ARG D 66 -42.81 -1.66 20.78
C ARG D 66 -41.73 -2.74 20.74
N ASN D 67 -41.58 -3.51 21.83
CA ASN D 67 -40.69 -4.70 21.91
C ASN D 67 -41.07 -5.67 20.77
N ILE D 68 -40.11 -6.08 19.95
CA ILE D 68 -40.33 -7.06 18.84
C ILE D 68 -39.14 -8.02 18.77
N ALA D 69 -39.42 -9.25 18.34
CA ALA D 69 -38.44 -10.28 17.90
C ALA D 69 -38.46 -10.33 16.38
N LEU D 70 -37.30 -10.24 15.74
CA LEU D 70 -37.14 -10.43 14.27
C LEU D 70 -36.56 -11.84 14.07
N GLY D 71 -37.39 -12.78 13.65
CA GLY D 71 -36.99 -14.17 13.38
C GLY D 71 -36.40 -14.28 11.99
N VAL D 72 -35.10 -14.53 11.93
CA VAL D 72 -34.29 -14.40 10.69
C VAL D 72 -33.49 -15.69 10.48
N ASN D 73 -33.38 -16.14 9.24
CA ASN D 73 -32.33 -17.10 8.81
C ASN D 73 -31.07 -16.29 8.52
N LEU D 74 -29.95 -16.63 9.14
CA LEU D 74 -28.71 -15.81 9.04
C LEU D 74 -28.05 -15.96 7.66
N THR D 75 -28.29 -17.02 6.91
CA THR D 75 -27.83 -17.15 5.51
C THR D 75 -28.58 -16.13 4.65
N SER D 76 -29.90 -16.06 4.79
CA SER D 76 -30.77 -15.07 4.11
C SER D 76 -30.27 -13.67 4.46
N LEU D 77 -30.07 -13.39 5.74
CA LEU D 77 -29.67 -12.05 6.21
C LEU D 77 -28.29 -11.69 5.62
N THR D 78 -27.36 -12.67 5.56
CA THR D 78 -25.99 -12.50 5.01
C THR D 78 -26.07 -12.10 3.53
N LYS D 79 -26.90 -12.79 2.75
CA LYS D 79 -27.12 -12.53 1.32
C LYS D 79 -27.55 -11.08 1.13
N VAL D 80 -28.35 -10.54 2.05
CA VAL D 80 -28.86 -9.14 2.00
C VAL D 80 -27.76 -8.17 2.45
N LEU D 81 -27.05 -8.51 3.52
CA LEU D 81 -25.99 -7.64 4.09
C LEU D 81 -24.78 -7.55 3.15
N ARG D 82 -24.51 -8.57 2.34
CA ARG D 82 -23.47 -8.54 1.28
C ARG D 82 -23.72 -7.38 0.31
N ALA D 83 -24.99 -7.03 0.10
CA ALA D 83 -25.38 -5.94 -0.80
C ALA D 83 -25.19 -4.56 -0.14
N ALA D 84 -24.66 -4.51 1.09
CA ALA D 84 -24.28 -3.26 1.76
C ALA D 84 -22.77 -3.10 1.74
N GLN D 85 -22.30 -1.93 1.29
CA GLN D 85 -20.90 -1.49 1.45
C GLN D 85 -20.65 -1.24 2.94
N ASN D 86 -19.45 -1.55 3.42
CA ASN D 86 -18.99 -1.27 4.81
C ASN D 86 -19.43 0.15 5.22
N GLU D 87 -19.25 1.15 4.37
CA GLU D 87 -19.41 2.60 4.74
C GLU D 87 -20.78 3.11 4.27
N ASP D 88 -21.74 2.22 4.00
CA ASP D 88 -23.15 2.60 3.74
C ASP D 88 -23.85 2.94 5.07
N ILE D 89 -24.77 3.89 5.05
CA ILE D 89 -25.69 4.17 6.17
C ILE D 89 -26.81 3.13 6.11
N LEU D 90 -26.99 2.36 7.18
CA LEU D 90 -27.94 1.23 7.26
C LEU D 90 -29.11 1.63 8.17
N THR D 91 -30.34 1.50 7.69
CA THR D 91 -31.56 1.72 8.51
C THR D 91 -32.37 0.41 8.53
N LEU D 92 -32.72 -0.05 9.73
CA LEU D 92 -33.65 -1.19 9.99
C LEU D 92 -35.02 -0.58 10.33
N LYS D 93 -36.09 -1.06 9.70
CA LYS D 93 -37.49 -0.63 9.97
C LYS D 93 -38.41 -1.85 9.99
N ALA D 94 -39.35 -1.89 10.94
CA ALA D 94 -40.27 -3.03 11.16
C ALA D 94 -41.55 -2.55 11.83
N GLU D 95 -42.71 -3.15 11.51
CA GLU D 95 -44.04 -2.89 12.15
C GLU D 95 -44.20 -3.77 13.42
N ASP D 96 -45.39 -3.85 14.03
CA ASP D 96 -45.57 -4.50 15.36
C ASP D 96 -45.92 -5.99 15.21
N PRO D 98 -44.46 -8.27 13.16
CA PRO D 98 -43.95 -7.98 11.78
C PRO D 98 -43.60 -9.23 10.96
N ASP D 99 -44.06 -9.30 9.71
CA ASP D 99 -43.76 -10.40 8.76
C ASP D 99 -42.49 -10.08 7.98
N VAL D 100 -42.04 -8.82 8.00
CA VAL D 100 -40.91 -8.31 7.15
C VAL D 100 -40.02 -7.38 7.95
N LEU D 101 -38.71 -7.52 7.79
CA LEU D 101 -37.68 -6.54 8.21
C LEU D 101 -37.26 -5.74 6.96
N ASN D 102 -37.53 -4.44 6.96
CA ASN D 102 -37.09 -3.49 5.91
C ASN D 102 -35.64 -3.06 6.22
N LEU D 103 -34.70 -3.28 5.30
CA LEU D 103 -33.31 -2.74 5.37
C LEU D 103 -33.10 -1.74 4.23
N VAL D 104 -32.69 -0.51 4.57
CA VAL D 104 -32.27 0.55 3.61
C VAL D 104 -30.75 0.75 3.75
N PHE D 105 -30.02 0.69 2.64
CA PHE D 105 -28.57 0.99 2.55
C PHE D 105 -28.37 2.23 1.68
N GLU D 106 -27.85 3.31 2.28
CA GLU D 106 -27.52 4.59 1.58
C GLU D 106 -26.00 4.73 1.46
N SER D 107 -25.51 4.93 0.23
CA SER D 107 -24.10 5.25 -0.11
C SER D 107 -23.59 6.40 0.78
N SER D 108 -22.33 6.32 1.23
CA SER D 108 -21.54 7.45 1.79
C SER D 108 -20.99 8.31 0.64
N GLU D 109 -20.91 7.76 -0.58
CA GLU D 109 -20.38 8.43 -1.80
C GLU D 109 -21.55 9.01 -2.63
N THR D 110 -22.28 8.18 -3.41
CA THR D 110 -23.35 8.62 -4.36
C THR D 110 -24.67 8.86 -3.61
N ASP D 111 -25.80 9.02 -4.33
CA ASP D 111 -27.18 9.16 -3.76
C ASP D 111 -27.92 7.82 -3.90
N ARG D 112 -27.21 6.76 -4.29
CA ARG D 112 -27.64 5.34 -4.39
C ARG D 112 -28.35 4.89 -3.10
N ILE D 113 -29.54 4.29 -3.24
CA ILE D 113 -30.34 3.70 -2.13
C ILE D 113 -30.61 2.24 -2.48
N SER D 114 -30.15 1.32 -1.62
CA SER D 114 -30.53 -0.11 -1.62
C SER D 114 -31.66 -0.32 -0.61
N GLU D 115 -32.73 -1.01 -1.03
CA GLU D 115 -33.90 -1.32 -0.19
C GLU D 115 -34.19 -2.84 -0.27
N TYR D 116 -34.18 -3.51 0.88
CA TYR D 116 -34.53 -4.94 1.00
C TYR D 116 -35.69 -5.10 1.99
N ASP D 117 -36.63 -5.96 1.64
CA ASP D 117 -37.69 -6.51 2.52
C ASP D 117 -37.39 -7.99 2.72
N LEU D 118 -36.88 -8.34 3.88
CA LEU D 118 -36.49 -9.73 4.26
C LEU D 118 -37.68 -10.41 4.94
N LYS D 119 -38.19 -11.50 4.37
CA LYS D 119 -39.24 -12.37 4.99
C LYS D 119 -38.75 -12.83 6.36
N LEU D 120 -39.51 -12.54 7.42
CA LEU D 120 -39.25 -13.06 8.79
C LEU D 120 -39.99 -14.38 9.00
N MET D 121 -39.55 -15.17 9.97
CA MET D 121 -40.25 -16.41 10.43
C MET D 121 -40.53 -16.28 11.94
N ASP D 122 -41.61 -16.89 12.43
CA ASP D 122 -41.86 -17.09 13.88
C ASP D 122 -40.83 -18.11 14.38
N ILE D 123 -40.03 -17.74 15.37
CA ILE D 123 -38.99 -18.60 16.00
C ILE D 123 -39.18 -18.50 17.52
N ASP D 124 -39.43 -19.63 18.17
CA ASP D 124 -39.58 -19.75 19.65
C ASP D 124 -38.19 -19.51 20.27
N GLN D 125 -38.07 -18.48 21.11
CA GLN D 125 -36.85 -18.07 21.85
C GLN D 125 -36.39 -19.21 22.78
N GLU D 126 -35.11 -19.56 22.75
CA GLU D 126 -34.55 -20.76 23.42
C GLU D 126 -34.73 -20.66 24.94
N LEU D 128 -31.19 -19.31 27.57
CA LEU D 128 -31.11 -19.66 29.01
C LEU D 128 -31.03 -18.38 29.85
N GLY D 129 -30.96 -18.55 31.17
CA GLY D 129 -30.48 -17.50 32.11
C GLY D 129 -29.01 -17.68 32.37
N ILE D 130 -28.20 -16.62 32.17
CA ILE D 130 -26.74 -16.65 32.45
C ILE D 130 -26.49 -15.90 33.75
N PRO D 131 -25.94 -16.53 34.81
CA PRO D 131 -25.67 -15.80 36.04
C PRO D 131 -24.50 -14.82 35.82
N GLU D 132 -24.55 -13.65 36.46
CA GLU D 132 -23.36 -12.80 36.74
C GLU D 132 -22.36 -13.68 37.49
N THR D 133 -21.21 -13.95 36.88
CA THR D 133 -20.21 -14.97 37.31
C THR D 133 -18.88 -14.30 37.68
N GLU D 134 -18.37 -14.58 38.88
CA GLU D 134 -17.01 -14.22 39.32
C GLU D 134 -16.05 -15.31 38.83
N TYR D 135 -15.45 -15.13 37.66
CA TYR D 135 -14.53 -16.11 37.01
C TYR D 135 -13.29 -16.32 37.88
N ALA D 136 -12.65 -17.48 37.77
CA ALA D 136 -11.36 -17.79 38.44
C ALA D 136 -10.23 -16.98 37.77
N ALA D 137 -10.21 -16.89 36.44
CA ALA D 137 -9.17 -16.19 35.65
C ALA D 137 -9.81 -15.48 34.46
N THR D 138 -9.36 -14.26 34.16
CA THR D 138 -9.64 -13.60 32.86
C THR D 138 -8.30 -13.24 32.19
N ILE D 139 -8.19 -13.50 30.89
CA ILE D 139 -7.05 -13.11 30.04
C ILE D 139 -7.57 -12.11 29.01
N THR D 140 -7.07 -10.88 29.00
CA THR D 140 -7.22 -9.96 27.85
C THR D 140 -5.98 -10.09 26.95
N MET D 141 -6.21 -10.25 25.65
CA MET D 141 -5.12 -10.42 24.64
C MET D 141 -5.63 -9.93 23.29
N PRO D 142 -4.71 -9.62 22.34
CA PRO D 142 -5.10 -9.22 20.98
C PRO D 142 -5.92 -10.33 20.33
N SER D 143 -6.99 -9.95 19.63
CA SER D 143 -7.94 -10.87 18.95
C SER D 143 -7.19 -11.80 18.00
N ASN D 144 -6.26 -11.22 17.25
CA ASN D 144 -5.47 -11.89 16.20
C ASN D 144 -4.53 -12.91 16.83
N GLU D 145 -4.06 -12.65 18.05
CA GLU D 145 -3.21 -13.62 18.79
C GLU D 145 -4.07 -14.85 19.06
N PHE D 146 -5.29 -14.66 19.57
CA PHE D 146 -6.21 -15.79 19.86
C PHE D 146 -6.57 -16.54 18.57
N LYS D 147 -6.78 -15.83 17.47
CA LYS D 147 -7.08 -16.45 16.15
C LYS D 147 -5.89 -17.31 15.68
N ARG D 148 -4.69 -16.74 15.74
CA ARG D 148 -3.43 -17.41 15.32
C ARG D 148 -3.28 -18.72 16.11
N ILE D 149 -3.40 -18.65 17.45
CA ILE D 149 -3.19 -19.80 18.36
C ILE D 149 -4.23 -20.90 18.07
N THR D 150 -5.53 -20.58 18.03
CA THR D 150 -6.60 -21.58 17.86
C THR D 150 -6.48 -22.26 16.48
N THR D 151 -6.27 -21.47 15.42
CA THR D 151 -6.07 -21.96 14.04
C THR D 151 -4.84 -22.88 13.97
N ASP D 152 -3.73 -22.47 14.58
CA ASP D 152 -2.45 -23.21 14.53
C ASP D 152 -2.65 -24.58 15.21
N LEU D 153 -3.17 -24.60 16.44
CA LEU D 153 -3.33 -25.85 17.23
C LEU D 153 -4.39 -26.77 16.60
N MET D 154 -5.39 -26.19 15.93
CA MET D 154 -6.45 -27.00 15.26
C MET D 154 -5.84 -27.87 14.15
N ALA D 155 -4.68 -27.50 13.60
CA ALA D 155 -4.02 -28.26 12.51
C ALA D 155 -3.61 -29.65 13.03
N MET D 156 -3.43 -29.78 14.34
CA MET D 156 -2.82 -30.99 14.95
C MET D 156 -3.64 -31.55 16.10
N SER D 157 -4.79 -30.98 16.42
CA SER D 157 -5.64 -31.46 17.55
C SER D 157 -7.06 -30.91 17.43
N GLU D 158 -8.02 -31.67 17.97
CA GLU D 158 -9.46 -31.35 18.08
C GLU D 158 -9.69 -30.50 19.33
N SER D 159 -8.77 -30.57 20.30
CA SER D 159 -8.93 -30.07 21.70
C SER D 159 -7.73 -29.23 22.10
N VAL D 160 -7.98 -28.19 22.90
CA VAL D 160 -6.94 -27.34 23.54
C VAL D 160 -7.25 -27.26 25.04
N THR D 161 -6.22 -27.39 25.87
CA THR D 161 -6.29 -27.06 27.31
C THR D 161 -5.82 -25.63 27.49
N ILE D 162 -6.58 -24.85 28.25
CA ILE D 162 -6.26 -23.46 28.64
C ILE D 162 -5.94 -23.47 30.13
N GLU D 163 -4.68 -23.22 30.47
CA GLU D 163 -4.11 -23.11 31.83
C GLU D 163 -3.79 -21.63 32.09
N ALA D 164 -4.26 -21.09 33.22
CA ALA D 164 -3.96 -19.72 33.69
C ALA D 164 -3.35 -19.76 35.09
N ASN D 165 -2.36 -18.89 35.34
CA ASN D 165 -1.78 -18.57 36.67
C ASN D 165 -1.39 -17.09 36.69
N LYS D 166 -0.81 -16.58 37.78
CA LYS D 166 -0.44 -15.14 37.92
C LYS D 166 0.50 -14.75 36.77
N ASP D 167 1.45 -15.63 36.43
CA ASP D 167 2.56 -15.37 35.48
C ASP D 167 2.05 -15.21 34.03
N GLY D 168 1.16 -16.12 33.59
CA GLY D 168 0.74 -16.17 32.18
C GLY D 168 -0.33 -17.22 31.90
N VAL D 169 -0.59 -17.49 30.61
CA VAL D 169 -1.60 -18.46 30.11
C VAL D 169 -0.93 -19.38 29.08
N LYS D 170 -1.20 -20.70 29.19
CA LYS D 170 -0.67 -21.72 28.26
C LYS D 170 -1.85 -22.40 27.57
N PHE D 171 -1.81 -22.42 26.23
CA PHE D 171 -2.68 -23.23 25.35
C PHE D 171 -1.85 -24.43 24.89
N SER D 172 -2.33 -25.63 25.13
CA SER D 172 -1.59 -26.86 24.79
C SER D 172 -2.58 -27.91 24.29
N CYS D 173 -2.07 -28.83 23.51
CA CYS D 173 -2.86 -29.84 22.78
C CYS D 173 -1.97 -31.04 22.57
N GLN D 174 -2.56 -32.20 22.31
CA GLN D 174 -1.78 -33.37 21.85
C GLN D 174 -2.59 -34.05 20.74
N GLY D 175 -1.90 -34.70 19.83
CA GLY D 175 -2.51 -35.29 18.63
C GLY D 175 -1.65 -36.39 18.11
N ASP D 176 -1.96 -36.84 16.91
CA ASP D 176 -1.30 -37.97 16.22
C ASP D 176 0.19 -37.61 15.99
N ILE D 177 0.50 -36.35 15.64
CA ILE D 177 1.88 -35.92 15.28
C ILE D 177 2.72 -35.58 16.54
N GLY D 178 2.10 -35.36 17.69
CA GLY D 178 2.80 -35.09 18.97
C GLY D 178 2.11 -34.03 19.82
N ASN D 179 2.87 -33.25 20.60
CA ASN D 179 2.33 -32.18 21.48
C ASN D 179 2.68 -30.78 20.98
N GLY D 180 1.79 -29.83 21.25
CA GLY D 180 2.00 -28.39 20.98
C GLY D 180 1.52 -27.56 22.14
N SER D 181 2.23 -26.46 22.44
CA SER D 181 1.77 -25.46 23.43
C SER D 181 2.16 -24.04 22.98
N VAL D 182 1.35 -23.06 23.36
CA VAL D 182 1.70 -21.62 23.25
C VAL D 182 1.55 -21.01 24.64
N THR D 183 2.60 -20.36 25.14
CA THR D 183 2.62 -19.70 26.46
C THR D 183 2.74 -18.19 26.26
N LEU D 184 1.83 -17.42 26.89
CA LEU D 184 1.83 -15.94 26.91
C LEU D 184 2.03 -15.47 28.35
N ARG D 185 3.10 -14.72 28.60
CA ARG D 185 3.36 -14.03 29.87
C ARG D 185 2.52 -12.74 29.92
N GLN D 186 1.94 -12.46 31.09
CA GLN D 186 1.41 -11.11 31.45
C GLN D 186 2.39 -10.04 30.96
N HIS D 187 1.97 -9.09 30.14
CA HIS D 187 2.84 -7.95 29.72
C HIS D 187 2.00 -6.72 29.34
N THR D 188 2.41 -5.54 29.80
CA THR D 188 1.76 -4.26 29.45
C THR D 188 2.56 -3.62 28.32
N ASN D 189 1.92 -3.39 27.17
CA ASN D 189 2.49 -2.62 26.02
C ASN D 189 2.04 -1.16 26.18
N VAL D 190 2.95 -0.26 26.51
CA VAL D 190 2.61 1.16 26.77
C VAL D 190 2.16 1.85 25.46
N GLU D 191 2.84 1.60 24.34
CA GLU D 191 2.62 2.30 23.04
C GLU D 191 1.38 1.70 22.38
N LYS D 192 1.27 0.36 22.37
CA LYS D 192 0.19 -0.36 21.65
C LYS D 192 -0.63 -1.17 22.66
N PRO D 193 -1.54 -0.51 23.42
CA PRO D 193 -2.27 -1.16 24.51
C PRO D 193 -3.02 -2.45 24.14
N ASN D 194 -3.55 -2.52 22.92
CA ASN D 194 -4.30 -3.72 22.43
C ASN D 194 -3.38 -4.94 22.35
N GLU D 195 -2.06 -4.74 22.26
CA GLU D 195 -1.06 -5.85 22.20
C GLU D 195 -0.70 -6.35 23.60
N SER D 196 -1.23 -5.78 24.67
CA SER D 196 -0.96 -6.22 26.06
C SER D 196 -1.52 -7.62 26.28
N ILE D 197 -0.93 -8.39 27.21
CA ILE D 197 -1.54 -9.61 27.79
C ILE D 197 -1.84 -9.31 29.26
N GLU D 198 -3.10 -9.11 29.60
CA GLU D 198 -3.53 -8.76 30.98
C GLU D 198 -4.22 -9.99 31.58
N ILE D 199 -3.80 -10.39 32.79
CA ILE D 199 -4.35 -11.56 33.53
C ILE D 199 -4.85 -11.11 34.91
N GLU D 200 -6.15 -11.18 35.15
CA GLU D 200 -6.77 -11.10 36.50
C GLU D 200 -7.14 -12.53 36.92
N LEU D 201 -6.58 -13.03 38.01
CA LEU D 201 -6.76 -14.45 38.42
C LEU D 201 -6.90 -14.53 39.94
N SER D 202 -8.05 -14.98 40.44
CA SER D 202 -8.32 -15.29 41.86
C SER D 202 -7.66 -16.63 42.23
N GLU D 203 -7.59 -17.57 41.29
CA GLU D 203 -6.99 -18.92 41.52
C GLU D 203 -6.58 -19.55 40.20
N PRO D 204 -5.54 -20.40 40.19
CA PRO D 204 -5.16 -21.15 38.98
C PRO D 204 -6.32 -22.03 38.51
N VAL D 205 -6.42 -22.20 37.19
CA VAL D 205 -7.58 -22.85 36.53
C VAL D 205 -7.09 -23.45 35.19
N SER D 206 -7.59 -24.63 34.85
CA SER D 206 -7.23 -25.37 33.62
C SER D 206 -8.47 -26.09 33.09
N LEU D 207 -8.86 -25.81 31.85
CA LEU D 207 -9.99 -26.49 31.18
C LEU D 207 -9.64 -26.78 29.72
N THR D 208 -10.38 -27.72 29.16
CA THR D 208 -10.21 -28.28 27.80
C THR D 208 -11.46 -27.96 26.98
N PHE D 209 -11.25 -27.53 25.72
CA PHE D 209 -12.32 -27.08 24.78
C PHE D 209 -12.07 -27.62 23.38
N SER D 210 -13.15 -27.80 22.61
CA SER D 210 -13.13 -28.04 21.15
C SER D 210 -12.49 -26.84 20.43
N LEU D 211 -11.43 -27.09 19.66
CA LEU D 211 -10.76 -26.07 18.82
C LEU D 211 -11.69 -25.66 17.67
N LYS D 212 -12.52 -26.56 17.16
CA LYS D 212 -13.51 -26.24 16.08
C LYS D 212 -14.35 -25.03 16.53
N TYR D 213 -14.84 -25.01 17.77
CA TYR D 213 -15.72 -23.92 18.27
C TYR D 213 -14.89 -22.65 18.47
N LEU D 214 -13.71 -22.76 19.09
CA LEU D 214 -12.85 -21.60 19.39
C LEU D 214 -12.46 -20.90 18.09
N VAL D 215 -12.07 -21.68 17.06
CA VAL D 215 -11.71 -21.14 15.72
C VAL D 215 -12.92 -20.37 15.16
N ASN D 216 -14.11 -20.95 15.25
CA ASN D 216 -15.40 -20.30 14.85
C ASN D 216 -15.57 -18.96 15.59
N PHE D 217 -15.38 -18.91 16.90
CA PHE D 217 -15.50 -17.65 17.66
C PHE D 217 -14.52 -16.61 17.10
N CYS D 218 -13.36 -17.05 16.61
CA CYS D 218 -12.27 -16.16 16.13
C CYS D 218 -12.63 -15.53 14.77
N LYS D 219 -13.74 -15.93 14.15
CA LYS D 219 -14.30 -15.20 12.98
C LYS D 219 -14.84 -13.84 13.42
N ALA D 220 -14.92 -13.54 14.71
CA ALA D 220 -15.31 -12.21 15.24
C ALA D 220 -14.09 -11.30 15.44
N SER D 221 -12.87 -11.74 15.09
CA SER D 221 -11.60 -11.02 15.35
C SER D 221 -11.63 -9.60 14.77
N ALA D 222 -12.33 -9.40 13.66
CA ALA D 222 -12.40 -8.10 12.95
C ALA D 222 -13.33 -7.10 13.68
N LEU D 223 -14.07 -7.52 14.69
CA LEU D 223 -15.04 -6.67 15.44
C LEU D 223 -14.35 -5.91 16.58
N SER D 224 -13.22 -6.39 17.08
CA SER D 224 -12.59 -5.91 18.33
C SER D 224 -11.10 -6.27 18.29
N ASN D 225 -10.22 -5.32 18.63
CA ASN D 225 -8.76 -5.53 18.62
C ASN D 225 -8.36 -6.43 19.78
N THR D 226 -9.15 -6.52 20.83
CA THR D 226 -8.84 -7.39 22.00
C THR D 226 -9.98 -8.38 22.25
N VAL D 227 -9.67 -9.45 22.94
CA VAL D 227 -10.64 -10.52 23.32
C VAL D 227 -10.37 -10.86 24.79
N LYS D 228 -11.44 -11.04 25.56
CA LYS D 228 -11.42 -11.42 27.00
C LYS D 228 -11.84 -12.89 27.11
N ILE D 229 -10.94 -13.74 27.57
CA ILE D 229 -11.16 -15.19 27.81
C ILE D 229 -11.28 -15.42 29.32
N CYS D 230 -12.43 -15.91 29.77
CA CYS D 230 -12.81 -16.00 31.20
C CYS D 230 -13.06 -17.46 31.56
N LEU D 231 -12.40 -17.94 32.61
CA LEU D 231 -12.31 -19.38 32.96
C LEU D 231 -12.74 -19.57 34.39
N SER D 232 -13.45 -20.67 34.63
CA SER D 232 -13.90 -21.13 35.95
C SER D 232 -14.17 -22.63 35.86
N ASN D 233 -13.77 -23.40 36.87
CA ASN D 233 -14.08 -24.84 36.92
C ASN D 233 -15.60 -25.05 36.83
N GLU D 234 -16.40 -24.19 37.46
CA GLU D 234 -17.87 -24.41 37.62
C GLU D 234 -18.63 -24.08 36.33
N VAL D 235 -18.24 -23.06 35.56
CA VAL D 235 -19.11 -22.46 34.52
C VAL D 235 -18.47 -22.59 33.14
N PRO D 236 -19.24 -22.40 32.06
CA PRO D 236 -18.70 -22.38 30.71
C PRO D 236 -17.69 -21.26 30.47
N LEU D 237 -16.82 -21.48 29.50
CA LEU D 237 -15.84 -20.49 29.00
C LEU D 237 -16.62 -19.30 28.45
N LEU D 238 -16.25 -18.09 28.84
CA LEU D 238 -16.70 -16.83 28.18
C LEU D 238 -15.55 -16.32 27.30
N VAL D 239 -15.79 -16.22 25.99
CA VAL D 239 -14.94 -15.50 25.02
C VAL D 239 -15.71 -14.25 24.61
N GLU D 240 -15.25 -13.09 25.06
CA GLU D 240 -15.96 -11.80 24.92
C GLU D 240 -15.17 -10.87 23.99
N TYR D 241 -15.84 -10.39 22.95
CA TYR D 241 -15.37 -9.29 22.04
C TYR D 241 -16.14 -8.04 22.44
N SER D 242 -15.58 -7.25 23.34
CA SER D 242 -16.19 -5.98 23.83
C SER D 242 -16.06 -4.95 22.70
N LEU D 243 -17.13 -4.20 22.47
CA LEU D 243 -17.25 -3.20 21.39
C LEU D 243 -17.32 -1.79 21.99
N GLY D 244 -17.43 -0.78 21.13
CA GLY D 244 -17.63 0.62 21.58
C GLY D 244 -18.76 0.72 22.59
N GLY D 245 -18.61 1.60 23.58
CA GLY D 245 -19.49 1.71 24.75
C GLY D 245 -19.64 0.37 25.44
N SER D 246 -20.86 -0.01 25.82
CA SER D 246 -21.13 -1.26 26.57
C SER D 246 -21.79 -2.31 25.65
N SER D 247 -21.68 -2.18 24.33
CA SER D 247 -22.11 -3.21 23.35
C SER D 247 -21.10 -4.36 23.39
N TYR D 248 -21.50 -5.57 23.02
CA TYR D 248 -20.60 -6.75 23.06
C TYR D 248 -21.11 -7.90 22.19
N LEU D 249 -20.16 -8.72 21.77
CA LEU D 249 -20.41 -10.07 21.21
C LEU D 249 -19.75 -11.05 22.18
N ARG D 250 -20.53 -11.98 22.72
CA ARG D 250 -20.04 -12.98 23.70
C ARG D 250 -20.35 -14.37 23.21
N PHE D 251 -19.36 -15.25 23.33
CA PHE D 251 -19.47 -16.69 23.01
C PHE D 251 -19.25 -17.45 24.31
N TYR D 252 -20.14 -18.38 24.63
CA TYR D 252 -20.01 -19.26 25.80
C TYR D 252 -19.83 -20.70 25.28
N LEU D 253 -18.89 -21.44 25.84
CA LEU D 253 -18.53 -22.78 25.33
C LEU D 253 -18.41 -23.75 26.51
N ALA D 254 -19.21 -24.80 26.47
CA ALA D 254 -19.19 -25.96 27.39
C ALA D 254 -17.83 -26.63 27.23
N PRO D 255 -17.16 -27.02 28.34
CA PRO D 255 -15.86 -27.67 28.26
C PRO D 255 -15.92 -29.18 27.98
N LYS D 256 -14.77 -29.78 27.67
CA LYS D 256 -14.59 -31.26 27.60
C LYS D 256 -14.12 -31.72 28.98
N ILE D 257 -14.64 -32.86 29.45
CA ILE D 257 -14.54 -33.32 30.89
C ILE D 257 -14.12 -34.80 30.96
N ALA E 3 -0.84 -12.08 -44.37
CA ALA E 3 -2.18 -11.39 -44.34
C ALA E 3 -2.27 -10.39 -43.20
N LEU E 4 -1.96 -10.79 -41.96
CA LEU E 4 -2.21 -9.96 -40.75
C LEU E 4 -0.88 -9.69 -40.03
N GLU E 5 -0.63 -8.44 -39.65
CA GLU E 5 0.46 -8.07 -38.72
C GLU E 5 -0.03 -6.92 -37.83
N ALA E 6 -0.40 -7.22 -36.60
CA ALA E 6 -1.11 -6.29 -35.68
C ALA E 6 -0.35 -6.20 -34.35
N ARG E 7 0.19 -5.03 -34.03
CA ARG E 7 1.00 -4.79 -32.81
C ARG E 7 0.16 -3.94 -31.83
N LEU E 8 -0.05 -4.44 -30.62
CA LEU E 8 -0.60 -3.68 -29.47
C LEU E 8 0.55 -3.29 -28.56
N GLU E 9 0.60 -2.02 -28.12
CA GLU E 9 1.61 -1.52 -27.16
C GLU E 9 1.50 -2.32 -25.85
N GLN E 10 0.31 -2.74 -25.45
CA GLN E 10 0.10 -3.54 -24.20
C GLN E 10 -0.86 -4.73 -24.45
N ALA E 11 -0.42 -5.94 -24.10
CA ALA E 11 -1.16 -7.23 -24.18
C ALA E 11 -2.42 -7.16 -23.32
N SER E 12 -2.33 -6.50 -22.16
CA SER E 12 -3.44 -6.22 -21.23
C SER E 12 -4.80 -6.26 -21.94
N ILE E 13 -5.00 -5.42 -22.96
CA ILE E 13 -6.34 -5.24 -23.59
C ILE E 13 -6.88 -6.58 -24.08
N LEU E 14 -6.04 -7.36 -24.75
CA LEU E 14 -6.49 -8.61 -25.41
C LEU E 14 -6.75 -9.66 -24.32
N LYS E 15 -5.97 -9.65 -23.23
CA LYS E 15 -6.13 -10.58 -22.09
C LYS E 15 -7.47 -10.32 -21.41
N LYS E 16 -7.82 -9.06 -21.17
CA LYS E 16 -9.09 -8.65 -20.50
C LYS E 16 -10.28 -9.01 -21.39
N VAL E 17 -10.25 -8.66 -22.68
CA VAL E 17 -11.32 -9.00 -23.66
C VAL E 17 -11.61 -10.51 -23.61
N VAL E 18 -10.58 -11.37 -23.74
CA VAL E 18 -10.79 -12.84 -23.77
C VAL E 18 -11.31 -13.29 -22.41
N ASP E 19 -10.76 -12.75 -21.32
CA ASP E 19 -11.18 -13.12 -19.94
C ASP E 19 -12.67 -12.76 -19.79
N ALA E 20 -13.09 -11.62 -20.35
CA ALA E 20 -14.47 -11.10 -20.27
C ALA E 20 -15.45 -11.94 -21.08
N ILE E 21 -15.00 -12.62 -22.12
CA ILE E 21 -15.87 -13.26 -23.16
C ILE E 21 -15.90 -14.79 -22.95
N LYS E 22 -14.86 -15.39 -22.37
CA LYS E 22 -14.57 -16.85 -22.51
C LYS E 22 -15.61 -17.71 -21.77
N ASP E 23 -16.32 -17.18 -20.77
CA ASP E 23 -17.36 -17.95 -20.06
C ASP E 23 -18.69 -17.93 -20.83
N LEU E 24 -18.92 -16.94 -21.69
CA LEU E 24 -20.14 -16.88 -22.55
C LEU E 24 -19.97 -17.76 -23.80
N VAL E 25 -18.77 -17.81 -24.36
CA VAL E 25 -18.45 -18.26 -25.75
C VAL E 25 -17.16 -19.09 -25.70
N GLN E 26 -17.19 -20.33 -26.18
CA GLN E 26 -16.01 -21.25 -26.18
C GLN E 26 -15.27 -21.04 -27.51
N ASP E 27 -15.87 -21.47 -28.62
CA ASP E 27 -15.32 -21.36 -30.00
C ASP E 27 -15.85 -20.07 -30.61
N CYS E 28 -15.09 -19.39 -31.47
CA CYS E 28 -15.54 -18.20 -32.24
C CYS E 28 -14.45 -17.69 -33.19
N ASN E 29 -14.86 -16.85 -34.13
CA ASN E 29 -14.00 -16.26 -35.19
C ASN E 29 -13.62 -14.84 -34.79
N PHE E 30 -12.33 -14.51 -34.84
CA PHE E 30 -11.84 -13.11 -34.88
C PHE E 30 -11.76 -12.72 -36.36
N ASP E 31 -12.52 -11.70 -36.74
CA ASP E 31 -12.61 -11.21 -38.13
C ASP E 31 -11.65 -10.03 -38.29
N CYS E 32 -10.66 -10.17 -39.17
CA CYS E 32 -9.59 -9.19 -39.43
C CYS E 32 -9.80 -8.56 -40.81
N ASN E 33 -9.92 -7.23 -40.87
CA ASN E 33 -9.99 -6.47 -42.13
C ASN E 33 -9.22 -5.16 -41.92
N ASP E 34 -9.31 -4.21 -42.84
CA ASP E 34 -8.52 -2.94 -42.75
C ASP E 34 -9.09 -2.05 -41.62
N SER E 35 -10.30 -2.31 -41.13
CA SER E 35 -10.90 -1.54 -40.01
C SER E 35 -10.38 -2.06 -38.67
N GLY E 36 -9.76 -3.24 -38.66
CA GLY E 36 -9.23 -3.86 -37.44
C GLY E 36 -9.86 -5.22 -37.18
N ILE E 37 -10.01 -5.58 -35.92
CA ILE E 37 -10.32 -6.98 -35.50
C ILE E 37 -11.68 -6.95 -34.82
N ALA E 38 -12.62 -7.73 -35.33
CA ALA E 38 -14.01 -7.82 -34.82
C ALA E 38 -14.28 -9.24 -34.36
N LEU E 39 -15.21 -9.36 -33.41
CA LEU E 39 -15.76 -10.64 -32.93
C LEU E 39 -17.26 -10.48 -32.82
N GLN E 40 -18.03 -11.36 -33.44
CA GLN E 40 -19.49 -11.46 -33.29
C GLN E 40 -19.82 -12.93 -33.05
N ALA E 41 -20.21 -13.26 -31.81
CA ALA E 41 -20.54 -14.64 -31.38
C ALA E 41 -21.76 -14.62 -30.46
N MET E 42 -22.71 -15.53 -30.71
CA MET E 42 -23.83 -15.85 -29.78
C MET E 42 -23.31 -16.83 -28.71
N ASP E 43 -23.86 -16.80 -27.50
CA ASP E 43 -23.70 -17.90 -26.52
C ASP E 43 -24.45 -19.14 -27.04
N ASN E 44 -24.20 -20.32 -26.45
CA ASN E 44 -24.77 -21.61 -26.92
C ASN E 44 -26.31 -21.52 -27.00
N SER E 45 -26.94 -20.83 -26.05
CA SER E 45 -28.41 -20.77 -25.91
C SER E 45 -29.04 -19.78 -26.90
N HIS E 46 -28.24 -19.03 -27.66
CA HIS E 46 -28.73 -17.94 -28.54
C HIS E 46 -29.58 -16.94 -27.73
N VAL E 47 -29.12 -16.59 -26.53
CA VAL E 47 -29.83 -15.63 -25.63
C VAL E 47 -29.02 -14.32 -25.60
N ALA E 48 -27.71 -14.46 -25.77
CA ALA E 48 -26.73 -13.37 -25.61
C ALA E 48 -25.85 -13.32 -26.87
N LEU E 49 -25.48 -12.12 -27.30
CA LEU E 49 -24.59 -11.87 -28.47
C LEU E 49 -23.45 -10.98 -27.97
N VAL E 50 -22.22 -11.42 -28.20
CA VAL E 50 -20.98 -10.63 -27.98
C VAL E 50 -20.56 -10.02 -29.32
N SER E 51 -20.32 -8.71 -29.30
CA SER E 51 -19.87 -7.89 -30.46
C SER E 51 -18.70 -7.02 -30.02
N MET E 52 -17.48 -7.39 -30.41
CA MET E 52 -16.24 -6.65 -30.09
C MET E 52 -15.65 -6.06 -31.39
N MET E 53 -15.12 -4.85 -31.31
CA MET E 53 -14.30 -4.26 -32.39
C MET E 53 -13.11 -3.55 -31.75
N LEU E 54 -11.91 -4.10 -31.96
CA LEU E 54 -10.62 -3.38 -31.79
C LEU E 54 -10.26 -2.70 -33.12
N LYS E 55 -10.51 -1.41 -33.21
CA LYS E 55 -10.25 -0.59 -34.43
C LYS E 55 -8.73 -0.50 -34.68
N ALA E 56 -8.34 -0.51 -35.94
CA ALA E 56 -6.96 -0.34 -36.43
C ALA E 56 -6.20 0.76 -35.67
N GLU E 57 -6.83 1.89 -35.40
CA GLU E 57 -6.20 3.07 -34.71
C GLU E 57 -5.62 2.62 -33.36
N GLY E 58 -6.17 1.56 -32.75
CA GLY E 58 -5.79 1.09 -31.42
C GLY E 58 -4.47 0.35 -31.42
N PHE E 59 -3.98 -0.04 -32.60
CA PHE E 59 -2.70 -0.75 -32.79
C PHE E 59 -1.63 0.26 -33.21
N SER E 60 -0.39 -0.21 -33.38
CA SER E 60 0.80 0.62 -33.73
C SER E 60 1.94 -0.30 -34.18
N PRO E 61 1.97 -0.75 -35.45
CA PRO E 61 0.89 -0.51 -36.41
C PRO E 61 -0.10 -1.67 -36.55
N TYR E 62 -1.13 -1.46 -37.38
CA TYR E 62 -2.09 -2.48 -37.86
C TYR E 62 -1.89 -2.64 -39.37
N ARG E 63 -1.61 -3.86 -39.84
CA ARG E 63 -1.47 -4.19 -41.29
C ARG E 63 -2.36 -5.42 -41.60
N CYS E 64 -3.42 -5.23 -42.40
CA CYS E 64 -4.20 -6.30 -43.05
C CYS E 64 -4.00 -6.21 -44.57
N ASP E 65 -3.47 -7.27 -45.17
CA ASP E 65 -3.26 -7.37 -46.64
C ASP E 65 -4.42 -8.18 -47.22
N ARG E 66 -5.10 -8.99 -46.41
CA ARG E 66 -6.19 -9.91 -46.84
C ARG E 66 -7.16 -10.11 -45.68
N ASN E 67 -8.46 -9.96 -45.92
CA ASN E 67 -9.54 -10.29 -44.94
C ASN E 67 -9.38 -11.76 -44.52
N ILE E 68 -9.30 -12.03 -43.21
CA ILE E 68 -9.18 -13.41 -42.66
C ILE E 68 -10.05 -13.54 -41.41
N ALA E 69 -10.54 -14.75 -41.18
CA ALA E 69 -11.19 -15.22 -39.93
C ALA E 69 -10.18 -16.10 -39.19
N LEU E 70 -9.96 -15.84 -37.90
CA LEU E 70 -9.15 -16.70 -37.02
C LEU E 70 -10.13 -17.49 -36.15
N GLY E 71 -10.32 -18.76 -36.45
CA GLY E 71 -11.18 -19.67 -35.67
C GLY E 71 -10.44 -20.21 -34.47
N VAL E 72 -10.82 -19.76 -33.29
CA VAL E 72 -10.05 -19.96 -32.03
C VAL E 72 -10.98 -20.57 -30.97
N ASN E 73 -10.47 -21.52 -30.20
CA ASN E 73 -11.07 -21.92 -28.90
C ASN E 73 -10.57 -20.94 -27.84
N LEU E 74 -11.46 -20.28 -27.12
CA LEU E 74 -11.08 -19.21 -26.16
C LEU E 74 -10.38 -19.78 -24.91
N THR E 75 -10.58 -21.04 -24.56
CA THR E 75 -9.81 -21.70 -23.45
C THR E 75 -8.35 -21.85 -23.90
N SER E 76 -8.12 -22.33 -25.13
CA SER E 76 -6.78 -22.44 -25.73
C SER E 76 -6.13 -21.05 -25.74
N LEU E 77 -6.86 -20.05 -26.25
CA LEU E 77 -6.34 -18.68 -26.39
C LEU E 77 -5.98 -18.11 -25.02
N THR E 78 -6.81 -18.37 -24.00
CA THR E 78 -6.63 -17.92 -22.58
C THR E 78 -5.31 -18.49 -22.03
N LYS E 79 -5.09 -19.79 -22.22
CA LYS E 79 -3.87 -20.49 -21.77
C LYS E 79 -2.64 -19.82 -22.36
N VAL E 80 -2.72 -19.33 -23.60
CA VAL E 80 -1.59 -18.64 -24.30
C VAL E 80 -1.47 -17.21 -23.78
N LEU E 81 -2.59 -16.50 -23.63
CA LEU E 81 -2.59 -15.08 -23.20
C LEU E 81 -2.15 -14.95 -21.73
N ARG E 82 -2.37 -15.97 -20.90
CA ARG E 82 -1.85 -16.00 -19.50
C ARG E 82 -0.33 -15.87 -19.49
N ALA E 83 0.34 -16.35 -20.53
CA ALA E 83 1.81 -16.29 -20.66
C ALA E 83 2.25 -14.89 -21.12
N ALA E 84 1.33 -13.94 -21.28
CA ALA E 84 1.67 -12.52 -21.56
C ALA E 84 1.47 -11.69 -20.29
N GLN E 85 2.49 -10.91 -19.93
CA GLN E 85 2.39 -9.87 -18.88
C GLN E 85 1.50 -8.75 -19.45
N ASN E 86 0.69 -8.12 -18.59
CA ASN E 86 -0.15 -6.95 -18.95
C ASN E 86 0.65 -5.96 -19.82
N GLU E 87 1.90 -5.68 -19.45
CA GLU E 87 2.71 -4.58 -20.05
C GLU E 87 3.65 -5.12 -21.14
N ASP E 88 3.42 -6.34 -21.64
CA ASP E 88 4.18 -6.88 -22.79
C ASP E 88 3.66 -6.26 -24.09
N ILE E 89 4.55 -6.05 -25.06
CA ILE E 89 4.14 -5.69 -26.44
C ILE E 89 3.71 -6.97 -27.15
N LEU E 90 2.47 -7.01 -27.65
CA LEU E 90 1.84 -8.19 -28.28
C LEU E 90 1.74 -7.97 -29.79
N THR E 91 2.23 -8.92 -30.58
CA THR E 91 2.09 -8.92 -32.05
C THR E 91 1.33 -10.19 -32.47
N LEU E 92 0.27 -10.01 -33.26
CA LEU E 92 -0.52 -11.08 -33.92
C LEU E 92 -0.05 -11.15 -35.38
N LYS E 93 0.26 -12.34 -35.88
CA LYS E 93 0.69 -12.59 -37.29
C LYS E 93 0.01 -13.85 -37.81
N ALA E 94 -0.46 -13.83 -39.06
CA ALA E 94 -1.18 -14.96 -39.70
C ALA E 94 -1.03 -14.85 -41.22
N GLU E 95 -0.98 -15.99 -41.94
CA GLU E 95 -0.94 -16.06 -43.44
C GLU E 95 -2.39 -16.06 -43.99
N ASP E 96 -2.64 -16.37 -45.27
CA ASP E 96 -3.98 -16.14 -45.91
C ASP E 96 -4.87 -17.38 -45.77
N PRO E 98 -5.34 -19.40 -43.08
CA PRO E 98 -4.31 -19.74 -42.06
C PRO E 98 -4.68 -20.89 -41.12
N ASP E 99 -3.73 -21.80 -40.92
CA ASP E 99 -3.81 -22.96 -39.99
C ASP E 99 -3.46 -22.52 -38.57
N VAL E 100 -2.70 -21.43 -38.44
CA VAL E 100 -2.00 -21.02 -37.20
C VAL E 100 -2.08 -19.51 -37.03
N LEU E 101 -2.34 -19.08 -35.80
CA LEU E 101 -2.15 -17.69 -35.34
C LEU E 101 -0.84 -17.61 -34.56
N ASN E 102 0.13 -16.85 -35.06
CA ASN E 102 1.41 -16.56 -34.37
C ASN E 102 1.19 -15.38 -33.39
N LEU E 103 1.46 -15.59 -32.09
CA LEU E 103 1.49 -14.52 -31.06
C LEU E 103 2.92 -14.36 -30.54
N VAL E 104 3.45 -13.13 -30.60
CA VAL E 104 4.77 -12.73 -30.02
C VAL E 104 4.51 -11.77 -28.85
N PHE E 105 5.07 -12.07 -27.68
CA PHE E 105 5.02 -11.22 -26.46
C PHE E 105 6.44 -10.75 -26.11
N GLU E 106 6.69 -9.45 -26.21
CA GLU E 106 7.97 -8.79 -25.87
C GLU E 106 7.84 -8.02 -24.56
N SER E 107 8.72 -8.31 -23.59
CA SER E 107 8.88 -7.60 -22.30
C SER E 107 8.92 -6.08 -22.53
N SER E 108 8.28 -5.31 -21.64
CA SER E 108 8.48 -3.84 -21.50
C SER E 108 9.78 -3.55 -20.74
N GLU E 109 10.27 -4.52 -19.95
CA GLU E 109 11.51 -4.42 -19.14
C GLU E 109 12.70 -5.05 -19.93
N THR E 110 12.83 -6.38 -19.94
CA THR E 110 14.02 -7.13 -20.45
C THR E 110 13.98 -7.26 -21.99
N ASP E 111 14.84 -8.14 -22.55
CA ASP E 111 14.90 -8.45 -24.01
C ASP E 111 14.14 -9.76 -24.30
N ARG E 112 13.49 -10.32 -23.27
CA ARG E 112 12.64 -11.55 -23.31
C ARG E 112 11.60 -11.48 -24.43
N ILE E 113 11.51 -12.54 -25.24
CA ILE E 113 10.49 -12.73 -26.33
C ILE E 113 9.79 -14.06 -26.08
N SER E 114 8.47 -14.01 -25.90
CA SER E 114 7.56 -15.18 -25.88
C SER E 114 6.93 -15.33 -27.27
N GLU E 115 6.94 -16.55 -27.81
CA GLU E 115 6.40 -16.87 -29.15
C GLU E 115 5.46 -18.08 -29.05
N TYR E 116 4.21 -17.92 -29.46
CA TYR E 116 3.20 -19.00 -29.52
C TYR E 116 2.66 -19.13 -30.94
N ASP E 117 2.50 -20.37 -31.39
CA ASP E 117 1.75 -20.76 -32.60
C ASP E 117 0.51 -21.52 -32.13
N LEU E 118 -0.65 -20.88 -32.20
CA LEU E 118 -1.95 -21.43 -31.78
C LEU E 118 -2.62 -22.12 -32.97
N LYS E 119 -2.87 -23.44 -32.89
CA LYS E 119 -3.66 -24.20 -33.90
C LYS E 119 -5.04 -23.55 -34.03
N LEU E 120 -5.42 -23.12 -35.23
CA LEU E 120 -6.78 -22.58 -35.52
C LEU E 120 -7.71 -23.72 -35.96
N MET E 121 -9.02 -23.50 -35.87
CA MET E 121 -10.06 -24.43 -36.41
C MET E 121 -10.91 -23.67 -37.44
N ASP E 122 -11.45 -24.37 -38.44
CA ASP E 122 -12.53 -23.83 -39.32
C ASP E 122 -13.79 -23.74 -38.45
N ILE E 123 -14.37 -22.54 -38.34
CA ILE E 123 -15.62 -22.27 -37.58
C ILE E 123 -16.57 -21.47 -38.48
N ASP E 124 -17.77 -22.00 -38.70
CA ASP E 124 -18.85 -21.39 -39.51
C ASP E 124 -19.33 -20.12 -38.80
N GLN E 125 -19.19 -18.97 -39.47
CA GLN E 125 -19.65 -17.64 -39.01
C GLN E 125 -21.18 -17.65 -38.87
N GLU E 126 -21.72 -17.17 -37.74
CA GLU E 126 -23.18 -17.08 -37.50
C GLU E 126 -23.81 -16.12 -38.52
N TYR E 135 -32.75 3.72 -28.85
CA TYR E 135 -33.18 3.13 -27.56
C TYR E 135 -34.17 4.07 -26.86
N ALA E 136 -35.03 3.53 -26.00
CA ALA E 136 -35.96 4.30 -25.14
C ALA E 136 -35.18 5.03 -24.04
N ALA E 137 -34.19 4.37 -23.43
CA ALA E 137 -33.36 4.89 -22.31
C ALA E 137 -31.91 4.42 -22.48
N THR E 138 -30.94 5.27 -22.18
CA THR E 138 -29.55 4.85 -21.88
C THR E 138 -29.15 5.33 -20.49
N ILE E 139 -28.50 4.47 -19.71
CA ILE E 139 -27.89 4.79 -18.39
C ILE E 139 -26.39 4.62 -18.53
N THR E 140 -25.62 5.70 -18.36
CA THR E 140 -24.16 5.61 -18.15
C THR E 140 -23.90 5.61 -16.63
N MET E 141 -23.09 4.67 -16.16
CA MET E 141 -22.75 4.51 -14.73
C MET E 141 -21.39 3.81 -14.60
N PRO E 142 -20.73 3.93 -13.42
CA PRO E 142 -19.48 3.23 -13.17
C PRO E 142 -19.66 1.71 -13.33
N SER E 143 -18.69 1.06 -13.97
CA SER E 143 -18.69 -0.39 -14.31
C SER E 143 -18.87 -1.21 -13.04
N ASN E 144 -18.13 -0.82 -12.00
CA ASN E 144 -18.05 -1.53 -10.71
C ASN E 144 -19.39 -1.42 -9.99
N GLU E 145 -20.12 -0.31 -10.20
CA GLU E 145 -21.48 -0.14 -9.63
C GLU E 145 -22.37 -1.21 -10.26
N PHE E 146 -22.33 -1.37 -11.59
CA PHE E 146 -23.15 -2.38 -12.30
C PHE E 146 -22.76 -3.80 -11.85
N LYS E 147 -21.46 -4.08 -11.66
CA LYS E 147 -20.98 -5.39 -11.17
C LYS E 147 -21.52 -5.66 -9.76
N ARG E 148 -21.39 -4.69 -8.87
CA ARG E 148 -21.85 -4.77 -7.47
C ARG E 148 -23.35 -5.11 -7.46
N ILE E 149 -24.16 -4.37 -8.19
CA ILE E 149 -25.65 -4.52 -8.21
C ILE E 149 -26.03 -5.90 -8.74
N THR E 150 -25.51 -6.33 -9.89
CA THR E 150 -25.91 -7.61 -10.53
C THR E 150 -25.49 -8.80 -9.63
N THR E 151 -24.26 -8.77 -9.12
CA THR E 151 -23.71 -9.80 -8.18
C THR E 151 -24.56 -9.86 -6.89
N ASP E 152 -24.89 -8.71 -6.31
CA ASP E 152 -25.64 -8.63 -5.04
C ASP E 152 -27.03 -9.24 -5.25
N LEU E 153 -27.77 -8.80 -6.28
CA LEU E 153 -29.17 -9.26 -6.52
C LEU E 153 -29.20 -10.74 -6.92
N MET E 154 -28.14 -11.22 -7.59
CA MET E 154 -28.07 -12.64 -8.03
C MET E 154 -28.07 -13.57 -6.81
N ALA E 155 -27.65 -13.10 -5.63
CA ALA E 155 -27.62 -13.92 -4.39
C ALA E 155 -29.04 -14.34 -3.99
N MET E 156 -30.05 -13.59 -4.44
CA MET E 156 -31.44 -13.75 -3.95
C MET E 156 -32.45 -13.88 -5.10
N SER E 157 -32.03 -13.83 -6.37
CA SER E 157 -32.96 -13.90 -7.52
C SER E 157 -32.21 -14.24 -8.80
N GLU E 158 -32.92 -14.90 -9.73
CA GLU E 158 -32.44 -15.28 -11.09
C GLU E 158 -32.67 -14.10 -12.04
N SER E 159 -33.57 -13.18 -11.67
CA SER E 159 -34.10 -12.10 -12.55
C SER E 159 -33.97 -10.74 -11.87
N VAL E 160 -33.72 -9.73 -12.69
CA VAL E 160 -33.76 -8.30 -12.29
C VAL E 160 -34.67 -7.54 -13.26
N THR E 161 -35.52 -6.67 -12.74
CA THR E 161 -36.27 -5.67 -13.53
C THR E 161 -35.47 -4.37 -13.50
N ILE E 162 -35.29 -3.78 -14.67
CA ILE E 162 -34.61 -2.46 -14.86
C ILE E 162 -35.67 -1.46 -15.27
N GLU E 163 -35.94 -0.50 -14.39
CA GLU E 163 -36.92 0.62 -14.56
C GLU E 163 -36.11 1.93 -14.68
N ALA E 164 -36.41 2.74 -15.71
CA ALA E 164 -35.75 4.04 -15.97
C ALA E 164 -36.82 5.15 -16.10
N ASN E 165 -36.52 6.34 -15.58
CA ASN E 165 -37.20 7.64 -15.90
C ASN E 165 -36.13 8.75 -15.91
N LYS E 166 -36.49 10.03 -16.10
CA LYS E 166 -35.50 11.15 -16.19
C LYS E 166 -34.67 11.19 -14.90
N ASP E 167 -35.34 10.97 -13.76
CA ASP E 167 -34.79 11.18 -12.40
C ASP E 167 -33.74 10.12 -12.06
N GLY E 168 -33.97 8.84 -12.38
CA GLY E 168 -33.02 7.75 -12.03
C GLY E 168 -33.42 6.39 -12.57
N VAL E 169 -32.72 5.35 -12.13
CA VAL E 169 -32.93 3.93 -12.58
C VAL E 169 -33.01 3.04 -11.32
N LYS E 170 -33.96 2.10 -11.33
CA LYS E 170 -34.16 1.13 -10.24
C LYS E 170 -33.96 -0.29 -10.79
N PHE E 171 -33.07 -1.05 -10.14
CA PHE E 171 -32.88 -2.51 -10.32
C PHE E 171 -33.58 -3.18 -9.14
N SER E 172 -34.53 -4.07 -9.41
CA SER E 172 -35.31 -4.74 -8.36
C SER E 172 -35.53 -6.19 -8.75
N CYS E 173 -35.78 -7.01 -7.76
CA CYS E 173 -35.89 -8.48 -7.91
C CYS E 173 -36.78 -8.96 -6.79
N GLN E 174 -37.31 -10.16 -6.90
CA GLN E 174 -37.93 -10.84 -5.73
C GLN E 174 -37.53 -12.31 -5.79
N GLY E 175 -37.49 -12.94 -4.63
CA GLY E 175 -37.00 -14.33 -4.48
C GLY E 175 -37.57 -14.93 -3.22
N ASP E 176 -37.02 -16.07 -2.82
CA ASP E 176 -37.54 -16.89 -1.69
C ASP E 176 -37.42 -16.08 -0.39
N ILE E 177 -36.36 -15.30 -0.20
CA ILE E 177 -36.07 -14.54 1.05
C ILE E 177 -36.83 -13.20 1.09
N GLY E 178 -37.33 -12.69 -0.04
CA GLY E 178 -38.11 -11.45 -0.11
C GLY E 178 -37.76 -10.59 -1.32
N ASN E 179 -37.92 -9.27 -1.21
CA ASN E 179 -37.70 -8.30 -2.32
C ASN E 179 -36.46 -7.44 -2.06
N GLY E 180 -35.78 -7.07 -3.15
CA GLY E 180 -34.58 -6.22 -3.15
C GLY E 180 -34.64 -5.24 -4.30
N SER E 181 -34.18 -4.01 -4.07
CA SER E 181 -34.02 -2.99 -5.14
C SER E 181 -32.77 -2.13 -4.89
N VAL E 182 -32.19 -1.61 -5.95
CA VAL E 182 -31.14 -0.56 -5.89
C VAL E 182 -31.62 0.57 -6.81
N THR E 183 -31.69 1.79 -6.28
CA THR E 183 -32.07 3.01 -7.03
C THR E 183 -30.85 3.93 -7.16
N LEU E 184 -30.56 4.35 -8.40
CA LEU E 184 -29.51 5.35 -8.73
C LEU E 184 -30.18 6.60 -9.31
N ARG E 185 -29.97 7.74 -8.65
CA ARG E 185 -30.42 9.07 -9.14
C ARG E 185 -29.43 9.57 -10.19
N GLN E 186 -29.91 10.12 -11.29
CA GLN E 186 -29.16 10.97 -12.25
C GLN E 186 -28.31 11.93 -11.42
N HIS E 187 -26.99 11.94 -11.59
CA HIS E 187 -26.13 12.92 -10.91
C HIS E 187 -24.83 13.12 -11.71
N THR E 188 -24.41 14.39 -11.84
CA THR E 188 -23.13 14.74 -12.49
C THR E 188 -22.10 14.95 -11.38
N ASN E 189 -21.02 14.15 -11.42
CA ASN E 189 -19.82 14.35 -10.57
C ASN E 189 -18.82 15.19 -11.38
N VAL E 190 -18.59 16.44 -10.98
CA VAL E 190 -17.72 17.38 -11.74
C VAL E 190 -16.25 16.93 -11.63
N GLU E 191 -15.80 16.47 -10.44
CA GLU E 191 -14.38 16.11 -10.17
C GLU E 191 -14.11 14.73 -10.80
N LYS E 192 -15.01 13.77 -10.58
CA LYS E 192 -14.82 12.35 -10.97
C LYS E 192 -15.92 11.95 -11.96
N PRO E 193 -15.81 12.36 -13.25
CA PRO E 193 -16.86 12.11 -14.24
C PRO E 193 -17.31 10.65 -14.40
N ASN E 194 -16.39 9.69 -14.22
CA ASN E 194 -16.73 8.25 -14.34
C ASN E 194 -17.69 7.81 -13.22
N GLU E 195 -17.76 8.56 -12.13
CA GLU E 195 -18.69 8.26 -10.99
C GLU E 195 -20.10 8.83 -11.25
N SER E 196 -20.33 9.54 -12.35
CA SER E 196 -21.63 10.16 -12.68
C SER E 196 -22.65 9.06 -12.96
N ILE E 197 -23.93 9.36 -12.78
CA ILE E 197 -25.06 8.56 -13.34
C ILE E 197 -25.77 9.45 -14.36
N GLU E 198 -25.56 9.17 -15.65
CA GLU E 198 -26.17 9.97 -16.75
C GLU E 198 -27.31 9.14 -17.37
N ILE E 199 -28.49 9.74 -17.49
CA ILE E 199 -29.71 9.08 -18.05
C ILE E 199 -30.24 9.94 -19.20
N GLU E 200 -30.16 9.43 -20.43
CA GLU E 200 -30.87 9.97 -21.63
C GLU E 200 -32.06 9.04 -21.90
N LEU E 201 -33.28 9.56 -21.88
CA LEU E 201 -34.48 8.72 -22.11
C LEU E 201 -35.54 9.50 -22.89
N SER E 202 -36.00 8.93 -24.01
CA SER E 202 -37.15 9.43 -24.79
C SER E 202 -38.45 9.03 -24.08
N GLU E 203 -38.48 7.90 -23.35
CA GLU E 203 -39.70 7.45 -22.63
C GLU E 203 -39.29 6.53 -21.48
N PRO E 204 -40.10 6.52 -20.38
CA PRO E 204 -39.91 5.55 -19.31
C PRO E 204 -40.01 4.11 -19.84
N VAL E 205 -39.24 3.21 -19.27
CA VAL E 205 -39.08 1.82 -19.81
C VAL E 205 -38.76 0.88 -18.64
N SER E 206 -39.35 -0.31 -18.65
CA SER E 206 -39.16 -1.31 -17.57
C SER E 206 -39.12 -2.72 -18.18
N LEU E 207 -38.00 -3.43 -18.00
CA LEU E 207 -37.76 -4.77 -18.61
C LEU E 207 -37.03 -5.66 -17.61
N THR E 208 -37.16 -6.96 -17.81
CA THR E 208 -36.66 -8.03 -16.92
C THR E 208 -35.63 -8.87 -17.68
N PHE E 209 -34.53 -9.21 -17.00
CA PHE E 209 -33.36 -9.94 -17.55
C PHE E 209 -32.85 -11.00 -16.57
N SER E 210 -32.25 -12.06 -17.10
CA SER E 210 -31.45 -13.05 -16.34
C SER E 210 -30.23 -12.37 -15.71
N LEU E 211 -30.10 -12.48 -14.39
CA LEU E 211 -28.93 -11.98 -13.63
C LEU E 211 -27.70 -12.82 -13.96
N LYS E 212 -27.84 -14.12 -14.24
CA LYS E 212 -26.70 -15.00 -14.64
C LYS E 212 -25.97 -14.35 -15.83
N TYR E 213 -26.70 -13.85 -16.82
CA TYR E 213 -26.09 -13.25 -18.04
C TYR E 213 -25.45 -11.90 -17.69
N LEU E 214 -26.18 -11.07 -16.94
CA LEU E 214 -25.71 -9.71 -16.59
C LEU E 214 -24.40 -9.82 -15.78
N VAL E 215 -24.34 -10.75 -14.82
CA VAL E 215 -23.14 -11.00 -13.98
C VAL E 215 -21.98 -11.38 -14.91
N ASN E 216 -22.21 -12.29 -15.87
CA ASN E 216 -21.23 -12.67 -16.92
C ASN E 216 -20.72 -11.42 -17.68
N PHE E 217 -21.60 -10.54 -18.13
CA PHE E 217 -21.19 -9.32 -18.85
C PHE E 217 -20.27 -8.48 -17.93
N CYS E 218 -20.50 -8.52 -16.63
CA CYS E 218 -19.76 -7.69 -15.64
C CYS E 218 -18.34 -8.20 -15.43
N LYS E 219 -17.98 -9.35 -16.00
CA LYS E 219 -16.56 -9.80 -16.06
C LYS E 219 -15.76 -8.87 -16.99
N ALA E 220 -16.40 -7.99 -17.75
CA ALA E 220 -15.71 -6.98 -18.60
C ALA E 220 -15.46 -5.67 -17.83
N SER E 221 -15.80 -5.59 -16.54
CA SER E 221 -15.72 -4.35 -15.72
C SER E 221 -14.31 -3.74 -15.75
N ALA E 222 -13.29 -4.57 -15.87
CA ALA E 222 -11.86 -4.16 -15.85
C ALA E 222 -11.46 -3.46 -17.17
N LEU E 223 -12.29 -3.51 -18.22
CA LEU E 223 -11.97 -2.96 -19.56
C LEU E 223 -12.29 -1.46 -19.64
N SER E 224 -13.21 -0.97 -18.82
CA SER E 224 -13.80 0.38 -18.95
C SER E 224 -14.30 0.84 -17.58
N ASN E 225 -14.05 2.09 -17.20
CA ASN E 225 -14.50 2.65 -15.90
C ASN E 225 -16.01 2.87 -15.91
N THR E 226 -16.62 3.02 -17.09
CA THR E 226 -18.08 3.24 -17.20
C THR E 226 -18.69 2.18 -18.12
N VAL E 227 -20.00 1.99 -18.00
CA VAL E 227 -20.79 1.02 -18.78
C VAL E 227 -22.06 1.75 -19.20
N LYS E 228 -22.48 1.55 -20.45
CA LYS E 228 -23.70 2.14 -21.06
C LYS E 228 -24.74 1.01 -21.18
N ILE E 229 -25.85 1.14 -20.46
CA ILE E 229 -26.99 0.19 -20.47
C ILE E 229 -28.14 0.84 -21.24
N CYS E 230 -28.53 0.22 -22.36
CA CYS E 230 -29.48 0.79 -23.35
C CYS E 230 -30.71 -0.11 -23.43
N LEU E 231 -31.89 0.47 -23.27
CA LEU E 231 -33.16 -0.25 -23.03
C LEU E 231 -34.18 0.19 -24.06
N SER E 232 -34.96 -0.77 -24.55
CA SER E 232 -36.06 -0.54 -25.52
C SER E 232 -37.03 -1.69 -25.43
N ASN E 233 -38.32 -1.41 -25.47
CA ASN E 233 -39.38 -2.44 -25.52
C ASN E 233 -39.15 -3.30 -26.78
N GLU E 234 -38.75 -2.70 -27.90
CA GLU E 234 -38.70 -3.36 -29.24
C GLU E 234 -37.47 -4.28 -29.37
N VAL E 235 -36.31 -3.91 -28.84
CA VAL E 235 -35.01 -4.57 -29.18
C VAL E 235 -34.36 -5.15 -27.92
N PRO E 236 -33.35 -6.03 -28.05
CA PRO E 236 -32.61 -6.53 -26.89
C PRO E 236 -31.85 -5.45 -26.13
N LEU E 237 -31.55 -5.71 -24.87
CA LEU E 237 -30.68 -4.88 -24.01
C LEU E 237 -29.30 -4.81 -24.64
N LEU E 238 -28.75 -3.60 -24.76
CA LEU E 238 -27.31 -3.38 -25.07
C LEU E 238 -26.59 -2.98 -23.77
N VAL E 239 -25.60 -3.78 -23.36
CA VAL E 239 -24.61 -3.42 -22.32
C VAL E 239 -23.27 -3.19 -23.03
N GLU E 240 -22.84 -1.93 -23.10
CA GLU E 240 -21.65 -1.50 -23.87
C GLU E 240 -20.54 -1.04 -22.92
N TYR E 241 -19.36 -1.61 -23.09
CA TYR E 241 -18.08 -1.18 -22.48
C TYR E 241 -17.29 -0.47 -23.57
N SER E 242 -17.44 0.85 -23.64
CA SER E 242 -16.74 1.74 -24.60
C SER E 242 -15.26 1.80 -24.23
N LEU E 243 -14.39 1.67 -25.22
CA LEU E 243 -12.91 1.68 -25.05
C LEU E 243 -12.32 2.95 -25.69
N GLY E 244 -11.01 3.11 -25.60
CA GLY E 244 -10.28 4.19 -26.28
C GLY E 244 -10.67 4.27 -27.75
N GLY E 245 -10.73 5.50 -28.28
CA GLY E 245 -11.27 5.79 -29.61
C GLY E 245 -12.66 5.22 -29.76
N SER E 246 -12.97 4.60 -30.91
CA SER E 246 -14.33 4.06 -31.19
C SER E 246 -14.33 2.53 -31.10
N SER E 247 -13.34 1.93 -30.43
CA SER E 247 -13.32 0.47 -30.13
C SER E 247 -14.34 0.18 -29.03
N TYR E 248 -14.86 -1.02 -28.94
CA TYR E 248 -15.90 -1.39 -27.96
C TYR E 248 -16.00 -2.89 -27.73
N LEU E 249 -16.48 -3.23 -26.54
CA LEU E 249 -17.03 -4.56 -26.22
C LEU E 249 -18.51 -4.38 -25.91
N ARG E 250 -19.38 -5.06 -26.64
CA ARG E 250 -20.84 -4.95 -26.48
C ARG E 250 -21.46 -6.32 -26.23
N PHE E 251 -22.39 -6.36 -25.29
CA PHE E 251 -23.18 -7.55 -24.93
C PHE E 251 -24.65 -7.23 -25.21
N TYR E 252 -25.34 -8.11 -25.93
CA TYR E 252 -26.79 -7.95 -26.21
C TYR E 252 -27.52 -9.11 -25.53
N LEU E 253 -28.63 -8.83 -24.87
CA LEU E 253 -29.34 -9.84 -24.06
C LEU E 253 -30.84 -9.73 -24.34
N ALA E 254 -31.43 -10.85 -24.76
CA ALA E 254 -32.89 -11.02 -24.94
C ALA E 254 -33.55 -10.84 -23.58
N PRO E 255 -34.68 -10.12 -23.46
CA PRO E 255 -35.37 -9.96 -22.18
C PRO E 255 -36.29 -11.13 -21.82
N LYS E 256 -36.73 -11.19 -20.55
CA LYS E 256 -37.77 -12.16 -20.09
C LYS E 256 -39.14 -11.48 -20.20
N ILE E 257 -40.17 -12.18 -20.70
CA ILE E 257 -41.44 -11.55 -21.20
C ILE E 257 -42.68 -12.26 -20.64
N MET F 2 20.58 -33.82 25.04
CA MET F 2 20.52 -32.78 23.94
C MET F 2 21.81 -32.81 23.08
N ALA F 3 21.96 -33.88 22.27
CA ALA F 3 22.84 -34.08 21.09
C ALA F 3 22.81 -32.87 20.16
N LEU F 4 21.62 -32.40 19.78
CA LEU F 4 21.44 -31.26 18.84
C LEU F 4 20.77 -30.08 19.56
N GLU F 5 21.32 -28.89 19.37
CA GLU F 5 20.71 -27.60 19.79
C GLU F 5 21.06 -26.55 18.75
N ALA F 6 20.09 -26.22 17.89
CA ALA F 6 20.30 -25.38 16.68
C ALA F 6 19.30 -24.23 16.69
N ARG F 7 19.80 -23.00 16.79
CA ARG F 7 19.00 -21.75 16.86
C ARG F 7 19.12 -21.02 15.52
N LEU F 8 17.99 -20.76 14.85
CA LEU F 8 17.87 -19.85 13.70
C LEU F 8 17.32 -18.52 14.20
N GLU F 9 17.92 -17.41 13.77
CA GLU F 9 17.44 -16.03 14.11
C GLU F 9 16.02 -15.85 13.58
N GLN F 10 15.69 -16.46 12.41
CA GLN F 10 14.32 -16.36 11.82
C GLN F 10 13.84 -17.74 11.33
N ALA F 11 12.65 -18.15 11.80
CA ALA F 11 11.93 -19.40 11.43
C ALA F 11 11.65 -19.44 9.93
N SER F 12 11.32 -18.28 9.34
CA SER F 12 11.13 -18.05 7.89
C SER F 12 11.85 -19.13 7.06
N ILE F 13 13.17 -19.25 7.21
CA ILE F 13 14.01 -20.08 6.30
C ILE F 13 13.50 -21.52 6.32
N LEU F 14 13.23 -22.03 7.52
CA LEU F 14 12.86 -23.46 7.69
C LEU F 14 11.45 -23.69 7.13
N LYS F 15 10.57 -22.71 7.29
CA LYS F 15 9.17 -22.76 6.79
C LYS F 15 9.18 -22.83 5.25
N LYS F 16 9.99 -21.99 4.60
CA LYS F 16 10.08 -21.90 3.12
C LYS F 16 10.68 -23.20 2.55
N VAL F 17 11.79 -23.68 3.11
CA VAL F 17 12.45 -24.96 2.71
C VAL F 17 11.41 -26.09 2.74
N VAL F 18 10.68 -26.28 3.84
CA VAL F 18 9.72 -27.42 3.97
C VAL F 18 8.58 -27.18 2.97
N ASP F 19 8.10 -25.94 2.83
CA ASP F 19 6.99 -25.62 1.91
C ASP F 19 7.45 -25.97 0.49
N ALA F 20 8.72 -25.69 0.15
CA ALA F 20 9.32 -25.94 -1.18
C ALA F 20 9.46 -27.43 -1.49
N ILE F 21 9.58 -28.28 -0.47
CA ILE F 21 10.01 -29.71 -0.62
C ILE F 21 8.81 -30.64 -0.44
N LYS F 22 7.79 -30.23 0.31
CA LYS F 22 6.76 -31.15 0.87
C LYS F 22 5.89 -31.80 -0.22
N ASP F 23 5.73 -31.18 -1.39
CA ASP F 23 4.91 -31.78 -2.48
C ASP F 23 5.73 -32.80 -3.28
N LEU F 24 7.06 -32.72 -3.28
CA LEU F 24 7.94 -33.71 -3.96
C LEU F 24 8.14 -34.96 -3.10
N VAL F 25 8.21 -34.79 -1.78
CA VAL F 25 8.76 -35.76 -0.81
C VAL F 25 7.89 -35.71 0.45
N GLN F 26 7.32 -36.83 0.90
CA GLN F 26 6.42 -36.89 2.09
C GLN F 26 7.27 -37.14 3.33
N ASP F 27 7.85 -38.34 3.44
CA ASP F 27 8.76 -38.77 4.53
C ASP F 27 10.19 -38.44 4.10
N CYS F 28 11.08 -38.09 5.04
CA CYS F 28 12.53 -37.95 4.78
C CYS F 28 13.32 -37.68 6.07
N ASN F 29 14.63 -37.84 5.99
CA ASN F 29 15.58 -37.70 7.13
C ASN F 29 16.25 -36.33 7.01
N PHE F 30 16.25 -35.56 8.09
CA PHE F 30 17.16 -34.40 8.29
C PHE F 30 18.40 -34.96 8.97
N ASP F 31 19.56 -34.82 8.31
CA ASP F 31 20.85 -35.35 8.78
C ASP F 31 21.60 -34.22 9.48
N CYS F 32 21.87 -34.39 10.77
CA CYS F 32 22.51 -33.37 11.63
C CYS F 32 23.92 -33.83 11.99
N ASN F 33 24.92 -33.03 11.69
CA ASN F 33 26.33 -33.28 12.08
C ASN F 33 26.97 -31.93 12.38
N ASP F 34 28.29 -31.89 12.53
CA ASP F 34 29.09 -30.68 12.85
C ASP F 34 29.01 -29.66 11.70
N SER F 35 28.71 -30.09 10.48
CA SER F 35 28.64 -29.20 9.30
C SER F 35 27.27 -28.49 9.27
N GLY F 36 26.29 -29.00 10.00
CA GLY F 36 24.93 -28.45 10.01
C GLY F 36 23.91 -29.50 9.61
N ILE F 37 22.83 -29.08 8.98
CA ILE F 37 21.63 -29.92 8.76
C ILE F 37 21.48 -30.14 7.25
N ALA F 38 21.46 -31.40 6.83
CA ALA F 38 21.37 -31.79 5.42
C ALA F 38 20.10 -32.61 5.20
N LEU F 39 19.61 -32.58 3.97
CA LEU F 39 18.48 -33.41 3.50
C LEU F 39 18.87 -33.93 2.12
N GLN F 40 18.80 -35.25 1.93
CA GLN F 40 18.93 -35.87 0.60
C GLN F 40 17.81 -36.89 0.44
N ALA F 41 16.81 -36.55 -0.39
CA ALA F 41 15.59 -37.38 -0.58
C ALA F 41 15.20 -37.40 -2.07
N MET F 42 14.95 -38.60 -2.59
CA MET F 42 14.39 -38.85 -3.95
C MET F 42 12.87 -38.76 -3.83
N ASP F 43 12.18 -38.33 -4.89
CA ASP F 43 10.70 -38.51 -4.99
C ASP F 43 10.43 -40.02 -5.24
N ASN F 44 9.18 -40.46 -5.12
CA ASN F 44 8.79 -41.89 -5.21
C ASN F 44 9.26 -42.49 -6.54
N SER F 45 9.23 -41.73 -7.63
CA SER F 45 9.55 -42.21 -8.99
C SER F 45 11.05 -42.31 -9.22
N HIS F 46 11.89 -41.83 -8.29
CA HIS F 46 13.35 -41.71 -8.50
C HIS F 46 13.66 -40.91 -9.76
N VAL F 47 12.91 -39.83 -9.97
CA VAL F 47 13.07 -38.93 -11.15
C VAL F 47 13.72 -37.63 -10.67
N ALA F 48 13.44 -37.27 -9.42
CA ALA F 48 13.89 -36.02 -8.80
C ALA F 48 14.60 -36.35 -7.48
N LEU F 49 15.69 -35.62 -7.20
CA LEU F 49 16.46 -35.71 -5.94
C LEU F 49 16.52 -34.30 -5.37
N VAL F 50 16.12 -34.15 -4.11
CA VAL F 50 16.30 -32.93 -3.30
C VAL F 50 17.56 -33.09 -2.44
N SER F 51 18.45 -32.11 -2.50
CA SER F 51 19.71 -32.01 -1.72
C SER F 51 19.80 -30.62 -1.07
N MET F 52 19.55 -30.55 0.24
CA MET F 52 19.59 -29.29 1.02
C MET F 52 20.73 -29.38 2.03
N MET F 53 21.44 -28.27 2.22
CA MET F 53 22.40 -28.11 3.33
C MET F 53 22.23 -26.72 3.94
N LEU F 54 21.73 -26.68 5.18
CA LEU F 54 21.84 -25.50 6.08
C LEU F 54 23.13 -25.65 6.89
N LYS F 55 24.18 -24.94 6.48
CA LYS F 55 25.50 -24.94 7.15
C LYS F 55 25.39 -24.37 8.56
N ALA F 56 26.16 -24.92 9.49
CA ALA F 56 26.29 -24.48 10.90
C ALA F 56 26.41 -22.94 10.99
N GLU F 57 27.17 -22.30 10.11
CA GLU F 57 27.40 -20.83 10.10
C GLU F 57 26.05 -20.08 10.08
N GLY F 58 25.02 -20.70 9.52
CA GLY F 58 23.70 -20.07 9.30
C GLY F 58 22.89 -19.99 10.58
N PHE F 59 23.31 -20.70 11.62
CA PHE F 59 22.65 -20.73 12.96
C PHE F 59 23.45 -19.83 13.89
N SER F 60 22.95 -19.66 15.12
CA SER F 60 23.51 -18.75 16.16
C SER F 60 22.90 -19.09 17.51
N PRO F 61 23.41 -20.10 18.24
CA PRO F 61 24.44 -21.00 17.74
C PRO F 61 23.92 -22.33 17.16
N TYR F 62 24.86 -23.10 16.61
CA TYR F 62 24.67 -24.51 16.19
C TYR F 62 25.52 -25.38 17.10
N ARG F 63 24.91 -26.34 17.79
CA ARG F 63 25.59 -27.35 18.64
C ARG F 63 25.12 -28.75 18.23
N CYS F 64 26.01 -29.56 17.63
CA CYS F 64 25.84 -31.02 17.44
C CYS F 64 26.93 -31.73 18.24
N ASP F 65 26.54 -32.60 19.16
CA ASP F 65 27.49 -33.42 19.96
C ASP F 65 27.55 -34.81 19.31
N ARG F 66 26.51 -35.19 18.55
CA ARG F 66 26.37 -36.56 17.98
C ARG F 66 25.63 -36.44 16.65
N ASN F 67 26.15 -37.09 15.60
CA ASN F 67 25.45 -37.32 14.31
C ASN F 67 24.10 -37.99 14.59
N ILE F 68 23.00 -37.40 14.11
CA ILE F 68 21.62 -37.95 14.26
C ILE F 68 20.85 -37.70 12.96
N ALA F 69 19.89 -38.59 12.67
CA ALA F 69 18.85 -38.45 11.63
C ALA F 69 17.52 -38.14 12.32
N LEU F 70 16.80 -37.12 11.85
CA LEU F 70 15.42 -36.83 12.29
C LEU F 70 14.50 -37.32 11.17
N GLY F 71 13.82 -38.45 11.39
CA GLY F 71 12.84 -38.99 10.43
C GLY F 71 11.50 -38.31 10.58
N VAL F 72 11.13 -37.50 9.62
CA VAL F 72 9.99 -36.55 9.73
C VAL F 72 9.06 -36.74 8.53
N ASN F 73 7.75 -36.77 8.79
CA ASN F 73 6.70 -36.59 7.75
C ASN F 73 6.59 -35.08 7.51
N LEU F 74 6.74 -34.62 6.27
CA LEU F 74 6.82 -33.17 5.96
C LEU F 74 5.44 -32.51 6.08
N THR F 75 4.34 -33.27 5.97
CA THR F 75 2.98 -32.72 6.25
C THR F 75 2.86 -32.40 7.73
N SER F 76 3.27 -33.32 8.60
CA SER F 76 3.31 -33.14 10.07
C SER F 76 4.19 -31.93 10.39
N LEU F 77 5.38 -31.88 9.81
CA LEU F 77 6.37 -30.80 10.09
C LEU F 77 5.77 -29.46 9.65
N THR F 78 5.09 -29.42 8.50
CA THR F 78 4.44 -28.21 7.92
C THR F 78 3.37 -27.68 8.90
N LYS F 79 2.51 -28.57 9.41
CA LYS F 79 1.46 -28.25 10.38
C LYS F 79 2.07 -27.55 11.59
N VAL F 80 3.26 -27.97 12.02
CA VAL F 80 3.97 -27.39 13.19
C VAL F 80 4.63 -26.07 12.79
N LEU F 81 5.27 -26.02 11.62
CA LEU F 81 6.00 -24.80 11.16
C LEU F 81 5.03 -23.67 10.83
N ARG F 82 3.78 -23.98 10.43
CA ARG F 82 2.71 -22.96 10.24
C ARG F 82 2.48 -22.16 11.55
N ALA F 83 2.69 -22.79 12.69
CA ALA F 83 2.52 -22.16 14.02
C ALA F 83 3.73 -21.28 14.36
N ALA F 84 4.69 -21.13 13.47
CA ALA F 84 5.82 -20.18 13.63
C ALA F 84 5.61 -18.98 12.72
N GLN F 85 5.69 -17.79 13.27
CA GLN F 85 5.78 -16.53 12.51
C GLN F 85 7.14 -16.50 11.80
N ASN F 86 7.18 -15.95 10.58
CA ASN F 86 8.41 -15.73 9.80
C ASN F 86 9.52 -15.20 10.72
N GLU F 87 9.22 -14.23 11.58
CA GLU F 87 10.24 -13.45 12.34
C GLU F 87 10.41 -14.00 13.76
N ASP F 88 9.92 -15.21 14.02
CA ASP F 88 10.15 -15.91 15.32
C ASP F 88 11.57 -16.48 15.35
N ILE F 89 12.17 -16.52 16.53
CA ILE F 89 13.45 -17.26 16.77
C ILE F 89 13.08 -18.74 16.95
N LEU F 90 13.65 -19.61 16.13
CA LEU F 90 13.35 -21.08 16.09
C LEU F 90 14.54 -21.84 16.67
N THR F 91 14.29 -22.73 17.64
CA THR F 91 15.31 -23.64 18.21
C THR F 91 14.85 -25.08 17.98
N LEU F 92 15.74 -25.90 17.40
CA LEU F 92 15.58 -27.37 17.22
C LEU F 92 16.41 -28.06 18.29
N LYS F 93 15.83 -29.03 19.00
CA LYS F 93 16.52 -29.80 20.08
C LYS F 93 16.14 -31.28 19.97
N ALA F 94 17.11 -32.18 20.14
CA ALA F 94 16.92 -33.64 20.13
C ALA F 94 18.02 -34.36 20.92
N GLU F 95 17.71 -35.48 21.60
CA GLU F 95 18.71 -36.20 22.48
C GLU F 95 19.45 -37.28 21.68
N ASP F 99 13.49 -40.02 19.07
CA ASP F 99 12.04 -40.37 19.09
C ASP F 99 11.19 -39.13 18.86
N VAL F 100 11.70 -37.97 19.28
CA VAL F 100 10.99 -36.66 19.24
C VAL F 100 11.96 -35.57 18.81
N LEU F 101 11.50 -34.67 17.94
CA LEU F 101 12.15 -33.38 17.63
C LEU F 101 11.41 -32.29 18.40
N ASN F 102 12.09 -31.64 19.35
CA ASN F 102 11.58 -30.47 20.09
C ASN F 102 11.80 -29.21 19.23
N LEU F 103 10.72 -28.47 18.90
CA LEU F 103 10.79 -27.12 18.27
C LEU F 103 10.27 -26.07 19.25
N VAL F 104 11.06 -25.03 19.49
CA VAL F 104 10.68 -23.82 20.28
C VAL F 104 10.63 -22.62 19.34
N PHE F 105 9.51 -21.88 19.33
CA PHE F 105 9.32 -20.63 18.55
C PHE F 105 9.13 -19.47 19.52
N GLU F 106 10.07 -18.52 19.53
CA GLU F 106 10.05 -17.31 20.38
C GLU F 106 9.75 -16.09 19.52
N SER F 107 8.72 -15.32 19.87
CA SER F 107 8.33 -14.02 19.26
C SER F 107 9.55 -13.11 19.15
N SER F 108 9.68 -12.37 18.04
CA SER F 108 10.59 -11.19 17.90
C SER F 108 9.98 -9.98 18.61
N GLU F 109 8.65 -9.96 18.81
CA GLU F 109 7.88 -8.86 19.45
C GLU F 109 7.67 -9.18 20.94
N THR F 110 6.72 -10.05 21.30
CA THR F 110 6.27 -10.31 22.71
C THR F 110 7.22 -11.32 23.39
N ASP F 111 6.82 -11.84 24.56
CA ASP F 111 7.59 -12.85 25.35
C ASP F 111 6.97 -14.24 25.13
N ARG F 112 5.99 -14.34 24.22
CA ARG F 112 5.32 -15.59 23.74
C ARG F 112 6.35 -16.64 23.32
N ILE F 113 6.17 -17.87 23.83
CA ILE F 113 6.99 -19.07 23.51
C ILE F 113 6.02 -20.16 23.03
N SER F 114 6.21 -20.62 21.79
CA SER F 114 5.56 -21.81 21.22
C SER F 114 6.53 -23.00 21.36
N GLU F 115 6.04 -24.13 21.87
CA GLU F 115 6.84 -25.36 22.07
C GLU F 115 6.10 -26.56 21.45
N TYR F 116 6.75 -27.26 20.53
CA TYR F 116 6.20 -28.48 19.87
C TYR F 116 7.17 -29.64 20.07
N ASP F 117 6.61 -30.82 20.36
CA ASP F 117 7.30 -32.13 20.33
C ASP F 117 6.70 -32.94 19.20
N LEU F 118 7.45 -33.07 18.11
CA LEU F 118 7.02 -33.78 16.88
C LEU F 118 7.49 -35.24 16.96
N LYS F 119 6.56 -36.21 16.96
CA LYS F 119 6.88 -37.66 16.86
C LYS F 119 7.72 -37.91 15.61
N LEU F 120 8.92 -38.48 15.76
CA LEU F 120 9.77 -38.91 14.62
C LEU F 120 9.43 -40.35 14.23
N MET F 121 9.76 -40.73 13.00
CA MET F 121 9.63 -42.14 12.50
C MET F 121 11.00 -42.63 12.04
N ASP F 122 11.25 -43.95 12.14
CA ASP F 122 12.43 -44.62 11.53
C ASP F 122 12.20 -44.57 10.01
N ILE F 123 13.14 -43.98 9.27
CA ILE F 123 13.12 -43.89 7.78
C ILE F 123 14.50 -44.32 7.27
N ASP F 124 14.57 -45.35 6.44
CA ASP F 124 15.83 -45.84 5.82
C ASP F 124 16.30 -44.79 4.80
N GLN F 125 17.50 -44.22 5.00
CA GLN F 125 18.10 -43.21 4.10
C GLN F 125 18.42 -43.86 2.74
N GLU F 126 18.07 -43.24 1.62
CA GLU F 126 18.41 -43.75 0.25
C GLU F 126 19.55 -42.90 -0.33
N HIS F 127 20.39 -42.26 0.51
CA HIS F 127 21.46 -41.30 0.11
C HIS F 127 22.32 -41.87 -1.04
N LEU F 128 22.56 -41.07 -2.09
CA LEU F 128 23.60 -41.34 -3.12
C LEU F 128 24.55 -40.14 -3.16
N GLY F 129 25.84 -40.36 -3.42
CA GLY F 129 26.88 -39.32 -3.56
C GLY F 129 26.90 -38.74 -4.96
N ILE F 130 26.80 -37.41 -5.07
CA ILE F 130 26.62 -36.69 -6.37
C ILE F 130 27.97 -36.07 -6.72
N PRO F 131 28.60 -36.45 -7.87
CA PRO F 131 29.96 -35.99 -8.16
C PRO F 131 29.96 -34.49 -8.46
N GLU F 132 31.05 -33.81 -8.08
CA GLU F 132 31.45 -32.47 -8.62
C GLU F 132 31.49 -32.60 -10.15
N THR F 133 30.57 -31.89 -10.83
CA THR F 133 30.28 -32.00 -12.29
C THR F 133 30.59 -30.67 -12.98
N GLU F 134 31.39 -30.71 -14.05
CA GLU F 134 31.61 -29.58 -14.97
C GLU F 134 30.49 -29.61 -16.01
N TYR F 135 29.42 -28.85 -15.76
CA TYR F 135 28.22 -28.76 -16.64
C TYR F 135 28.63 -28.16 -18.00
N ALA F 136 27.86 -28.46 -19.05
CA ALA F 136 28.04 -27.86 -20.39
C ALA F 136 27.61 -26.38 -20.36
N ALA F 137 26.51 -26.06 -19.67
CA ALA F 137 25.94 -24.70 -19.58
C ALA F 137 25.39 -24.47 -18.17
N THR F 138 25.58 -23.27 -17.63
CA THR F 138 24.78 -22.77 -16.47
C THR F 138 24.10 -21.47 -16.86
N ILE F 139 22.82 -21.33 -16.50
CA ILE F 139 22.03 -20.08 -16.65
C ILE F 139 21.69 -19.60 -15.26
N THR F 140 22.14 -18.40 -14.89
CA THR F 140 21.60 -17.68 -13.71
C THR F 140 20.51 -16.72 -14.21
N MET F 141 19.36 -16.74 -13.55
CA MET F 141 18.18 -15.90 -13.90
C MET F 141 17.34 -15.67 -12.64
N PRO F 142 16.46 -14.63 -12.64
CA PRO F 142 15.56 -14.39 -11.52
C PRO F 142 14.65 -15.61 -11.30
N SER F 143 14.45 -15.97 -10.04
CA SER F 143 13.64 -17.14 -9.59
C SER F 143 12.24 -17.03 -10.17
N ASN F 144 11.66 -15.82 -10.07
CA ASN F 144 10.25 -15.54 -10.47
C ASN F 144 10.13 -15.66 -11.99
N GLU F 145 11.19 -15.36 -12.73
CA GLU F 145 11.17 -15.55 -14.21
C GLU F 145 11.04 -17.05 -14.49
N PHE F 146 11.82 -17.88 -13.81
CA PHE F 146 11.77 -19.36 -13.99
C PHE F 146 10.39 -19.89 -13.57
N LYS F 147 9.81 -19.36 -12.49
CA LYS F 147 8.46 -19.77 -12.03
C LYS F 147 7.40 -19.41 -13.09
N ARG F 148 7.45 -18.17 -13.57
CA ARG F 148 6.52 -17.65 -14.61
C ARG F 148 6.56 -18.57 -15.84
N ILE F 149 7.76 -18.85 -16.35
CA ILE F 149 7.97 -19.64 -17.60
C ILE F 149 7.44 -21.07 -17.40
N THR F 150 7.83 -21.77 -16.34
CA THR F 150 7.44 -23.19 -16.13
C THR F 150 5.92 -23.31 -15.94
N THR F 151 5.34 -22.43 -15.12
CA THR F 151 3.86 -22.36 -14.88
C THR F 151 3.12 -22.08 -16.18
N ASP F 152 3.59 -21.12 -16.97
CA ASP F 152 2.92 -20.70 -18.22
C ASP F 152 2.93 -21.87 -19.21
N LEU F 153 4.10 -22.47 -19.47
CA LEU F 153 4.23 -23.57 -20.47
C LEU F 153 3.48 -24.84 -19.99
N MET F 154 3.39 -25.05 -18.69
CA MET F 154 2.67 -26.24 -18.13
C MET F 154 1.18 -26.19 -18.52
N ALA F 155 0.63 -25.02 -18.79
CA ALA F 155 -0.80 -24.85 -19.17
C ALA F 155 -1.07 -25.56 -20.50
N MET F 156 -0.03 -25.75 -21.32
CA MET F 156 -0.20 -26.21 -22.72
C MET F 156 0.71 -27.42 -23.04
N SER F 157 1.50 -27.92 -22.10
CA SER F 157 2.44 -29.04 -22.37
C SER F 157 2.91 -29.68 -21.06
N GLU F 158 3.25 -30.97 -21.14
CA GLU F 158 3.79 -31.82 -20.06
C GLU F 158 5.32 -31.63 -20.01
N SER F 159 5.92 -31.18 -21.12
CA SER F 159 7.38 -31.18 -21.37
C SER F 159 7.85 -29.81 -21.85
N VAL F 160 9.06 -29.45 -21.46
CA VAL F 160 9.81 -28.25 -21.93
C VAL F 160 11.20 -28.71 -22.40
N THR F 161 11.65 -28.22 -23.55
CA THR F 161 13.05 -28.29 -23.99
C THR F 161 13.77 -27.02 -23.55
N ILE F 162 14.94 -27.18 -22.95
CA ILE F 162 15.84 -26.08 -22.53
C ILE F 162 17.06 -26.14 -23.44
N GLU F 163 17.19 -25.12 -24.29
CA GLU F 163 18.33 -24.88 -25.22
C GLU F 163 19.14 -23.71 -24.66
N ALA F 164 20.47 -23.88 -24.53
CA ALA F 164 21.43 -22.84 -24.12
C ALA F 164 22.54 -22.69 -25.19
N ASN F 165 22.95 -21.45 -25.45
CA ASN F 165 24.13 -21.08 -26.28
C ASN F 165 24.73 -19.78 -25.71
N LYS F 166 25.77 -19.21 -26.30
CA LYS F 166 26.44 -17.98 -25.76
C LYS F 166 25.42 -16.84 -25.69
N ASP F 167 24.54 -16.74 -26.70
CA ASP F 167 23.58 -15.62 -26.90
C ASP F 167 22.48 -15.61 -25.82
N GLY F 168 21.90 -16.77 -25.49
CA GLY F 168 20.75 -16.84 -24.57
C GLY F 168 20.27 -18.26 -24.31
N VAL F 169 19.09 -18.38 -23.71
CA VAL F 169 18.41 -19.67 -23.38
C VAL F 169 16.97 -19.63 -23.91
N LYS F 170 16.52 -20.72 -24.52
CA LYS F 170 15.14 -20.87 -25.05
C LYS F 170 14.47 -22.04 -24.34
N PHE F 171 13.30 -21.78 -23.76
CA PHE F 171 12.35 -22.79 -23.23
C PHE F 171 11.23 -22.91 -24.25
N SER F 172 10.98 -24.11 -24.73
CA SER F 172 9.97 -24.35 -25.80
C SER F 172 9.28 -25.67 -25.52
N CYS F 173 8.07 -25.81 -26.07
CA CYS F 173 7.17 -26.94 -25.79
C CYS F 173 6.25 -27.05 -26.99
N GLN F 174 5.56 -28.17 -27.13
CA GLN F 174 4.42 -28.27 -28.08
C GLN F 174 3.34 -29.09 -27.40
N GLY F 175 2.08 -28.86 -27.76
CA GLY F 175 0.92 -29.52 -27.15
C GLY F 175 -0.22 -29.55 -28.13
N ASP F 176 -1.39 -29.91 -27.63
CA ASP F 176 -2.65 -30.04 -28.40
C ASP F 176 -2.99 -28.69 -29.06
N ILE F 177 -2.79 -27.56 -28.36
CA ILE F 177 -3.24 -26.21 -28.84
C ILE F 177 -2.19 -25.59 -29.78
N GLY F 178 -0.93 -26.07 -29.79
CA GLY F 178 0.13 -25.55 -30.67
C GLY F 178 1.50 -25.53 -30.02
N ASN F 179 2.39 -24.63 -30.46
CA ASN F 179 3.78 -24.50 -29.92
C ASN F 179 3.95 -23.23 -29.08
N GLY F 180 4.82 -23.30 -28.08
CA GLY F 180 5.21 -22.17 -27.21
C GLY F 180 6.72 -22.13 -27.02
N SER F 181 7.31 -20.94 -26.96
CA SER F 181 8.72 -20.75 -26.53
C SER F 181 8.87 -19.45 -25.73
N VAL F 182 9.82 -19.43 -24.79
CA VAL F 182 10.33 -18.17 -24.19
C VAL F 182 11.84 -18.13 -24.41
N THR F 183 12.36 -17.06 -24.99
CA THR F 183 13.79 -16.84 -25.25
C THR F 183 14.29 -15.70 -24.36
N LEU F 184 15.36 -15.95 -23.60
CA LEU F 184 16.03 -14.96 -22.72
C LEU F 184 17.46 -14.74 -23.24
N ARG F 185 17.79 -13.52 -23.61
CA ARG F 185 19.15 -13.10 -24.04
C ARG F 185 20.02 -12.89 -22.80
N GLN F 186 21.28 -13.36 -22.83
CA GLN F 186 22.36 -12.98 -21.88
C GLN F 186 22.27 -11.46 -21.71
N HIS F 187 22.12 -10.95 -20.49
CA HIS F 187 22.14 -9.48 -20.25
C HIS F 187 22.50 -9.21 -18.78
N THR F 188 23.37 -8.22 -18.57
CA THR F 188 23.75 -7.74 -17.23
C THR F 188 22.88 -6.53 -16.91
N ASN F 189 22.10 -6.61 -15.82
CA ASN F 189 21.35 -5.47 -15.23
C ASN F 189 22.25 -4.85 -14.15
N VAL F 190 22.77 -3.65 -14.38
CA VAL F 190 23.72 -2.98 -13.46
C VAL F 190 22.98 -2.59 -12.16
N GLU F 191 21.75 -2.06 -12.25
CA GLU F 191 20.98 -1.51 -11.09
C GLU F 191 20.41 -2.69 -10.29
N LYS F 192 19.82 -3.67 -10.97
CA LYS F 192 19.10 -4.81 -10.34
C LYS F 192 19.77 -6.12 -10.72
N PRO F 193 20.92 -6.46 -10.08
CA PRO F 193 21.73 -7.63 -10.49
C PRO F 193 20.98 -8.97 -10.54
N ASN F 194 20.00 -9.15 -9.67
CA ASN F 194 19.15 -10.38 -9.62
C ASN F 194 18.33 -10.53 -10.91
N GLU F 195 18.09 -9.44 -11.64
CA GLU F 195 17.29 -9.46 -12.91
C GLU F 195 18.19 -9.81 -14.10
N SER F 196 19.50 -9.98 -13.92
CA SER F 196 20.46 -10.36 -14.99
C SER F 196 20.11 -11.75 -15.53
N ILE F 197 20.48 -12.02 -16.78
CA ILE F 197 20.54 -13.40 -17.36
C ILE F 197 22.01 -13.68 -17.66
N GLU F 198 22.66 -14.50 -16.83
CA GLU F 198 24.10 -14.81 -16.99
C GLU F 198 24.21 -16.25 -17.49
N ILE F 199 24.97 -16.46 -18.57
CA ILE F 199 25.15 -17.79 -19.23
C ILE F 199 26.64 -18.09 -19.33
N GLU F 200 27.11 -19.09 -18.58
CA GLU F 200 28.46 -19.68 -18.70
C GLU F 200 28.31 -21.03 -19.41
N LEU F 201 28.94 -21.20 -20.57
CA LEU F 201 28.74 -22.45 -21.35
C LEU F 201 30.02 -22.82 -22.09
N SER F 202 30.49 -24.06 -21.88
CA SER F 202 31.60 -24.67 -22.63
C SER F 202 31.10 -25.13 -24.00
N GLU F 203 29.80 -25.49 -24.13
CA GLU F 203 29.23 -25.95 -25.42
C GLU F 203 27.71 -25.79 -25.41
N PRO F 204 27.07 -25.57 -26.58
CA PRO F 204 25.62 -25.57 -26.68
C PRO F 204 25.05 -26.92 -26.23
N VAL F 205 23.86 -26.88 -25.63
CA VAL F 205 23.24 -28.04 -24.93
C VAL F 205 21.73 -27.85 -24.94
N SER F 206 21.00 -28.93 -25.18
CA SER F 206 19.52 -28.95 -25.31
C SER F 206 18.99 -30.23 -24.67
N LEU F 207 18.12 -30.10 -23.66
CA LEU F 207 17.46 -31.26 -23.01
C LEU F 207 16.00 -30.92 -22.73
N THR F 208 15.22 -31.98 -22.53
CA THR F 208 13.76 -31.98 -22.34
C THR F 208 13.46 -32.52 -20.94
N PHE F 209 12.52 -31.88 -20.23
CA PHE F 209 12.15 -32.18 -18.83
C PHE F 209 10.64 -32.11 -18.65
N SER F 210 10.13 -32.88 -17.68
CA SER F 210 8.74 -32.78 -17.17
C SER F 210 8.53 -31.39 -16.53
N LEU F 211 7.51 -30.67 -17.00
CA LEU F 211 7.11 -29.36 -16.44
C LEU F 211 6.51 -29.56 -15.04
N LYS F 212 5.81 -30.67 -14.78
CA LYS F 212 5.25 -30.98 -13.43
C LYS F 212 6.37 -30.86 -12.39
N TYR F 213 7.54 -31.43 -12.65
CA TYR F 213 8.68 -31.41 -11.68
C TYR F 213 9.23 -29.99 -11.56
N LEU F 214 9.48 -29.33 -12.70
CA LEU F 214 10.10 -27.99 -12.73
C LEU F 214 9.21 -27.01 -11.95
N VAL F 215 7.89 -27.06 -12.17
CA VAL F 215 6.89 -26.19 -11.49
C VAL F 215 7.02 -26.43 -9.97
N ASN F 216 7.08 -27.70 -9.55
CA ASN F 216 7.31 -28.09 -8.13
C ASN F 216 8.60 -27.46 -7.59
N PHE F 217 9.72 -27.54 -8.31
CA PHE F 217 10.98 -26.92 -7.86
C PHE F 217 10.77 -25.41 -7.65
N CYS F 218 9.92 -24.79 -8.46
CA CYS F 218 9.69 -23.32 -8.45
C CYS F 218 8.90 -22.88 -7.21
N LYS F 219 8.40 -23.82 -6.41
CA LYS F 219 7.83 -23.49 -5.07
C LYS F 219 8.97 -23.03 -4.12
N ALA F 220 10.24 -23.17 -4.50
CA ALA F 220 11.39 -22.66 -3.72
C ALA F 220 11.76 -21.21 -4.11
N SER F 221 11.00 -20.58 -5.01
CA SER F 221 11.29 -19.23 -5.57
C SER F 221 11.46 -18.19 -4.47
N ALA F 222 10.75 -18.34 -3.35
CA ALA F 222 10.76 -17.40 -2.21
C ALA F 222 12.06 -17.49 -1.40
N LEU F 223 12.90 -18.51 -1.62
CA LEU F 223 14.14 -18.76 -0.83
C LEU F 223 15.32 -17.93 -1.36
N SER F 224 15.30 -17.58 -2.65
CA SER F 224 16.46 -17.02 -3.37
C SER F 224 15.92 -16.17 -4.53
N ASN F 225 16.48 -14.99 -4.73
CA ASN F 225 16.04 -14.06 -5.82
C ASN F 225 16.50 -14.59 -7.17
N THR F 226 17.54 -15.43 -7.20
CA THR F 226 18.07 -16.01 -8.45
C THR F 226 18.07 -17.53 -8.35
N VAL F 227 18.12 -18.18 -9.50
CA VAL F 227 18.13 -19.66 -9.64
C VAL F 227 19.19 -19.98 -10.69
N LYS F 228 19.99 -21.03 -10.43
CA LYS F 228 21.07 -21.50 -11.31
C LYS F 228 20.60 -22.81 -11.93
N ILE F 229 20.42 -22.83 -13.25
CA ILE F 229 20.00 -24.01 -14.04
C ILE F 229 21.23 -24.53 -14.80
N CYS F 230 21.63 -25.75 -14.51
CA CYS F 230 22.91 -26.36 -14.98
C CYS F 230 22.61 -27.58 -15.84
N LEU F 231 23.14 -27.60 -17.05
CA LEU F 231 22.75 -28.55 -18.12
C LEU F 231 23.99 -29.27 -18.63
N SER F 232 23.81 -30.54 -18.93
CA SER F 232 24.84 -31.44 -19.50
C SER F 232 24.15 -32.62 -20.17
N ASN F 233 24.61 -33.02 -21.34
CA ASN F 233 24.14 -34.25 -22.02
C ASN F 233 24.32 -35.45 -21.08
N GLU F 234 25.42 -35.53 -20.32
CA GLU F 234 25.80 -36.75 -19.55
C GLU F 234 24.99 -36.85 -18.25
N VAL F 235 24.67 -35.75 -17.56
CA VAL F 235 24.21 -35.80 -16.14
C VAL F 235 22.82 -35.17 -16.01
N PRO F 236 22.11 -35.42 -14.89
CA PRO F 236 20.81 -34.79 -14.65
C PRO F 236 20.90 -33.27 -14.51
N LEU F 237 19.79 -32.60 -14.77
CA LEU F 237 19.61 -31.14 -14.59
C LEU F 237 19.84 -30.82 -13.11
N LEU F 238 20.66 -29.81 -12.83
CA LEU F 238 20.74 -29.18 -11.49
C LEU F 238 19.97 -27.85 -11.54
N VAL F 239 18.94 -27.73 -10.72
CA VAL F 239 18.25 -26.43 -10.41
C VAL F 239 18.62 -26.07 -8.97
N GLU F 240 19.45 -25.03 -8.82
CA GLU F 240 20.07 -24.65 -7.53
C GLU F 240 19.52 -23.29 -7.08
N TYR F 241 18.98 -23.25 -5.86
CA TYR F 241 18.61 -22.02 -5.11
C TYR F 241 19.69 -21.81 -4.06
N SER F 242 20.72 -21.04 -4.41
CA SER F 242 21.87 -20.72 -3.54
C SER F 242 21.39 -19.76 -2.46
N LEU F 243 21.81 -20.01 -1.22
CA LEU F 243 21.41 -19.24 -0.02
C LEU F 243 22.64 -18.49 0.54
N GLY F 244 22.43 -17.74 1.62
CA GLY F 244 23.51 -17.05 2.35
C GLY F 244 24.64 -18.01 2.66
N GLY F 245 25.88 -17.52 2.60
CA GLY F 245 27.10 -18.34 2.73
C GLY F 245 27.07 -19.47 1.72
N SER F 246 27.48 -20.67 2.14
CA SER F 246 27.55 -21.87 1.26
C SER F 246 26.39 -22.84 1.53
N SER F 247 25.30 -22.38 2.15
CA SER F 247 24.03 -23.15 2.29
C SER F 247 23.33 -23.17 0.92
N TYR F 248 22.50 -24.18 0.66
CA TYR F 248 21.79 -24.31 -0.64
C TYR F 248 20.60 -25.27 -0.56
N LEU F 249 19.64 -25.03 -1.45
CA LEU F 249 18.59 -26.00 -1.81
C LEU F 249 18.79 -26.37 -3.27
N ARG F 250 18.99 -27.64 -3.56
CA ARG F 250 19.27 -28.12 -4.95
C ARG F 250 18.26 -29.20 -5.32
N PHE F 251 17.77 -29.12 -6.55
CA PHE F 251 16.86 -30.09 -7.18
C PHE F 251 17.59 -30.69 -8.36
N TYR F 252 17.60 -32.01 -8.46
CA TYR F 252 18.20 -32.74 -9.61
C TYR F 252 17.07 -33.47 -10.33
N LEU F 253 17.05 -33.38 -11.66
CA LEU F 253 15.91 -33.92 -12.45
C LEU F 253 16.45 -34.69 -13.64
N ALA F 254 16.09 -35.97 -13.71
CA ALA F 254 16.38 -36.87 -14.85
C ALA F 254 15.68 -36.29 -16.08
N PRO F 255 16.34 -36.25 -17.26
CA PRO F 255 15.71 -35.72 -18.47
C PRO F 255 14.81 -36.73 -19.20
N LYS F 256 14.01 -36.26 -20.15
CA LYS F 256 13.28 -37.12 -21.13
C LYS F 256 14.19 -37.30 -22.35
N ILE F 257 14.24 -38.51 -22.91
CA ILE F 257 15.28 -38.95 -23.90
C ILE F 257 14.62 -39.67 -25.08
N LYS G 1 12.59 37.12 -28.04
CA LYS G 1 11.17 36.78 -27.75
C LYS G 1 10.78 37.42 -26.41
N HIS G 2 10.16 38.61 -26.45
CA HIS G 2 9.60 39.31 -25.25
C HIS G 2 8.15 38.89 -25.02
N GLN G 3 7.69 38.96 -23.77
CA GLN G 3 6.35 38.50 -23.31
C GLN G 3 5.27 39.52 -23.71
N SER G 4 4.37 39.15 -24.61
CA SER G 4 3.18 39.96 -24.96
C SER G 4 2.14 39.88 -23.83
N THR G 5 1.06 40.67 -23.92
CA THR G 5 -0.08 40.65 -22.98
C THR G 5 -1.30 40.13 -23.74
N LEU G 6 -2.31 39.61 -23.03
CA LEU G 6 -3.51 38.96 -23.63
C LEU G 6 -4.14 39.88 -24.68
N ASN G 7 -4.60 39.29 -25.80
CA ASN G 7 -5.32 39.96 -26.90
C ASN G 7 -6.32 38.97 -27.51
N PHE G 8 -7.62 39.16 -27.21
CA PHE G 8 -8.75 38.28 -27.64
C PHE G 8 -9.47 38.91 -28.82
N LYS H 1 -9.14 37.21 26.41
CA LYS H 1 -8.52 38.48 25.91
C LYS H 1 -7.00 38.43 26.12
N HIS H 2 -6.54 37.97 27.29
CA HIS H 2 -5.08 37.86 27.62
C HIS H 2 -4.77 36.54 28.35
N GLN H 3 -3.50 36.11 28.24
CA GLN H 3 -2.98 34.78 28.64
C GLN H 3 -2.71 34.76 30.16
N SER H 4 -3.50 34.00 30.92
CA SER H 4 -3.23 33.72 32.35
C SER H 4 -2.01 32.79 32.45
N THR H 5 -1.36 32.76 33.61
CA THR H 5 -0.28 31.80 33.95
C THR H 5 -0.92 30.62 34.69
N LEU H 6 -0.16 29.55 34.94
CA LEU H 6 -0.70 28.29 35.53
C LEU H 6 -0.97 28.51 37.02
N ASN H 7 -2.16 28.09 37.47
CA ASN H 7 -2.71 28.30 38.83
C ASN H 7 -3.44 27.02 39.26
N PHE H 8 -2.82 26.19 40.11
CA PHE H 8 -3.39 24.93 40.64
C PHE H 8 -3.88 25.15 42.08
N LYS I 1 -11.89 -37.42 28.16
CA LYS I 1 -12.51 -36.25 27.47
C LYS I 1 -13.82 -36.66 26.78
N HIS I 2 -14.82 -35.77 26.81
CA HIS I 2 -16.08 -35.82 26.03
C HIS I 2 -16.78 -34.46 26.16
N GLN I 3 -17.48 -34.03 25.10
CA GLN I 3 -18.16 -32.71 25.04
C GLN I 3 -19.37 -32.68 25.99
N SER I 4 -19.26 -31.96 27.11
CA SER I 4 -20.42 -31.55 27.95
C SER I 4 -21.29 -30.55 27.17
N THR I 5 -22.57 -30.43 27.52
CA THR I 5 -23.49 -29.38 26.99
C THR I 5 -23.49 -28.19 27.96
N LEU I 6 -24.05 -27.06 27.53
CA LEU I 6 -24.11 -25.79 28.32
C LEU I 6 -24.95 -26.01 29.57
N ASN I 7 -24.33 -25.87 30.74
CA ASN I 7 -24.98 -25.94 32.08
C ASN I 7 -24.47 -24.75 32.90
N PHE I 8 -25.31 -23.73 33.05
CA PHE I 8 -24.99 -22.42 33.68
C PHE I 8 -25.26 -22.49 35.19
N HIS J 2 10.69 -40.10 -23.88
CA HIS J 2 10.18 -40.71 -22.60
C HIS J 2 11.09 -40.31 -21.43
N GLN J 3 10.57 -40.37 -20.20
CA GLN J 3 11.25 -39.88 -18.97
C GLN J 3 12.28 -40.92 -18.51
N SER J 4 13.51 -40.47 -18.21
CA SER J 4 14.62 -41.28 -17.64
C SER J 4 14.69 -41.09 -16.12
N THR J 5 15.61 -41.78 -15.46
CA THR J 5 15.89 -41.66 -14.00
C THR J 5 17.30 -41.08 -13.84
N LEU J 6 17.73 -40.80 -12.60
CA LEU J 6 18.98 -40.06 -12.28
C LEU J 6 20.20 -40.95 -12.52
N ASN J 7 21.06 -40.58 -13.48
CA ASN J 7 22.36 -41.25 -13.77
C ASN J 7 23.52 -40.34 -13.33
N PHE J 8 23.97 -40.49 -12.08
CA PHE J 8 25.16 -39.79 -11.50
C PHE J 8 26.40 -40.70 -11.66
#